data_6BGH
#
_entry.id   6BGH
#
loop_
_entity.id
_entity.type
_entity.pdbx_description
1 polymer 'Bromodomain-containing protein 3'
2 polymer Brd3_ET
#
loop_
_entity_poly.entity_id
_entity_poly.type
_entity_poly.pdbx_seq_one_letter_code
_entity_poly.pdbx_strand_id
1 'polypeptide(L)'
;ASASYDSEEEEEGLPMSYDEKRQLSLDINRLPGEKLGRVVHIIQSREPSLRDSNPDEIEIDFETLKPTTLRELERYVKSC
LQKKQRK
;
A
2 'polypeptide(L)' RSVKVKIKLGRK B
#
# COMPACT_ATOMS: atom_id res chain seq x y z
N ALA A 1 -18.56 22.55 -9.92
CA ALA A 1 -17.96 22.80 -8.61
C ALA A 1 -16.68 22.00 -8.48
N SER A 2 -16.47 21.11 -9.44
CA SER A 2 -15.31 20.23 -9.47
C SER A 2 -14.00 21.02 -9.45
N ALA A 3 -13.94 22.09 -10.24
CA ALA A 3 -12.75 22.93 -10.35
C ALA A 3 -12.44 23.66 -9.03
N SER A 4 -13.47 23.89 -8.25
CA SER A 4 -13.35 24.57 -6.98
C SER A 4 -13.21 23.58 -5.83
N TYR A 5 -13.33 22.30 -6.16
CA TYR A 5 -13.26 21.28 -5.16
C TYR A 5 -11.82 20.83 -5.04
N ASP A 6 -11.21 20.60 -6.19
CA ASP A 6 -9.80 20.23 -6.29
C ASP A 6 -9.47 20.14 -7.77
N SER A 7 -8.35 19.59 -8.07
CA SER A 7 -7.94 19.37 -9.43
C SER A 7 -7.15 18.08 -9.52
N GLU A 8 -6.33 17.81 -8.49
CA GLU A 8 -5.50 16.62 -8.37
C GLU A 8 -4.71 16.26 -9.64
N GLU A 9 -3.50 16.76 -9.72
CA GLU A 9 -2.62 16.43 -10.82
C GLU A 9 -2.01 15.06 -10.54
N GLU A 10 -2.77 14.06 -10.84
CA GLU A 10 -2.44 12.71 -10.50
C GLU A 10 -2.02 11.91 -11.74
N GLU A 11 -0.89 11.28 -11.63
CA GLU A 11 -0.33 10.50 -12.72
C GLU A 11 -0.60 9.03 -12.49
N GLU A 12 -1.12 8.37 -13.49
CA GLU A 12 -1.44 6.96 -13.38
C GLU A 12 -0.36 6.10 -14.02
N GLY A 13 0.56 6.74 -14.67
CA GLY A 13 1.59 6.02 -15.39
C GLY A 13 2.95 6.23 -14.81
N LEU A 14 3.00 6.58 -13.55
CA LEU A 14 4.26 6.82 -12.89
C LEU A 14 5.06 5.52 -12.70
N PRO A 15 6.40 5.57 -12.91
CA PRO A 15 7.27 4.41 -12.77
C PRO A 15 7.53 4.08 -11.31
N MET A 16 7.91 2.82 -11.05
CA MET A 16 8.16 2.36 -9.69
C MET A 16 9.22 3.22 -9.00
N SER A 17 8.79 3.90 -8.00
CA SER A 17 9.61 4.81 -7.26
C SER A 17 9.32 4.59 -5.78
N TYR A 18 10.26 4.92 -4.94
CA TYR A 18 10.04 4.72 -3.52
C TYR A 18 9.01 5.69 -2.99
N ASP A 19 8.99 6.88 -3.58
CA ASP A 19 8.03 7.93 -3.18
C ASP A 19 6.61 7.51 -3.54
N GLU A 20 6.48 6.85 -4.70
CA GLU A 20 5.28 6.33 -5.20
C GLU A 20 4.70 5.32 -4.23
N LYS A 21 5.52 4.35 -3.87
CA LYS A 21 5.14 3.26 -3.00
C LYS A 21 4.87 3.77 -1.62
N ARG A 22 5.64 4.72 -1.24
CA ARG A 22 5.57 5.27 0.04
C ARG A 22 4.38 6.18 0.25
N GLN A 23 3.84 6.76 -0.81
CA GLN A 23 2.62 7.57 -0.70
C GLN A 23 1.53 6.73 -0.02
N LEU A 24 1.49 5.47 -0.36
CA LEU A 24 0.55 4.52 0.19
C LEU A 24 0.91 4.17 1.66
N SER A 25 2.19 4.35 2.02
CA SER A 25 2.66 4.11 3.38
C SER A 25 1.94 5.08 4.31
N LEU A 26 1.79 6.31 3.83
CA LEU A 26 1.13 7.34 4.58
C LEU A 26 -0.36 7.08 4.69
N ASP A 27 -0.97 6.43 3.69
CA ASP A 27 -2.40 6.10 3.77
C ASP A 27 -2.65 5.06 4.82
N ILE A 28 -1.88 3.97 4.78
CA ILE A 28 -2.01 2.91 5.77
C ILE A 28 -1.73 3.46 7.19
N ASN A 29 -0.78 4.37 7.27
CA ASN A 29 -0.40 5.03 8.52
C ASN A 29 -1.58 5.85 9.10
N ARG A 30 -2.45 6.36 8.23
CA ARG A 30 -3.60 7.16 8.65
C ARG A 30 -4.75 6.29 9.09
N LEU A 31 -4.78 5.07 8.64
CA LEU A 31 -5.86 4.17 8.91
C LEU A 31 -5.80 3.59 10.34
N PRO A 32 -6.97 3.43 11.00
CA PRO A 32 -7.06 2.89 12.37
C PRO A 32 -6.81 1.37 12.46
N GLY A 33 -6.74 0.89 13.71
CA GLY A 33 -6.47 -0.52 14.03
C GLY A 33 -7.33 -1.52 13.30
N GLU A 34 -8.61 -1.22 13.18
CA GLU A 34 -9.53 -2.10 12.48
C GLU A 34 -9.20 -2.16 10.99
N LYS A 35 -8.83 -1.04 10.43
CA LYS A 35 -8.59 -0.94 9.02
C LYS A 35 -7.28 -1.59 8.64
N LEU A 36 -6.22 -1.35 9.45
CA LEU A 36 -4.87 -1.87 9.16
C LEU A 36 -4.88 -3.39 9.04
N GLY A 37 -5.60 -4.04 9.94
CA GLY A 37 -5.68 -5.48 9.95
C GLY A 37 -6.42 -6.01 8.76
N ARG A 38 -7.44 -5.31 8.36
CA ARG A 38 -8.25 -5.73 7.23
C ARG A 38 -7.49 -5.58 5.93
N VAL A 39 -6.96 -4.40 5.72
CA VAL A 39 -6.27 -4.06 4.49
C VAL A 39 -5.05 -4.89 4.27
N VAL A 40 -4.29 -5.12 5.33
CA VAL A 40 -3.08 -5.86 5.23
C VAL A 40 -3.40 -7.26 4.70
N HIS A 41 -4.54 -7.77 5.06
CA HIS A 41 -4.94 -9.11 4.62
C HIS A 41 -5.37 -9.10 3.15
N ILE A 42 -6.00 -8.02 2.70
CA ILE A 42 -6.42 -7.89 1.29
C ILE A 42 -5.20 -7.72 0.40
N ILE A 43 -4.28 -6.88 0.81
CA ILE A 43 -3.07 -6.62 0.03
C ILE A 43 -2.21 -7.89 -0.07
N GLN A 44 -2.01 -8.52 1.06
CA GLN A 44 -1.19 -9.71 1.18
C GLN A 44 -1.85 -10.93 0.66
N SER A 45 -3.10 -10.80 0.28
CA SER A 45 -3.78 -11.90 -0.27
C SER A 45 -3.26 -12.15 -1.71
N ARG A 46 -2.48 -11.20 -2.21
CA ARG A 46 -1.92 -11.26 -3.55
C ARG A 46 -0.50 -11.79 -3.53
N GLU A 47 0.40 -11.08 -2.85
CA GLU A 47 1.81 -11.47 -2.82
C GLU A 47 2.10 -12.49 -1.72
N PRO A 48 2.95 -13.49 -1.98
CA PRO A 48 3.40 -14.46 -0.94
C PRO A 48 4.54 -13.86 -0.10
N SER A 49 5.20 -12.88 -0.71
CA SER A 49 6.31 -12.09 -0.17
C SER A 49 5.77 -10.98 0.74
N LEU A 50 4.46 -11.05 0.94
CA LEU A 50 3.59 -9.99 1.38
C LEU A 50 4.09 -8.98 2.45
N ARG A 51 4.15 -9.29 3.73
CA ARG A 51 4.76 -8.29 4.57
C ARG A 51 6.24 -8.56 4.67
N ASP A 52 6.54 -9.78 5.07
CA ASP A 52 7.88 -10.33 5.04
C ASP A 52 7.70 -11.80 4.84
N SER A 53 6.75 -12.31 5.67
CA SER A 53 6.21 -13.67 5.76
C SER A 53 5.47 -13.77 7.10
N ASN A 54 6.13 -13.26 8.15
CA ASN A 54 5.61 -13.23 9.54
C ASN A 54 4.31 -12.44 9.64
N PRO A 55 3.21 -13.07 10.08
CA PRO A 55 1.90 -12.44 10.19
C PRO A 55 1.64 -11.76 11.55
N ASP A 56 2.58 -11.82 12.47
CA ASP A 56 2.35 -11.28 13.82
C ASP A 56 2.42 -9.75 13.84
N GLU A 57 3.45 -9.20 13.25
CA GLU A 57 3.56 -7.75 13.14
C GLU A 57 3.18 -7.33 11.75
N ILE A 58 2.94 -6.05 11.56
CA ILE A 58 2.55 -5.53 10.26
C ILE A 58 3.64 -4.64 9.71
N GLU A 59 4.43 -5.13 8.79
CA GLU A 59 5.37 -4.30 8.10
C GLU A 59 5.35 -4.47 6.61
N ILE A 60 4.78 -3.47 6.02
CA ILE A 60 4.50 -3.38 4.61
C ILE A 60 5.76 -3.33 3.71
N ASP A 61 6.03 -4.42 3.07
CA ASP A 61 7.20 -4.65 2.15
C ASP A 61 7.30 -3.75 0.92
N PHE A 62 6.35 -2.86 0.75
CA PHE A 62 6.08 -2.11 -0.49
C PHE A 62 7.28 -1.48 -1.15
N GLU A 63 8.36 -1.20 -0.45
CA GLU A 63 9.60 -0.75 -1.10
C GLU A 63 10.01 -1.78 -2.18
N THR A 64 10.05 -3.03 -1.75
CA THR A 64 10.50 -4.14 -2.55
C THR A 64 9.32 -4.85 -3.20
N LEU A 65 8.13 -4.55 -2.74
CA LEU A 65 6.93 -5.20 -3.25
C LEU A 65 6.51 -4.56 -4.56
N LYS A 66 5.77 -5.32 -5.35
CA LYS A 66 5.36 -4.95 -6.70
C LYS A 66 4.39 -3.77 -6.74
N PRO A 67 4.51 -2.88 -7.76
CA PRO A 67 3.60 -1.74 -7.95
C PRO A 67 2.17 -2.21 -8.26
N THR A 68 2.05 -3.41 -8.78
CA THR A 68 0.76 -4.00 -9.07
C THR A 68 0.01 -4.24 -7.75
N THR A 69 0.73 -4.71 -6.74
CA THR A 69 0.16 -4.97 -5.45
C THR A 69 -0.02 -3.63 -4.69
N LEU A 70 0.83 -2.67 -5.02
CA LEU A 70 0.78 -1.31 -4.50
C LEU A 70 -0.59 -0.67 -4.78
N ARG A 71 -1.06 -0.85 -5.99
CA ARG A 71 -2.31 -0.28 -6.44
C ARG A 71 -3.52 -0.84 -5.68
N GLU A 72 -3.36 -2.05 -5.14
CA GLU A 72 -4.43 -2.68 -4.35
C GLU A 72 -4.73 -1.81 -3.11
N LEU A 73 -3.68 -1.28 -2.49
CA LEU A 73 -3.83 -0.44 -1.32
C LEU A 73 -4.49 0.87 -1.72
N GLU A 74 -4.13 1.38 -2.89
CA GLU A 74 -4.71 2.60 -3.44
C GLU A 74 -6.24 2.45 -3.55
N ARG A 75 -6.67 1.32 -4.09
CA ARG A 75 -8.09 0.98 -4.26
C ARG A 75 -8.79 1.00 -2.92
N TYR A 76 -8.15 0.36 -1.94
CA TYR A 76 -8.67 0.24 -0.61
C TYR A 76 -8.85 1.60 0.01
N VAL A 77 -7.83 2.43 -0.06
CA VAL A 77 -7.85 3.74 0.57
C VAL A 77 -8.93 4.61 -0.05
N LYS A 78 -9.04 4.54 -1.37
CA LYS A 78 -10.04 5.29 -2.10
C LYS A 78 -11.43 4.83 -1.66
N SER A 79 -11.54 3.55 -1.38
CA SER A 79 -12.75 2.98 -0.87
C SER A 79 -13.00 3.46 0.56
N CYS A 80 -11.95 3.42 1.42
CA CYS A 80 -12.07 3.83 2.81
C CYS A 80 -12.52 5.28 2.95
N LEU A 81 -12.05 6.13 2.05
CA LEU A 81 -12.40 7.56 2.10
C LEU A 81 -13.89 7.78 1.81
N GLN A 82 -14.45 6.97 0.94
CA GLN A 82 -15.84 7.13 0.55
C GLN A 82 -16.75 6.20 1.36
N LYS A 83 -16.17 5.29 2.09
CA LYS A 83 -16.94 4.34 2.86
C LYS A 83 -16.59 4.46 4.34
N LYS A 84 -16.13 5.64 4.72
CA LYS A 84 -15.81 5.94 6.12
C LYS A 84 -17.12 6.03 6.92
N GLN A 85 -18.20 6.25 6.19
CA GLN A 85 -19.52 6.29 6.74
C GLN A 85 -19.95 4.86 7.07
N ARG A 86 -19.89 4.53 8.33
CA ARG A 86 -20.31 3.23 8.80
C ARG A 86 -21.77 3.24 9.16
N LYS A 87 -22.30 2.08 9.49
CA LYS A 87 -23.66 1.95 9.89
C LYS A 87 -23.75 1.03 11.12
N ARG B 1 14.90 -1.57 1.72
CA ARG B 1 15.63 -1.33 0.48
C ARG B 1 16.24 0.08 0.47
N SER B 2 15.43 1.10 0.65
CA SER B 2 15.92 2.45 0.59
C SER B 2 15.09 3.33 1.53
N VAL B 3 13.96 3.80 1.06
CA VAL B 3 13.06 4.59 1.86
C VAL B 3 11.91 3.67 2.24
N LYS B 4 11.87 3.31 3.49
CA LYS B 4 11.05 2.20 3.98
C LYS B 4 9.56 2.50 3.99
N VAL B 5 8.83 1.65 3.32
CA VAL B 5 7.40 1.68 3.33
C VAL B 5 6.92 0.58 4.30
N LYS B 6 7.91 -0.07 4.96
CA LYS B 6 7.67 -1.13 5.97
C LYS B 6 6.94 -0.52 7.15
N ILE B 7 5.63 -0.45 6.99
CA ILE B 7 4.73 0.31 7.84
C ILE B 7 4.95 0.21 9.38
N LYS B 8 4.78 -0.99 9.95
CA LYS B 8 4.70 -1.20 11.37
C LYS B 8 3.76 -0.24 12.04
N LEU B 9 2.47 -0.53 11.78
CA LEU B 9 1.34 0.26 12.21
C LEU B 9 1.45 0.48 13.69
N GLY B 10 1.79 1.69 14.05
CA GLY B 10 2.04 2.06 15.41
C GLY B 10 0.79 2.25 16.21
N ARG B 11 0.00 1.21 16.30
CA ARG B 11 -1.18 1.23 17.12
C ARG B 11 -0.72 1.02 18.56
N LYS B 12 0.29 0.18 18.70
CA LYS B 12 0.89 -0.15 19.97
C LYS B 12 2.18 -0.91 19.72
N ALA A 1 18.30 -11.03 -19.14
CA ALA A 1 17.08 -10.31 -19.47
C ALA A 1 16.76 -10.48 -20.94
N SER A 2 17.68 -11.09 -21.64
CA SER A 2 17.56 -11.27 -23.07
C SER A 2 16.78 -12.55 -23.44
N ALA A 3 16.57 -13.46 -22.46
CA ALA A 3 15.87 -14.73 -22.74
C ALA A 3 14.43 -14.48 -23.16
N SER A 4 13.69 -13.77 -22.32
CA SER A 4 12.33 -13.41 -22.64
C SER A 4 12.36 -12.08 -23.39
N TYR A 5 13.54 -11.45 -23.37
CA TYR A 5 13.79 -10.13 -23.84
C TYR A 5 12.83 -9.14 -23.19
N ASP A 6 13.24 -8.68 -22.05
CA ASP A 6 12.40 -7.82 -21.26
C ASP A 6 12.87 -6.38 -21.37
N SER A 7 11.95 -5.49 -21.62
CA SER A 7 12.28 -4.11 -21.85
C SER A 7 12.14 -3.25 -20.58
N GLU A 8 11.66 -3.87 -19.50
CA GLU A 8 11.45 -3.20 -18.22
C GLU A 8 10.53 -2.00 -18.31
N GLU A 9 9.29 -2.27 -18.59
CA GLU A 9 8.31 -1.22 -18.68
C GLU A 9 7.71 -1.00 -17.31
N GLU A 10 7.27 0.19 -17.05
CA GLU A 10 6.56 0.47 -15.84
C GLU A 10 5.12 0.67 -16.24
N GLU A 11 4.30 -0.25 -15.83
CA GLU A 11 2.92 -0.36 -16.28
C GLU A 11 2.02 0.84 -15.95
N GLU A 12 0.88 0.86 -16.67
CA GLU A 12 -0.16 1.89 -16.65
C GLU A 12 0.34 3.32 -16.93
N GLY A 13 -0.60 4.26 -16.97
CA GLY A 13 -0.29 5.62 -17.34
C GLY A 13 0.19 6.43 -16.18
N LEU A 14 -0.03 5.93 -14.99
CA LEU A 14 0.39 6.61 -13.81
C LEU A 14 1.83 6.22 -13.50
N PRO A 15 2.73 7.19 -13.31
CA PRO A 15 4.12 6.89 -13.02
C PRO A 15 4.26 6.29 -11.62
N MET A 16 5.26 5.49 -11.47
CA MET A 16 5.48 4.80 -10.23
C MET A 16 6.87 5.11 -9.71
N SER A 17 6.92 5.89 -8.70
CA SER A 17 8.16 6.30 -8.12
C SER A 17 8.30 5.68 -6.73
N TYR A 18 9.44 5.93 -6.07
CA TYR A 18 9.59 5.52 -4.67
C TYR A 18 8.69 6.40 -3.81
N ASP A 19 8.42 7.59 -4.32
CA ASP A 19 7.49 8.52 -3.70
C ASP A 19 6.09 7.92 -3.71
N GLU A 20 5.69 7.38 -4.85
CA GLU A 20 4.39 6.71 -4.98
C GLU A 20 4.23 5.58 -3.99
N LYS A 21 5.29 4.83 -3.77
CA LYS A 21 5.29 3.72 -2.82
C LYS A 21 5.07 4.25 -1.42
N ARG A 22 5.81 5.26 -1.11
CA ARG A 22 5.85 5.77 0.21
C ARG A 22 4.69 6.68 0.54
N GLN A 23 4.14 7.32 -0.43
CA GLN A 23 2.95 8.15 -0.25
C GLN A 23 1.85 7.27 0.39
N LEU A 24 1.82 6.03 -0.02
CA LEU A 24 0.90 5.04 0.50
C LEU A 24 1.31 4.55 1.89
N SER A 25 2.62 4.68 2.21
CA SER A 25 3.16 4.34 3.54
C SER A 25 2.45 5.26 4.55
N LEU A 26 2.28 6.51 4.14
CA LEU A 26 1.64 7.52 4.93
C LEU A 26 0.14 7.26 5.04
N ASP A 27 -0.48 6.80 3.93
CA ASP A 27 -1.93 6.48 3.92
C ASP A 27 -2.28 5.45 4.95
N ILE A 28 -1.57 4.34 4.93
CA ILE A 28 -1.81 3.28 5.89
C ILE A 28 -1.63 3.78 7.34
N ASN A 29 -0.63 4.63 7.56
CA ASN A 29 -0.38 5.17 8.90
C ASN A 29 -1.53 6.11 9.35
N ARG A 30 -2.32 6.56 8.41
CA ARG A 30 -3.45 7.43 8.68
C ARG A 30 -4.73 6.65 8.98
N LEU A 31 -4.77 5.39 8.63
CA LEU A 31 -5.91 4.54 8.93
C LEU A 31 -5.88 4.01 10.37
N PRO A 32 -7.08 3.75 10.97
CA PRO A 32 -7.20 3.25 12.34
C PRO A 32 -6.64 1.82 12.53
N GLY A 33 -6.40 1.47 13.79
CA GLY A 33 -5.80 0.22 14.17
C GLY A 33 -6.52 -1.01 13.68
N GLU A 34 -7.83 -0.95 13.69
CA GLU A 34 -8.65 -2.06 13.25
C GLU A 34 -8.47 -2.34 11.75
N LYS A 35 -8.07 -1.33 11.01
CA LYS A 35 -7.94 -1.47 9.59
C LYS A 35 -6.52 -1.70 9.12
N LEU A 36 -5.54 -1.27 9.92
CA LEU A 36 -4.15 -1.51 9.61
C LEU A 36 -3.86 -3.03 9.51
N GLY A 37 -4.52 -3.80 10.36
CA GLY A 37 -4.38 -5.23 10.29
C GLY A 37 -5.09 -5.80 9.08
N ARG A 38 -6.25 -5.22 8.76
CA ARG A 38 -7.11 -5.68 7.66
C ARG A 38 -6.39 -5.62 6.34
N VAL A 39 -5.80 -4.48 6.07
CA VAL A 39 -5.08 -4.26 4.81
C VAL A 39 -3.97 -5.29 4.62
N VAL A 40 -3.32 -5.64 5.71
CA VAL A 40 -2.25 -6.60 5.69
C VAL A 40 -2.75 -7.98 5.24
N HIS A 41 -4.02 -8.25 5.45
CA HIS A 41 -4.59 -9.52 4.99
C HIS A 41 -4.78 -9.48 3.47
N ILE A 42 -5.39 -8.38 3.00
CA ILE A 42 -5.73 -8.22 1.59
C ILE A 42 -4.48 -8.17 0.73
N ILE A 43 -3.56 -7.29 1.08
CA ILE A 43 -2.34 -7.10 0.28
C ILE A 43 -1.49 -8.39 0.26
N GLN A 44 -1.58 -9.15 1.34
CA GLN A 44 -0.80 -10.36 1.51
C GLN A 44 -1.40 -11.54 0.73
N SER A 45 -2.58 -11.34 0.21
CA SER A 45 -3.22 -12.37 -0.56
C SER A 45 -2.64 -12.38 -2.00
N ARG A 46 -1.86 -11.36 -2.33
CA ARG A 46 -1.28 -11.26 -3.66
C ARG A 46 0.20 -11.66 -3.67
N GLU A 47 0.98 -11.13 -2.76
CA GLU A 47 2.41 -11.43 -2.74
C GLU A 47 2.75 -12.51 -1.73
N PRO A 48 3.47 -13.56 -2.15
CA PRO A 48 3.90 -14.61 -1.25
C PRO A 48 5.16 -14.24 -0.45
N SER A 49 5.82 -13.19 -0.90
CA SER A 49 7.09 -12.77 -0.35
C SER A 49 7.00 -12.28 1.13
N LEU A 50 5.96 -11.53 1.48
CA LEU A 50 5.85 -11.00 2.85
C LEU A 50 5.12 -11.96 3.75
N ARG A 51 4.72 -13.10 3.20
CA ARG A 51 3.87 -14.04 3.90
C ARG A 51 4.52 -14.75 5.05
N ASP A 52 5.79 -14.50 5.28
CA ASP A 52 6.45 -15.05 6.44
C ASP A 52 5.94 -14.33 7.68
N SER A 53 5.55 -13.09 7.52
CA SER A 53 5.00 -12.32 8.58
C SER A 53 3.48 -12.49 8.51
N ASN A 54 2.94 -13.17 9.51
CA ASN A 54 1.51 -13.45 9.61
C ASN A 54 0.73 -12.15 9.73
N PRO A 55 -0.47 -12.04 9.06
CA PRO A 55 -1.34 -10.83 9.03
C PRO A 55 -1.73 -10.24 10.42
N ASP A 56 -1.31 -10.92 11.46
CA ASP A 56 -1.49 -10.42 12.83
C ASP A 56 -0.58 -9.21 13.02
N GLU A 57 0.51 -9.19 12.28
CA GLU A 57 1.46 -8.12 12.29
C GLU A 57 1.12 -7.16 11.13
N ILE A 58 1.91 -6.13 10.95
CA ILE A 58 1.69 -5.21 9.85
C ILE A 58 2.99 -4.70 9.29
N GLU A 59 3.35 -5.20 8.15
CA GLU A 59 4.51 -4.73 7.51
C GLU A 59 4.36 -4.66 6.02
N ILE A 60 4.71 -3.52 5.53
CA ILE A 60 4.46 -3.15 4.14
C ILE A 60 5.73 -2.94 3.34
N ASP A 61 6.17 -4.01 2.77
CA ASP A 61 7.39 -4.21 1.95
C ASP A 61 7.70 -3.25 0.78
N PHE A 62 6.84 -2.27 0.56
CA PHE A 62 6.73 -1.43 -0.66
C PHE A 62 8.02 -0.82 -1.21
N GLU A 63 9.09 -0.72 -0.47
CA GLU A 63 10.35 -0.31 -1.10
C GLU A 63 10.77 -1.38 -2.13
N THR A 64 10.69 -2.62 -1.70
CA THR A 64 11.12 -3.74 -2.49
C THR A 64 9.93 -4.38 -3.21
N LEU A 65 8.76 -4.28 -2.60
CA LEU A 65 7.54 -4.92 -3.09
C LEU A 65 7.15 -4.36 -4.46
N LYS A 66 6.53 -5.20 -5.26
CA LYS A 66 6.16 -4.89 -6.62
C LYS A 66 5.10 -3.78 -6.74
N PRO A 67 5.16 -2.98 -7.85
CA PRO A 67 4.15 -1.95 -8.15
C PRO A 67 2.77 -2.56 -8.36
N THR A 68 2.79 -3.83 -8.67
CA THR A 68 1.62 -4.65 -8.83
C THR A 68 0.80 -4.63 -7.54
N THR A 69 1.49 -4.85 -6.45
CA THR A 69 0.91 -4.91 -5.14
C THR A 69 0.64 -3.48 -4.63
N LEU A 70 1.44 -2.55 -5.12
CA LEU A 70 1.29 -1.11 -4.85
C LEU A 70 -0.11 -0.65 -5.23
N ARG A 71 -0.60 -1.16 -6.34
CA ARG A 71 -1.92 -0.82 -6.84
C ARG A 71 -3.01 -1.27 -5.87
N GLU A 72 -2.84 -2.46 -5.28
CA GLU A 72 -3.83 -3.04 -4.37
C GLU A 72 -4.08 -2.12 -3.18
N LEU A 73 -2.99 -1.63 -2.62
CA LEU A 73 -3.02 -0.75 -1.47
C LEU A 73 -3.71 0.57 -1.86
N GLU A 74 -3.43 1.04 -3.08
CA GLU A 74 -3.99 2.28 -3.61
C GLU A 74 -5.53 2.15 -3.71
N ARG A 75 -5.99 0.98 -4.17
CA ARG A 75 -7.43 0.75 -4.33
C ARG A 75 -8.08 0.67 -2.97
N TYR A 76 -7.39 0.03 -2.04
CA TYR A 76 -7.82 -0.09 -0.68
C TYR A 76 -8.03 1.28 -0.07
N VAL A 77 -7.04 2.13 -0.23
CA VAL A 77 -7.08 3.45 0.34
C VAL A 77 -8.16 4.27 -0.34
N LYS A 78 -8.32 4.07 -1.65
CA LYS A 78 -9.37 4.74 -2.39
C LYS A 78 -10.73 4.36 -1.79
N SER A 79 -10.91 3.08 -1.48
CA SER A 79 -12.13 2.58 -0.88
C SER A 79 -12.41 3.29 0.46
N CYS A 80 -11.35 3.54 1.21
CA CYS A 80 -11.46 4.23 2.49
C CYS A 80 -11.84 5.71 2.28
N LEU A 81 -11.15 6.37 1.35
CA LEU A 81 -11.39 7.77 1.11
C LEU A 81 -12.67 8.04 0.32
N GLN A 82 -13.28 6.98 -0.22
CA GLN A 82 -14.60 7.09 -0.84
C GLN A 82 -15.62 7.41 0.23
N LYS A 83 -15.52 6.66 1.31
CA LYS A 83 -16.42 6.80 2.41
C LYS A 83 -16.12 8.06 3.17
N LYS A 84 -14.84 8.34 3.34
CA LYS A 84 -14.44 9.54 4.01
C LYS A 84 -14.04 10.62 3.04
N GLN A 85 -15.03 11.33 2.53
CA GLN A 85 -14.78 12.48 1.69
C GLN A 85 -14.30 13.58 2.58
N ARG A 86 -13.29 14.28 2.17
CA ARG A 86 -12.72 15.32 2.98
C ARG A 86 -12.74 16.64 2.27
N LYS A 87 -12.49 17.67 3.01
CA LYS A 87 -12.49 19.02 2.53
C LYS A 87 -11.47 19.83 3.33
N ARG B 1 14.22 9.47 9.44
CA ARG B 1 13.40 8.66 8.55
C ARG B 1 12.89 9.50 7.40
N SER B 2 13.61 9.48 6.33
CA SER B 2 13.26 10.23 5.16
C SER B 2 12.50 9.32 4.20
N VAL B 3 13.05 8.16 3.97
CA VAL B 3 12.50 7.21 3.03
C VAL B 3 12.12 5.92 3.76
N LYS B 4 11.95 4.83 2.99
CA LYS B 4 11.58 3.48 3.47
C LYS B 4 10.10 3.32 3.67
N VAL B 5 9.62 2.20 3.20
CA VAL B 5 8.25 1.85 3.25
C VAL B 5 8.22 0.39 3.64
N LYS B 6 8.07 0.15 4.92
CA LYS B 6 7.89 -1.20 5.49
C LYS B 6 6.80 -1.10 6.54
N ILE B 7 6.10 0.02 6.46
CA ILE B 7 5.08 0.50 7.39
C ILE B 7 5.40 0.31 8.89
N LYS B 8 5.16 -0.91 9.44
CA LYS B 8 5.18 -1.21 10.86
C LYS B 8 4.40 -0.12 11.60
N LEU B 9 3.06 -0.22 11.49
CA LEU B 9 2.10 0.80 11.94
C LEU B 9 2.30 1.17 13.40
N GLY B 10 2.57 0.16 14.17
CA GLY B 10 2.59 0.30 15.57
C GLY B 10 1.30 -0.27 16.07
N ARG B 11 1.05 -0.17 17.38
CA ARG B 11 -0.18 -0.70 18.04
C ARG B 11 -0.13 -2.21 18.08
N LYS B 12 -0.22 -2.80 16.92
CA LYS B 12 -0.29 -4.22 16.74
C LYS B 12 1.01 -4.72 16.12
N ALA A 1 19.73 18.43 -1.55
CA ALA A 1 20.24 19.65 -2.17
C ALA A 1 20.70 19.34 -3.59
N SER A 2 20.91 18.05 -3.83
CA SER A 2 21.32 17.54 -5.12
C SER A 2 20.18 17.71 -6.12
N ALA A 3 18.96 17.78 -5.58
CA ALA A 3 17.71 17.91 -6.33
C ALA A 3 17.68 19.16 -7.21
N SER A 4 18.45 20.16 -6.85
CA SER A 4 18.56 21.37 -7.63
C SER A 4 19.14 21.06 -9.05
N TYR A 5 20.12 20.18 -9.10
CA TYR A 5 20.69 19.74 -10.36
C TYR A 5 20.01 18.47 -10.83
N ASP A 6 20.10 17.46 -10.01
CA ASP A 6 19.56 16.17 -10.34
C ASP A 6 18.10 16.08 -9.97
N SER A 7 17.30 16.51 -10.89
CA SER A 7 15.88 16.46 -10.75
C SER A 7 15.34 15.85 -12.03
N GLU A 8 15.98 16.20 -13.17
CA GLU A 8 15.65 15.71 -14.49
C GLU A 8 14.28 16.18 -14.92
N GLU A 9 13.84 15.63 -15.99
CA GLU A 9 12.54 15.90 -16.49
C GLU A 9 11.70 14.64 -16.34
N GLU A 10 10.70 14.71 -15.52
CA GLU A 10 9.85 13.58 -15.33
C GLU A 10 8.82 13.53 -16.42
N GLU A 11 9.05 12.65 -17.31
CA GLU A 11 8.22 12.45 -18.46
C GLU A 11 7.01 11.67 -18.06
N GLU A 12 5.92 11.91 -18.73
CA GLU A 12 4.70 11.23 -18.45
C GLU A 12 4.73 9.83 -19.04
N GLY A 13 5.38 8.98 -18.31
CA GLY A 13 5.57 7.62 -18.65
C GLY A 13 6.62 7.07 -17.74
N LEU A 14 6.33 7.12 -16.46
CA LEU A 14 7.26 6.74 -15.45
C LEU A 14 6.73 5.60 -14.58
N PRO A 15 7.65 4.75 -14.07
CA PRO A 15 7.30 3.71 -13.11
C PRO A 15 6.95 4.33 -11.77
N MET A 16 6.37 3.56 -10.90
CA MET A 16 5.96 4.07 -9.61
C MET A 16 7.18 4.44 -8.79
N SER A 17 7.39 5.72 -8.66
CA SER A 17 8.52 6.28 -7.99
C SER A 17 8.39 6.11 -6.49
N TYR A 18 9.46 6.38 -5.76
CA TYR A 18 9.43 6.26 -4.31
C TYR A 18 8.45 7.23 -3.71
N ASP A 19 8.27 8.34 -4.38
CA ASP A 19 7.29 9.34 -3.97
C ASP A 19 5.89 8.74 -4.06
N GLU A 20 5.59 8.14 -5.22
CA GLU A 20 4.30 7.46 -5.48
C GLU A 20 4.08 6.33 -4.46
N LYS A 21 5.14 5.53 -4.23
CA LYS A 21 5.08 4.41 -3.27
C LYS A 21 4.73 4.94 -1.90
N ARG A 22 5.43 5.98 -1.53
CA ARG A 22 5.37 6.54 -0.24
C ARG A 22 4.12 7.33 0.01
N GLN A 23 3.50 7.84 -1.02
CA GLN A 23 2.24 8.57 -0.87
C GLN A 23 1.23 7.66 -0.13
N LEU A 24 1.29 6.37 -0.42
CA LEU A 24 0.43 5.40 0.23
C LEU A 24 0.86 5.11 1.68
N SER A 25 2.14 5.37 1.98
CA SER A 25 2.71 5.17 3.33
C SER A 25 1.95 6.04 4.32
N LEU A 26 1.69 7.28 3.90
CA LEU A 26 1.04 8.24 4.74
C LEU A 26 -0.42 7.88 4.99
N ASP A 27 -1.06 7.25 4.01
CA ASP A 27 -2.46 6.85 4.15
C ASP A 27 -2.63 5.78 5.18
N ILE A 28 -1.81 4.73 5.09
CA ILE A 28 -1.86 3.66 6.07
C ILE A 28 -1.51 4.17 7.47
N ASN A 29 -0.58 5.11 7.54
CA ASN A 29 -0.19 5.70 8.83
C ASN A 29 -1.35 6.48 9.47
N ARG A 30 -2.32 6.89 8.66
CA ARG A 30 -3.47 7.62 9.15
C ARG A 30 -4.69 6.72 9.34
N LEU A 31 -4.60 5.49 8.86
CA LEU A 31 -5.69 4.56 8.99
C LEU A 31 -5.79 3.98 10.40
N PRO A 32 -7.01 3.93 10.95
CA PRO A 32 -7.26 3.42 12.32
C PRO A 32 -6.94 1.91 12.48
N GLY A 33 -6.97 1.46 13.74
CA GLY A 33 -6.59 0.09 14.11
C GLY A 33 -7.29 -1.00 13.33
N GLU A 34 -8.60 -0.87 13.20
CA GLU A 34 -9.40 -1.87 12.51
C GLU A 34 -9.14 -1.89 11.01
N LYS A 35 -8.50 -0.86 10.53
CA LYS A 35 -8.16 -0.80 9.13
C LYS A 35 -6.76 -1.36 8.90
N LEU A 36 -5.79 -0.93 9.73
CA LEU A 36 -4.40 -1.36 9.59
C LEU A 36 -4.26 -2.89 9.66
N GLY A 37 -5.00 -3.50 10.58
CA GLY A 37 -4.94 -4.94 10.73
C GLY A 37 -5.56 -5.67 9.56
N ARG A 38 -6.61 -5.11 9.04
CA ARG A 38 -7.34 -5.70 7.91
C ARG A 38 -6.55 -5.59 6.63
N VAL A 39 -6.11 -4.39 6.33
CA VAL A 39 -5.42 -4.10 5.08
C VAL A 39 -4.21 -4.94 4.88
N VAL A 40 -3.50 -5.25 5.97
CA VAL A 40 -2.30 -6.03 5.86
C VAL A 40 -2.62 -7.38 5.23
N HIS A 41 -3.79 -7.91 5.55
CA HIS A 41 -4.19 -9.24 5.08
C HIS A 41 -4.59 -9.22 3.64
N ILE A 42 -5.22 -8.12 3.23
CA ILE A 42 -5.65 -7.98 1.87
C ILE A 42 -4.43 -7.77 0.98
N ILE A 43 -3.53 -6.88 1.37
CA ILE A 43 -2.32 -6.63 0.57
C ILE A 43 -1.45 -7.90 0.55
N GLN A 44 -1.36 -8.53 1.69
CA GLN A 44 -0.62 -9.77 1.90
C GLN A 44 -1.06 -10.89 0.98
N SER A 45 -2.35 -10.99 0.73
CA SER A 45 -2.87 -12.07 -0.09
C SER A 45 -2.31 -12.04 -1.51
N ARG A 46 -1.82 -10.89 -1.94
CA ARG A 46 -1.31 -10.73 -3.29
C ARG A 46 0.21 -10.89 -3.33
N GLU A 47 0.83 -10.89 -2.17
CA GLU A 47 2.28 -11.09 -2.09
C GLU A 47 2.62 -12.39 -1.39
N PRO A 48 3.06 -13.40 -2.16
CA PRO A 48 3.43 -14.71 -1.60
C PRO A 48 4.58 -14.59 -0.61
N SER A 49 5.45 -13.63 -0.87
CA SER A 49 6.68 -13.38 -0.15
C SER A 49 6.55 -13.41 1.41
N LEU A 50 5.46 -12.90 1.97
CA LEU A 50 5.35 -12.87 3.42
C LEU A 50 4.24 -13.78 3.94
N ARG A 51 3.53 -14.46 3.05
CA ARG A 51 2.35 -15.22 3.46
C ARG A 51 2.67 -16.44 4.29
N ASP A 52 3.87 -16.94 4.19
CA ASP A 52 4.27 -18.10 4.96
C ASP A 52 5.04 -17.65 6.21
N SER A 53 5.31 -16.36 6.27
CA SER A 53 5.94 -15.72 7.40
C SER A 53 4.84 -15.34 8.41
N ASN A 54 5.12 -14.43 9.34
CA ASN A 54 4.10 -13.96 10.27
C ASN A 54 3.06 -13.12 9.52
N PRO A 55 1.82 -13.59 9.46
CA PRO A 55 0.77 -12.94 8.68
C PRO A 55 0.10 -11.77 9.40
N ASP A 56 0.44 -11.58 10.66
CA ASP A 56 -0.23 -10.58 11.47
C ASP A 56 0.47 -9.25 11.52
N GLU A 57 1.77 -9.24 11.40
CA GLU A 57 2.52 -8.01 11.52
C GLU A 57 2.32 -7.12 10.31
N ILE A 58 2.10 -5.86 10.56
CA ILE A 58 1.87 -4.90 9.53
C ILE A 58 3.14 -4.24 9.09
N GLU A 59 3.64 -4.63 7.97
CA GLU A 59 4.79 -4.01 7.46
C GLU A 59 4.69 -3.75 6.00
N ILE A 60 5.11 -2.58 5.65
CA ILE A 60 4.88 -2.06 4.32
C ILE A 60 6.15 -1.83 3.47
N ASP A 61 6.61 -2.90 2.96
CA ASP A 61 7.76 -3.08 2.07
C ASP A 61 7.83 -2.20 0.77
N PHE A 62 6.81 -1.35 0.56
CA PHE A 62 6.47 -0.63 -0.71
C PHE A 62 7.64 0.07 -1.42
N GLU A 63 8.71 0.31 -0.73
CA GLU A 63 9.92 0.80 -1.37
C GLU A 63 10.35 -0.21 -2.46
N THR A 64 10.44 -1.47 -2.08
CA THR A 64 10.90 -2.54 -2.95
C THR A 64 9.73 -3.46 -3.38
N LEU A 65 8.61 -3.36 -2.65
CA LEU A 65 7.45 -4.22 -2.89
C LEU A 65 6.91 -4.03 -4.31
N LYS A 66 6.23 -5.04 -4.78
CA LYS A 66 5.74 -5.12 -6.15
C LYS A 66 4.71 -4.02 -6.44
N PRO A 67 4.81 -3.33 -7.60
CA PRO A 67 3.85 -2.30 -8.02
C PRO A 67 2.42 -2.87 -8.10
N THR A 68 2.31 -4.12 -8.53
CA THR A 68 1.05 -4.81 -8.63
C THR A 68 0.38 -4.96 -7.24
N THR A 69 1.19 -5.03 -6.20
CA THR A 69 0.70 -5.17 -4.85
C THR A 69 0.29 -3.79 -4.30
N LEU A 70 1.00 -2.74 -4.78
CA LEU A 70 0.72 -1.35 -4.41
C LEU A 70 -0.69 -0.99 -4.87
N ARG A 71 -1.05 -1.51 -6.03
CA ARG A 71 -2.33 -1.25 -6.64
C ARG A 71 -3.50 -1.64 -5.74
N GLU A 72 -3.27 -2.61 -4.88
CA GLU A 72 -4.30 -3.05 -3.97
C GLU A 72 -4.56 -1.97 -2.93
N LEU A 73 -3.50 -1.48 -2.30
CA LEU A 73 -3.60 -0.44 -1.27
C LEU A 73 -4.11 0.87 -1.86
N GLU A 74 -3.84 1.05 -3.15
CA GLU A 74 -4.24 2.23 -3.88
C GLU A 74 -5.77 2.33 -3.87
N ARG A 75 -6.39 1.21 -4.13
CA ARG A 75 -7.82 1.14 -4.20
C ARG A 75 -8.38 1.05 -2.80
N TYR A 76 -7.62 0.42 -1.90
CA TYR A 76 -8.01 0.26 -0.53
C TYR A 76 -8.30 1.57 0.14
N VAL A 77 -7.40 2.52 -0.03
CA VAL A 77 -7.53 3.83 0.63
C VAL A 77 -8.84 4.49 0.22
N LYS A 78 -9.12 4.49 -1.05
CA LYS A 78 -10.33 5.05 -1.59
C LYS A 78 -11.56 4.22 -1.19
N SER A 79 -11.34 2.93 -0.99
CA SER A 79 -12.34 2.04 -0.46
C SER A 79 -12.59 2.36 1.04
N CYS A 80 -11.58 2.84 1.74
CA CYS A 80 -11.75 3.20 3.12
C CYS A 80 -12.52 4.51 3.23
N LEU A 81 -12.51 5.30 2.16
CA LEU A 81 -13.21 6.57 2.12
C LEU A 81 -14.71 6.35 2.08
N GLN A 82 -15.13 5.31 1.35
CA GLN A 82 -16.55 5.01 1.20
C GLN A 82 -17.12 4.43 2.48
N LYS A 83 -16.35 3.57 3.16
CA LYS A 83 -16.76 2.99 4.42
C LYS A 83 -15.64 3.09 5.45
N LYS A 84 -15.69 4.17 6.21
CA LYS A 84 -14.66 4.52 7.17
C LYS A 84 -14.73 3.69 8.44
N GLN A 85 -15.93 3.52 8.95
CA GLN A 85 -16.13 2.79 10.17
C GLN A 85 -16.49 1.34 9.85
N ARG A 86 -16.15 0.40 10.70
CA ARG A 86 -16.48 -0.99 10.46
C ARG A 86 -17.78 -1.35 11.16
N LYS A 87 -18.27 -2.52 10.86
CA LYS A 87 -19.44 -3.06 11.50
C LYS A 87 -19.44 -4.55 11.24
N ARG B 1 16.33 13.04 3.83
CA ARG B 1 15.00 12.43 3.83
C ARG B 1 15.11 10.95 3.62
N SER B 2 14.68 10.19 4.61
CA SER B 2 14.68 8.76 4.53
C SER B 2 13.46 8.31 3.74
N VAL B 3 13.62 8.10 2.45
CA VAL B 3 12.51 7.68 1.61
C VAL B 3 12.21 6.19 1.78
N LYS B 4 11.48 5.90 2.82
CA LYS B 4 11.13 4.55 3.17
C LYS B 4 9.67 4.46 3.51
N VAL B 5 9.07 3.38 3.09
CA VAL B 5 7.63 3.24 3.15
C VAL B 5 7.22 2.16 4.15
N LYS B 6 8.21 1.38 4.65
CA LYS B 6 7.96 0.32 5.68
C LYS B 6 7.10 0.91 6.79
N ILE B 7 5.81 0.56 6.80
CA ILE B 7 4.91 1.22 7.70
C ILE B 7 5.10 0.83 9.18
N LYS B 8 4.88 -0.46 9.52
CA LYS B 8 4.90 -0.95 10.89
C LYS B 8 3.96 -0.09 11.77
N LEU B 9 2.64 -0.35 11.68
CA LEU B 9 1.68 0.38 12.54
C LEU B 9 1.95 0.08 14.01
N GLY B 10 2.34 -1.15 14.28
CA GLY B 10 2.72 -1.53 15.62
C GLY B 10 4.21 -1.35 15.77
N ARG B 11 4.61 -0.40 16.56
CA ARG B 11 6.01 -0.09 16.69
C ARG B 11 6.69 -0.90 17.78
N LYS B 12 7.39 -1.93 17.35
CA LYS B 12 8.18 -2.78 18.22
C LYS B 12 9.37 -3.30 17.43
N ALA A 1 -22.71 -1.96 -10.61
CA ALA A 1 -22.32 -3.35 -10.71
C ALA A 1 -20.98 -3.49 -11.44
N SER A 2 -20.66 -2.52 -12.24
CA SER A 2 -19.43 -2.52 -13.00
C SER A 2 -18.30 -1.93 -12.14
N ALA A 3 -18.63 -0.86 -11.43
CA ALA A 3 -17.66 -0.09 -10.63
C ALA A 3 -17.09 -0.89 -9.47
N SER A 4 -17.83 -1.87 -8.99
CA SER A 4 -17.40 -2.71 -7.89
C SER A 4 -16.27 -3.69 -8.31
N TYR A 5 -16.08 -3.82 -9.62
CA TYR A 5 -15.02 -4.64 -10.18
C TYR A 5 -14.07 -3.71 -10.89
N ASP A 6 -13.03 -4.24 -11.47
CA ASP A 6 -12.19 -3.45 -12.32
C ASP A 6 -12.74 -3.44 -13.74
N SER A 7 -13.77 -2.62 -13.92
CA SER A 7 -14.45 -2.47 -15.19
C SER A 7 -13.51 -1.91 -16.24
N GLU A 8 -12.73 -0.97 -15.82
CA GLU A 8 -11.70 -0.35 -16.59
C GLU A 8 -10.81 0.32 -15.60
N GLU A 9 -9.59 0.55 -15.97
CA GLU A 9 -8.67 1.16 -15.08
C GLU A 9 -8.01 2.35 -15.70
N GLU A 10 -8.09 3.45 -15.01
CA GLU A 10 -7.47 4.69 -15.40
C GLU A 10 -5.97 4.49 -15.45
N GLU A 11 -5.37 4.83 -16.56
CA GLU A 11 -3.95 4.75 -16.68
C GLU A 11 -3.38 5.95 -15.98
N GLU A 12 -2.89 5.74 -14.79
CA GLU A 12 -2.41 6.80 -13.97
C GLU A 12 -1.04 7.24 -14.42
N GLY A 13 -0.85 8.52 -14.45
CA GLY A 13 0.40 9.11 -14.88
C GLY A 13 1.36 9.25 -13.73
N LEU A 14 1.33 8.28 -12.85
CA LEU A 14 2.16 8.26 -11.69
C LEU A 14 3.27 7.27 -11.95
N PRO A 15 4.52 7.71 -12.07
CA PRO A 15 5.61 6.80 -12.25
C PRO A 15 6.01 6.15 -10.94
N MET A 16 6.61 5.02 -11.02
CA MET A 16 6.94 4.32 -9.83
C MET A 16 8.28 4.76 -9.31
N SER A 17 8.22 5.51 -8.28
CA SER A 17 9.36 5.99 -7.61
C SER A 17 9.16 5.63 -6.15
N TYR A 18 10.22 5.56 -5.38
CA TYR A 18 10.14 5.13 -3.99
C TYR A 18 9.31 6.07 -3.15
N ASP A 19 9.34 7.34 -3.50
CA ASP A 19 8.56 8.34 -2.77
C ASP A 19 7.08 8.18 -3.11
N GLU A 20 6.80 7.79 -4.36
CA GLU A 20 5.42 7.57 -4.81
C GLU A 20 4.84 6.32 -4.15
N LYS A 21 5.69 5.28 -4.06
CA LYS A 21 5.36 4.03 -3.34
C LYS A 21 4.97 4.40 -1.92
N ARG A 22 5.75 5.31 -1.41
CA ARG A 22 5.68 5.76 -0.07
C ARG A 22 4.48 6.61 0.22
N GLN A 23 3.92 7.26 -0.77
CA GLN A 23 2.69 8.03 -0.55
C GLN A 23 1.60 7.09 0.04
N LEU A 24 1.62 5.83 -0.37
CA LEU A 24 0.72 4.83 0.19
C LEU A 24 1.14 4.41 1.61
N SER A 25 2.43 4.60 1.94
CA SER A 25 2.95 4.33 3.30
C SER A 25 2.21 5.27 4.25
N LEU A 26 2.03 6.51 3.80
CA LEU A 26 1.35 7.50 4.56
C LEU A 26 -0.13 7.16 4.73
N ASP A 27 -0.70 6.49 3.74
CA ASP A 27 -2.11 6.09 3.79
C ASP A 27 -2.33 5.06 4.85
N ILE A 28 -1.53 4.00 4.82
CA ILE A 28 -1.60 2.96 5.86
C ILE A 28 -1.29 3.58 7.25
N ASN A 29 -0.38 4.55 7.27
CA ASN A 29 -0.05 5.29 8.48
C ASN A 29 -1.29 6.03 9.04
N ARG A 30 -2.18 6.47 8.14
CA ARG A 30 -3.40 7.18 8.54
C ARG A 30 -4.47 6.18 9.00
N LEU A 31 -4.42 4.99 8.45
CA LEU A 31 -5.44 3.99 8.70
C LEU A 31 -5.36 3.39 10.12
N PRO A 32 -6.50 3.39 10.84
CA PRO A 32 -6.61 2.89 12.23
C PRO A 32 -6.31 1.38 12.41
N GLY A 33 -6.24 0.97 13.68
CA GLY A 33 -5.86 -0.38 14.09
C GLY A 33 -6.59 -1.53 13.43
N GLU A 34 -7.88 -1.41 13.29
CA GLU A 34 -8.68 -2.47 12.69
C GLU A 34 -8.45 -2.52 11.19
N LYS A 35 -8.16 -1.38 10.63
CA LYS A 35 -8.03 -1.24 9.21
C LYS A 35 -6.69 -1.69 8.69
N LEU A 36 -5.62 -1.50 9.50
CA LEU A 36 -4.29 -2.00 9.13
C LEU A 36 -4.34 -3.53 9.02
N GLY A 37 -5.11 -4.14 9.93
CA GLY A 37 -5.28 -5.57 9.94
C GLY A 37 -6.11 -6.04 8.77
N ARG A 38 -7.10 -5.25 8.40
CA ARG A 38 -7.95 -5.58 7.28
C ARG A 38 -7.17 -5.48 5.98
N VAL A 39 -6.56 -4.33 5.73
CA VAL A 39 -5.81 -4.12 4.47
C VAL A 39 -4.69 -5.12 4.31
N VAL A 40 -3.96 -5.39 5.39
CA VAL A 40 -2.85 -6.31 5.34
C VAL A 40 -3.35 -7.71 4.96
N HIS A 41 -4.61 -7.99 5.30
CA HIS A 41 -5.23 -9.27 5.02
C HIS A 41 -5.59 -9.39 3.53
N ILE A 42 -6.12 -8.31 2.97
CA ILE A 42 -6.51 -8.28 1.55
C ILE A 42 -5.29 -8.31 0.66
N ILE A 43 -4.36 -7.41 0.92
CA ILE A 43 -3.15 -7.29 0.08
C ILE A 43 -2.31 -8.57 0.17
N GLN A 44 -2.42 -9.26 1.30
CA GLN A 44 -1.66 -10.48 1.61
C GLN A 44 -1.88 -11.59 0.57
N SER A 45 -3.02 -11.58 -0.08
CA SER A 45 -3.31 -12.56 -1.09
C SER A 45 -2.51 -12.30 -2.37
N ARG A 46 -2.01 -11.08 -2.49
CA ARG A 46 -1.28 -10.66 -3.67
C ARG A 46 0.15 -10.28 -3.32
N GLU A 47 0.52 -10.44 -2.08
CA GLU A 47 1.85 -10.10 -1.64
C GLU A 47 2.41 -11.35 -0.95
N PRO A 48 3.37 -12.01 -1.57
CA PRO A 48 3.96 -13.22 -1.03
C PRO A 48 4.86 -13.01 0.21
N SER A 49 5.49 -11.85 0.32
CA SER A 49 6.55 -11.67 1.31
C SER A 49 6.10 -11.72 2.77
N LEU A 50 4.97 -11.10 3.09
CA LEU A 50 4.52 -11.05 4.50
C LEU A 50 3.84 -12.35 4.92
N ARG A 51 3.68 -13.28 3.99
CA ARG A 51 2.96 -14.52 4.28
C ARG A 51 3.82 -15.45 5.12
N ASP A 52 5.07 -15.09 5.31
CA ASP A 52 6.00 -15.84 6.14
C ASP A 52 5.99 -15.31 7.57
N SER A 53 5.02 -14.47 7.86
CA SER A 53 4.81 -13.91 9.17
C SER A 53 3.30 -13.84 9.47
N ASN A 54 2.99 -13.45 10.67
CA ASN A 54 1.64 -13.25 11.10
C ASN A 54 1.25 -11.79 10.84
N PRO A 55 -0.03 -11.51 10.48
CA PRO A 55 -0.53 -10.14 10.13
C PRO A 55 -0.21 -9.02 11.17
N ASP A 56 0.14 -9.39 12.39
CA ASP A 56 0.51 -8.39 13.40
C ASP A 56 1.92 -7.90 13.13
N GLU A 57 2.69 -8.69 12.40
CA GLU A 57 3.98 -8.27 11.94
C GLU A 57 3.76 -7.62 10.60
N ILE A 58 3.49 -6.36 10.64
CA ILE A 58 3.09 -5.60 9.48
C ILE A 58 4.16 -4.62 9.03
N GLU A 59 4.85 -4.96 8.00
CA GLU A 59 5.69 -4.05 7.35
C GLU A 59 5.63 -4.14 5.87
N ILE A 60 5.42 -3.02 5.29
CA ILE A 60 5.06 -2.90 3.91
C ILE A 60 6.25 -2.80 2.94
N ASP A 61 6.46 -3.85 2.20
CA ASP A 61 7.58 -4.02 1.23
C ASP A 61 7.66 -3.01 0.06
N PHE A 62 6.69 -2.10 -0.02
CA PHE A 62 6.38 -1.22 -1.19
C PHE A 62 7.56 -0.49 -1.81
N GLU A 63 8.65 -0.30 -1.09
CA GLU A 63 9.85 0.24 -1.71
C GLU A 63 10.23 -0.63 -2.92
N THR A 64 10.38 -1.90 -2.66
CA THR A 64 10.79 -2.85 -3.64
C THR A 64 9.61 -3.56 -4.31
N LEU A 65 8.54 -3.75 -3.55
CA LEU A 65 7.32 -4.40 -4.03
C LEU A 65 6.82 -3.81 -5.34
N LYS A 66 6.43 -4.70 -6.21
CA LYS A 66 6.07 -4.41 -7.57
C LYS A 66 4.68 -3.72 -7.66
N PRO A 67 4.48 -2.89 -8.71
CA PRO A 67 3.23 -2.12 -8.92
C PRO A 67 1.94 -2.96 -8.92
N THR A 68 2.08 -4.24 -9.26
CA THR A 68 0.99 -5.18 -9.31
C THR A 68 0.24 -5.22 -7.96
N THR A 69 0.98 -5.35 -6.89
CA THR A 69 0.40 -5.44 -5.57
C THR A 69 0.07 -4.04 -5.03
N LEU A 70 0.82 -3.03 -5.51
CA LEU A 70 0.62 -1.64 -5.12
C LEU A 70 -0.80 -1.20 -5.44
N ARG A 71 -1.25 -1.62 -6.62
CA ARG A 71 -2.57 -1.28 -7.10
C ARG A 71 -3.66 -1.73 -6.14
N GLU A 72 -3.47 -2.88 -5.51
CA GLU A 72 -4.48 -3.43 -4.62
C GLU A 72 -4.65 -2.52 -3.39
N LEU A 73 -3.53 -2.06 -2.86
CA LEU A 73 -3.55 -1.22 -1.70
C LEU A 73 -4.14 0.15 -2.09
N GLU A 74 -3.85 0.59 -3.31
CA GLU A 74 -4.35 1.85 -3.86
C GLU A 74 -5.89 1.79 -3.93
N ARG A 75 -6.42 0.63 -4.34
CA ARG A 75 -7.86 0.39 -4.42
C ARG A 75 -8.46 0.48 -3.05
N TYR A 76 -7.80 -0.17 -2.10
CA TYR A 76 -8.22 -0.19 -0.73
C TYR A 76 -8.30 1.20 -0.16
N VAL A 77 -7.20 1.92 -0.29
CA VAL A 77 -7.06 3.25 0.29
C VAL A 77 -8.18 4.14 -0.20
N LYS A 78 -8.37 4.12 -1.51
CA LYS A 78 -9.40 4.89 -2.15
C LYS A 78 -10.76 4.57 -1.52
N SER A 79 -11.07 3.30 -1.46
CA SER A 79 -12.33 2.84 -0.92
C SER A 79 -12.46 3.13 0.60
N CYS A 80 -11.36 3.04 1.31
CA CYS A 80 -11.35 3.25 2.75
C CYS A 80 -11.48 4.73 3.11
N LEU A 81 -11.26 5.60 2.15
CA LEU A 81 -11.37 7.02 2.37
C LEU A 81 -12.68 7.56 1.86
N GLN A 82 -13.11 7.07 0.70
CA GLN A 82 -14.33 7.52 0.05
C GLN A 82 -15.58 7.28 0.87
N LYS A 83 -16.18 8.39 1.30
CA LYS A 83 -17.44 8.45 2.04
C LYS A 83 -17.55 7.44 3.18
N LYS A 84 -16.99 7.80 4.29
CA LYS A 84 -16.99 6.96 5.47
C LYS A 84 -17.41 7.81 6.64
N GLN A 85 -17.73 7.18 7.75
CA GLN A 85 -18.08 7.92 8.95
C GLN A 85 -16.78 8.47 9.52
N ARG A 86 -16.54 9.72 9.27
CA ARG A 86 -15.30 10.34 9.63
C ARG A 86 -15.39 11.07 10.94
N LYS A 87 -14.25 11.36 11.48
CA LYS A 87 -14.13 12.15 12.65
C LYS A 87 -13.51 13.47 12.27
N ARG B 1 11.67 10.03 8.48
CA ARG B 1 13.11 9.98 8.72
C ARG B 1 13.80 9.08 7.67
N SER B 2 13.04 8.19 7.04
CA SER B 2 13.63 7.28 6.09
C SER B 2 12.72 7.15 4.86
N VAL B 3 13.29 6.84 3.71
CA VAL B 3 12.52 6.69 2.46
C VAL B 3 12.00 5.26 2.26
N LYS B 4 11.83 4.57 3.36
CA LYS B 4 11.32 3.22 3.38
C LYS B 4 9.83 3.22 3.57
N VAL B 5 9.19 2.25 2.98
CA VAL B 5 7.75 2.16 3.04
C VAL B 5 7.37 0.94 3.89
N LYS B 6 8.41 0.31 4.49
CA LYS B 6 8.21 -0.84 5.40
C LYS B 6 7.50 -0.31 6.66
N ILE B 7 6.19 -0.18 6.53
CA ILE B 7 5.28 0.51 7.45
C ILE B 7 5.52 0.32 9.00
N LYS B 8 5.30 -0.90 9.50
CA LYS B 8 5.22 -1.22 10.93
C LYS B 8 4.13 -0.42 11.65
N LEU B 9 2.94 -1.01 11.72
CA LEU B 9 1.88 -0.44 12.53
C LEU B 9 2.13 -0.77 13.99
N GLY B 10 3.03 -1.71 14.20
CA GLY B 10 3.52 -2.03 15.50
C GLY B 10 4.67 -1.10 15.79
N ARG B 11 5.03 -0.94 17.06
CA ARG B 11 6.11 0.00 17.47
C ARG B 11 5.65 1.47 17.26
N LYS B 12 4.40 1.62 16.91
CA LYS B 12 3.81 2.90 16.59
C LYS B 12 2.75 3.29 17.62
N ALA A 1 10.46 -13.78 -35.55
CA ALA A 1 9.84 -13.81 -34.23
C ALA A 1 10.78 -13.20 -33.20
N SER A 2 12.03 -13.19 -33.55
CA SER A 2 13.11 -12.74 -32.70
C SER A 2 13.07 -11.22 -32.45
N ALA A 3 12.73 -10.43 -33.46
CA ALA A 3 12.69 -8.98 -33.31
C ALA A 3 11.51 -8.53 -32.47
N SER A 4 10.41 -9.26 -32.54
CA SER A 4 9.25 -8.94 -31.74
C SER A 4 9.47 -9.38 -30.30
N TYR A 5 10.42 -10.32 -30.12
CA TYR A 5 10.79 -10.91 -28.84
C TYR A 5 9.63 -11.74 -28.29
N ASP A 6 9.87 -13.02 -28.09
CA ASP A 6 8.80 -13.99 -27.72
C ASP A 6 8.07 -13.64 -26.43
N SER A 7 8.73 -12.97 -25.55
CA SER A 7 8.12 -12.59 -24.29
C SER A 7 7.44 -11.21 -24.41
N GLU A 8 7.86 -10.45 -25.41
CA GLU A 8 7.46 -9.06 -25.67
C GLU A 8 7.67 -8.11 -24.49
N GLU A 9 7.53 -6.84 -24.77
CA GLU A 9 7.69 -5.83 -23.76
C GLU A 9 6.37 -5.58 -23.04
N GLU A 10 6.40 -5.69 -21.73
CA GLU A 10 5.24 -5.41 -20.93
C GLU A 10 5.20 -3.92 -20.68
N GLU A 11 4.07 -3.33 -20.85
CA GLU A 11 4.00 -1.91 -20.72
C GLU A 11 3.24 -1.47 -19.51
N GLU A 12 3.86 -0.59 -18.76
CA GLU A 12 3.27 0.04 -17.62
C GLU A 12 3.50 1.53 -17.72
N GLY A 13 2.44 2.22 -18.06
CA GLY A 13 2.50 3.64 -18.24
C GLY A 13 2.50 4.35 -16.94
N LEU A 14 1.90 3.76 -15.95
CA LEU A 14 1.90 4.34 -14.64
C LEU A 14 3.24 4.01 -13.97
N PRO A 15 4.05 5.04 -13.69
CA PRO A 15 5.42 4.89 -13.20
C PRO A 15 5.52 4.30 -11.79
N MET A 16 6.70 3.89 -11.44
CA MET A 16 6.99 3.36 -10.16
C MET A 16 8.08 4.18 -9.50
N SER A 17 7.70 4.96 -8.53
CA SER A 17 8.64 5.75 -7.81
C SER A 17 8.47 5.44 -6.33
N TYR A 18 9.50 5.72 -5.53
CA TYR A 18 9.42 5.49 -4.09
C TYR A 18 8.34 6.36 -3.52
N ASP A 19 8.23 7.57 -4.04
CA ASP A 19 7.26 8.56 -3.58
C ASP A 19 5.83 8.07 -3.77
N GLU A 20 5.58 7.37 -4.88
CA GLU A 20 4.26 6.82 -5.13
C GLU A 20 3.96 5.66 -4.22
N LYS A 21 4.97 4.82 -4.00
CA LYS A 21 4.83 3.69 -3.08
C LYS A 21 4.57 4.23 -1.68
N ARG A 22 5.28 5.28 -1.40
CA ARG A 22 5.29 5.91 -0.14
C ARG A 22 4.05 6.66 0.14
N GLN A 23 3.39 7.12 -0.89
CA GLN A 23 2.12 7.80 -0.73
C GLN A 23 1.14 6.89 0.04
N LEU A 24 1.31 5.59 -0.16
CA LEU A 24 0.54 4.59 0.54
C LEU A 24 0.97 4.47 2.00
N SER A 25 2.26 4.71 2.27
CA SER A 25 2.80 4.67 3.63
C SER A 25 2.07 5.71 4.49
N LEU A 26 1.86 6.88 3.91
CA LEU A 26 1.21 7.96 4.58
C LEU A 26 -0.26 7.67 4.86
N ASP A 27 -0.91 6.95 3.96
CA ASP A 27 -2.33 6.62 4.14
C ASP A 27 -2.53 5.51 5.14
N ILE A 28 -1.67 4.51 5.13
CA ILE A 28 -1.74 3.45 6.13
C ILE A 28 -1.50 4.05 7.53
N ASN A 29 -0.63 5.03 7.58
CA ASN A 29 -0.35 5.82 8.79
C ASN A 29 -1.63 6.50 9.33
N ARG A 30 -2.63 6.69 8.48
CA ARG A 30 -3.88 7.35 8.87
C ARG A 30 -4.93 6.32 9.27
N LEU A 31 -4.72 5.08 8.87
CA LEU A 31 -5.71 4.06 9.06
C LEU A 31 -5.70 3.43 10.46
N PRO A 32 -6.88 3.33 11.08
CA PRO A 32 -7.08 2.74 12.42
C PRO A 32 -6.74 1.23 12.54
N GLY A 33 -6.76 0.77 13.80
CA GLY A 33 -6.34 -0.59 14.20
C GLY A 33 -6.87 -1.74 13.36
N GLU A 34 -8.16 -1.88 13.25
CA GLU A 34 -8.72 -2.98 12.48
C GLU A 34 -8.40 -2.87 10.99
N LYS A 35 -8.26 -1.64 10.50
CA LYS A 35 -8.00 -1.41 9.10
C LYS A 35 -6.55 -1.76 8.74
N LEU A 36 -5.60 -1.33 9.59
CA LEU A 36 -4.19 -1.50 9.37
C LEU A 36 -3.77 -2.99 9.18
N GLY A 37 -4.27 -3.86 10.04
CA GLY A 37 -3.90 -5.26 9.92
C GLY A 37 -4.61 -5.94 8.79
N ARG A 38 -5.80 -5.46 8.49
CA ARG A 38 -6.63 -6.03 7.45
C ARG A 38 -6.04 -5.73 6.07
N VAL A 39 -5.62 -4.48 5.88
CA VAL A 39 -5.05 -4.05 4.59
C VAL A 39 -3.83 -4.80 4.22
N VAL A 40 -2.92 -4.95 5.14
CA VAL A 40 -1.69 -5.69 4.90
C VAL A 40 -2.00 -7.07 4.41
N HIS A 41 -2.98 -7.67 4.98
CA HIS A 41 -3.36 -9.02 4.65
C HIS A 41 -4.07 -9.03 3.26
N ILE A 42 -4.84 -7.96 2.98
CA ILE A 42 -5.52 -7.79 1.71
C ILE A 42 -4.52 -7.66 0.59
N ILE A 43 -3.48 -6.90 0.84
CA ILE A 43 -2.38 -6.75 -0.10
C ILE A 43 -1.73 -8.13 -0.33
N GLN A 44 -1.62 -8.93 0.74
CA GLN A 44 -1.11 -10.33 0.64
C GLN A 44 -2.08 -11.24 -0.07
N SER A 45 -3.27 -10.77 -0.36
CA SER A 45 -4.21 -11.61 -1.00
C SER A 45 -3.83 -11.78 -2.46
N ARG A 46 -3.00 -10.87 -2.95
CA ARG A 46 -2.48 -10.96 -4.29
C ARG A 46 -1.26 -11.85 -4.27
N GLU A 47 -0.29 -11.48 -3.45
CA GLU A 47 0.86 -12.31 -3.25
C GLU A 47 1.04 -12.59 -1.75
N PRO A 48 0.81 -13.85 -1.34
CA PRO A 48 0.78 -14.24 0.10
C PRO A 48 2.15 -14.12 0.74
N SER A 49 3.16 -14.25 -0.08
CA SER A 49 4.54 -14.19 0.29
C SER A 49 4.98 -12.76 0.63
N LEU A 50 4.01 -11.81 0.58
CA LEU A 50 4.24 -10.40 0.88
C LEU A 50 5.14 -10.26 2.09
N ARG A 51 4.62 -10.46 3.29
CA ARG A 51 5.53 -10.53 4.38
C ARG A 51 5.87 -11.96 4.75
N ASP A 52 4.83 -12.71 5.06
CA ASP A 52 4.88 -14.17 5.27
C ASP A 52 3.51 -14.71 4.94
N SER A 53 2.56 -14.00 5.55
CA SER A 53 1.12 -14.14 5.54
C SER A 53 0.69 -13.53 6.89
N ASN A 54 0.85 -14.29 7.95
CA ASN A 54 0.72 -13.85 9.36
C ASN A 54 2.13 -13.45 9.91
N PRO A 55 2.61 -12.24 9.71
CA PRO A 55 4.00 -11.92 10.03
C PRO A 55 4.21 -11.06 11.30
N ASP A 56 3.61 -9.90 11.37
CA ASP A 56 3.61 -9.11 12.59
C ASP A 56 2.21 -8.91 13.03
N GLU A 57 1.49 -8.43 12.03
CA GLU A 57 0.13 -7.95 12.03
C GLU A 57 0.13 -6.95 10.91
N ILE A 58 1.18 -6.11 10.93
CA ILE A 58 1.35 -5.07 9.94
C ILE A 58 2.82 -4.68 9.67
N GLU A 59 3.33 -5.03 8.53
CA GLU A 59 4.59 -4.50 8.08
C GLU A 59 4.59 -4.26 6.61
N ILE A 60 5.00 -3.08 6.27
CA ILE A 60 4.92 -2.61 4.88
C ILE A 60 6.27 -2.35 4.26
N ASP A 61 6.75 -3.31 3.60
CA ASP A 61 8.07 -3.34 2.97
C ASP A 61 8.24 -2.46 1.70
N PHE A 62 7.16 -1.81 1.28
CA PHE A 62 6.98 -1.07 -0.01
C PHE A 62 8.08 -0.05 -0.41
N GLU A 63 9.17 0.00 0.24
CA GLU A 63 10.30 0.69 -0.30
C GLU A 63 10.91 -0.24 -1.34
N THR A 64 11.05 -1.48 -0.91
CA THR A 64 11.71 -2.51 -1.67
C THR A 64 10.68 -3.44 -2.34
N LEU A 65 9.50 -3.56 -1.75
CA LEU A 65 8.45 -4.45 -2.29
C LEU A 65 7.92 -3.95 -3.66
N LYS A 66 7.17 -4.82 -4.35
CA LYS A 66 6.78 -4.63 -5.76
C LYS A 66 5.73 -3.53 -5.96
N PRO A 67 5.76 -2.87 -7.16
CA PRO A 67 4.81 -1.80 -7.49
C PRO A 67 3.42 -2.34 -7.88
N THR A 68 3.37 -3.56 -8.37
CA THR A 68 2.11 -4.17 -8.77
C THR A 68 1.24 -4.40 -7.52
N THR A 69 1.86 -4.92 -6.47
CA THR A 69 1.21 -5.19 -5.21
C THR A 69 0.79 -3.86 -4.56
N LEU A 70 1.62 -2.84 -4.78
CA LEU A 70 1.42 -1.47 -4.29
C LEU A 70 0.08 -0.91 -4.78
N ARG A 71 -0.30 -1.27 -5.99
CA ARG A 71 -1.51 -0.74 -6.60
C ARG A 71 -2.76 -1.17 -5.83
N GLU A 72 -2.65 -2.29 -5.13
CA GLU A 72 -3.77 -2.81 -4.36
C GLU A 72 -4.08 -1.89 -3.18
N LEU A 73 -3.04 -1.37 -2.53
CA LEU A 73 -3.25 -0.50 -1.39
C LEU A 73 -3.83 0.84 -1.88
N GLU A 74 -3.46 1.23 -3.11
CA GLU A 74 -4.02 2.42 -3.78
C GLU A 74 -5.56 2.27 -3.88
N ARG A 75 -5.99 1.08 -4.23
CA ARG A 75 -7.41 0.78 -4.35
C ARG A 75 -8.04 0.76 -2.97
N TYR A 76 -7.32 0.15 -2.03
CA TYR A 76 -7.76 0.01 -0.67
C TYR A 76 -8.07 1.35 -0.03
N VAL A 77 -7.12 2.27 -0.15
CA VAL A 77 -7.24 3.57 0.51
C VAL A 77 -8.49 4.28 0.05
N LYS A 78 -8.69 4.32 -1.25
CA LYS A 78 -9.85 4.96 -1.83
C LYS A 78 -11.13 4.26 -1.37
N SER A 79 -11.06 2.94 -1.25
CA SER A 79 -12.18 2.16 -0.76
C SER A 79 -12.43 2.44 0.74
N CYS A 80 -11.37 2.69 1.51
CA CYS A 80 -11.51 2.95 2.91
C CYS A 80 -12.05 4.38 3.11
N LEU A 81 -11.62 5.29 2.23
CA LEU A 81 -12.04 6.68 2.28
C LEU A 81 -13.48 6.87 1.80
N GLN A 82 -13.94 6.00 0.88
CA GLN A 82 -15.34 6.05 0.45
C GLN A 82 -16.26 5.43 1.50
N LYS A 83 -15.63 4.99 2.60
CA LYS A 83 -16.26 4.44 3.80
C LYS A 83 -16.65 2.98 3.69
N LYS A 84 -15.95 2.17 4.45
CA LYS A 84 -16.25 0.75 4.57
C LYS A 84 -17.10 0.53 5.82
N GLN A 85 -17.92 1.50 6.08
CA GLN A 85 -18.84 1.51 7.19
C GLN A 85 -20.19 1.67 6.56
N ARG A 86 -21.18 0.98 7.08
CA ARG A 86 -22.49 0.96 6.47
C ARG A 86 -23.21 2.30 6.60
N LYS A 87 -24.02 2.59 5.62
CA LYS A 87 -24.80 3.78 5.60
C LYS A 87 -26.24 3.39 5.64
N ARG B 1 6.36 5.94 6.80
CA ARG B 1 6.52 7.35 7.17
C ARG B 1 6.75 8.19 5.93
N SER B 2 7.13 9.46 6.15
CA SER B 2 7.47 10.41 5.07
C SER B 2 8.68 9.88 4.31
N VAL B 3 9.52 9.20 5.04
CA VAL B 3 10.65 8.51 4.51
C VAL B 3 10.45 7.07 4.90
N LYS B 4 10.73 6.13 3.99
CA LYS B 4 10.50 4.70 4.21
C LYS B 4 9.02 4.37 4.28
N VAL B 5 8.61 3.56 3.33
CA VAL B 5 7.23 3.13 3.27
C VAL B 5 6.99 2.06 4.34
N LYS B 6 8.11 1.53 4.89
CA LYS B 6 8.13 0.49 5.93
C LYS B 6 7.21 0.92 7.09
N ILE B 7 6.00 0.35 7.13
CA ILE B 7 5.00 0.86 8.04
C ILE B 7 5.19 0.48 9.54
N LYS B 8 4.89 -0.79 9.93
CA LYS B 8 4.87 -1.22 11.31
C LYS B 8 3.96 -0.27 12.15
N LEU B 9 2.63 -0.38 11.95
CA LEU B 9 1.66 0.46 12.67
C LEU B 9 1.76 0.20 14.16
N GLY B 10 2.35 1.11 14.87
CA GLY B 10 2.52 0.96 16.29
C GLY B 10 3.70 0.10 16.62
N ARG B 11 3.50 -1.20 16.62
CA ARG B 11 4.55 -2.15 16.91
C ARG B 11 5.61 -2.20 15.80
N LYS B 12 6.76 -1.67 16.10
CA LYS B 12 7.91 -1.69 15.21
C LYS B 12 8.92 -2.73 15.68
N ALA A 1 -11.40 24.54 -26.34
CA ALA A 1 -9.99 24.15 -26.26
C ALA A 1 -9.21 25.15 -25.40
N SER A 2 -9.96 25.98 -24.73
CA SER A 2 -9.41 27.06 -23.94
C SER A 2 -9.05 26.61 -22.51
N ALA A 3 -9.76 25.63 -22.01
CA ALA A 3 -9.59 25.21 -20.63
C ALA A 3 -8.31 24.43 -20.41
N SER A 4 -8.14 23.37 -21.14
CA SER A 4 -6.99 22.52 -21.00
C SER A 4 -5.89 22.89 -22.01
N TYR A 5 -6.33 23.26 -23.22
CA TYR A 5 -5.47 23.49 -24.38
C TYR A 5 -4.68 22.22 -24.71
N ASP A 6 -3.59 22.01 -24.03
CA ASP A 6 -2.78 20.83 -24.13
C ASP A 6 -2.21 20.57 -22.77
N SER A 7 -2.17 19.36 -22.38
CA SER A 7 -1.65 18.99 -21.09
C SER A 7 -0.91 17.70 -21.21
N GLU A 8 -0.34 17.50 -22.41
CA GLU A 8 0.30 16.26 -22.81
C GLU A 8 -0.60 15.05 -22.55
N GLU A 9 -1.36 14.71 -23.56
CA GLU A 9 -2.41 13.71 -23.45
C GLU A 9 -1.93 12.27 -23.32
N GLU A 10 -1.45 11.97 -22.15
CA GLU A 10 -1.03 10.66 -21.77
C GLU A 10 -2.14 10.03 -20.96
N GLU A 11 -2.37 8.79 -21.17
CA GLU A 11 -3.40 8.06 -20.46
C GLU A 11 -2.70 7.29 -19.34
N GLU A 12 -3.21 6.15 -18.95
CA GLU A 12 -2.52 5.31 -17.98
C GLU A 12 -1.25 4.73 -18.56
N GLY A 13 -0.19 5.45 -18.36
CA GLY A 13 1.10 5.06 -18.78
C GLY A 13 2.12 5.79 -17.95
N LEU A 14 1.84 5.85 -16.66
CA LEU A 14 2.68 6.57 -15.74
C LEU A 14 3.40 5.58 -14.83
N PRO A 15 4.63 5.88 -14.44
CA PRO A 15 5.38 5.06 -13.50
C PRO A 15 5.08 5.46 -12.07
N MET A 16 5.46 4.66 -11.14
CA MET A 16 5.28 4.95 -9.75
C MET A 16 6.64 5.20 -9.07
N SER A 17 6.92 6.44 -8.77
CA SER A 17 8.19 6.84 -8.17
C SER A 17 8.25 6.42 -6.69
N TYR A 18 9.41 6.56 -6.06
CA TYR A 18 9.61 6.17 -4.66
C TYR A 18 8.76 6.96 -3.69
N ASP A 19 8.59 8.23 -3.96
CA ASP A 19 7.75 9.08 -3.12
C ASP A 19 6.29 8.69 -3.28
N GLU A 20 5.97 8.24 -4.48
CA GLU A 20 4.62 7.79 -4.81
C GLU A 20 4.32 6.48 -4.09
N LYS A 21 5.32 5.59 -4.04
CA LYS A 21 5.23 4.32 -3.29
C LYS A 21 4.97 4.64 -1.84
N ARG A 22 5.70 5.60 -1.39
CA ARG A 22 5.74 5.97 -0.03
C ARG A 22 4.56 6.78 0.41
N GLN A 23 3.93 7.47 -0.50
CA GLN A 23 2.70 8.21 -0.16
C GLN A 23 1.68 7.23 0.48
N LEU A 24 1.70 6.02 -0.02
CA LEU A 24 0.84 4.96 0.48
C LEU A 24 1.28 4.49 1.87
N SER A 25 2.59 4.69 2.19
CA SER A 25 3.15 4.37 3.49
C SER A 25 2.41 5.24 4.52
N LEU A 26 2.19 6.49 4.13
CA LEU A 26 1.56 7.48 4.96
C LEU A 26 0.07 7.20 5.14
N ASP A 27 -0.61 6.67 4.11
CA ASP A 27 -2.05 6.38 4.22
C ASP A 27 -2.37 5.30 5.20
N ILE A 28 -1.56 4.25 5.23
CA ILE A 28 -1.79 3.19 6.20
C ILE A 28 -1.60 3.73 7.64
N ASN A 29 -0.67 4.64 7.82
CA ASN A 29 -0.43 5.27 9.13
C ASN A 29 -1.59 6.26 9.49
N ARG A 30 -2.44 6.56 8.51
CA ARG A 30 -3.62 7.41 8.73
C ARG A 30 -4.83 6.56 9.05
N LEU A 31 -4.79 5.33 8.59
CA LEU A 31 -5.85 4.38 8.79
C LEU A 31 -5.89 3.91 10.23
N PRO A 32 -7.11 3.68 10.77
CA PRO A 32 -7.28 3.31 12.18
C PRO A 32 -6.74 1.92 12.54
N GLY A 33 -6.61 1.70 13.84
CA GLY A 33 -6.00 0.49 14.39
C GLY A 33 -6.76 -0.81 14.10
N GLU A 34 -7.98 -0.70 13.66
CA GLU A 34 -8.79 -1.86 13.29
C GLU A 34 -8.62 -2.18 11.81
N LYS A 35 -8.13 -1.21 11.07
CA LYS A 35 -8.00 -1.34 9.65
C LYS A 35 -6.63 -1.79 9.24
N LEU A 36 -5.64 -1.52 10.09
CA LEU A 36 -4.27 -1.90 9.79
C LEU A 36 -4.15 -3.43 9.55
N GLY A 37 -4.85 -4.20 10.37
CA GLY A 37 -4.83 -5.65 10.24
C GLY A 37 -5.64 -6.11 9.05
N ARG A 38 -6.57 -5.28 8.65
CA ARG A 38 -7.42 -5.54 7.52
C ARG A 38 -6.59 -5.43 6.25
N VAL A 39 -5.89 -4.31 6.12
CA VAL A 39 -5.03 -4.03 4.95
C VAL A 39 -4.05 -5.13 4.72
N VAL A 40 -3.32 -5.52 5.76
CA VAL A 40 -2.27 -6.51 5.66
C VAL A 40 -2.82 -7.80 5.07
N HIS A 41 -4.08 -8.09 5.37
CA HIS A 41 -4.74 -9.30 4.91
C HIS A 41 -5.11 -9.18 3.40
N ILE A 42 -5.64 -8.02 2.99
CA ILE A 42 -5.99 -7.80 1.58
C ILE A 42 -4.75 -7.86 0.72
N ILE A 43 -3.73 -7.11 1.13
CA ILE A 43 -2.49 -7.04 0.36
C ILE A 43 -1.76 -8.43 0.39
N GLN A 44 -2.00 -9.19 1.44
CA GLN A 44 -1.41 -10.52 1.68
C GLN A 44 -1.77 -11.50 0.59
N SER A 45 -2.94 -11.35 0.06
CA SER A 45 -3.42 -12.23 -0.96
C SER A 45 -2.80 -11.86 -2.33
N ARG A 46 -2.13 -10.72 -2.38
CA ARG A 46 -1.58 -10.21 -3.62
C ARG A 46 -0.22 -10.82 -3.92
N GLU A 47 0.64 -10.97 -2.92
CA GLU A 47 1.98 -11.47 -3.21
C GLU A 47 2.46 -12.45 -2.11
N PRO A 48 3.48 -13.30 -2.39
CA PRO A 48 3.92 -14.36 -1.48
C PRO A 48 5.04 -14.01 -0.46
N SER A 49 5.70 -12.86 -0.56
CA SER A 49 6.84 -12.59 0.33
C SER A 49 6.38 -12.24 1.75
N LEU A 50 5.33 -11.43 1.86
CA LEU A 50 4.79 -10.99 3.15
C LEU A 50 4.18 -12.15 3.95
N ARG A 51 3.90 -13.21 3.25
CA ARG A 51 3.23 -14.36 3.81
C ARG A 51 4.19 -15.26 4.58
N ASP A 52 5.47 -14.89 4.56
CA ASP A 52 6.50 -15.62 5.32
C ASP A 52 6.34 -15.31 6.81
N SER A 53 5.89 -14.10 7.10
CA SER A 53 5.64 -13.68 8.47
C SER A 53 4.18 -14.00 8.85
N ASN A 54 3.79 -13.70 10.06
CA ASN A 54 2.45 -14.03 10.52
C ASN A 54 1.47 -12.90 10.29
N PRO A 55 0.14 -13.21 10.35
CA PRO A 55 -0.94 -12.19 10.30
C PRO A 55 -0.90 -11.24 11.50
N ASP A 56 0.01 -11.54 12.41
CA ASP A 56 0.23 -10.78 13.63
C ASP A 56 1.19 -9.62 13.34
N GLU A 57 1.84 -9.69 12.18
CA GLU A 57 2.72 -8.63 11.73
C GLU A 57 1.97 -7.71 10.78
N ILE A 58 2.53 -6.56 10.54
CA ILE A 58 2.03 -5.61 9.59
C ILE A 58 3.15 -4.79 9.02
N GLU A 59 3.54 -5.10 7.83
CA GLU A 59 4.39 -4.27 7.13
C GLU A 59 4.14 -4.14 5.67
N ILE A 60 4.24 -2.93 5.24
CA ILE A 60 4.08 -2.54 3.88
C ILE A 60 5.49 -2.44 3.33
N ASP A 61 5.87 -3.43 2.57
CA ASP A 61 7.21 -3.62 1.97
C ASP A 61 7.65 -2.68 0.81
N PHE A 62 6.74 -1.80 0.40
CA PHE A 62 6.68 -1.04 -0.91
C PHE A 62 7.95 -0.31 -1.41
N GLU A 63 9.03 -0.38 -0.72
CA GLU A 63 10.29 0.03 -1.31
C GLU A 63 10.68 -1.06 -2.32
N THR A 64 10.56 -2.29 -1.86
CA THR A 64 10.96 -3.48 -2.55
C THR A 64 9.78 -4.25 -3.14
N LEU A 65 8.62 -4.06 -2.54
CA LEU A 65 7.42 -4.79 -2.91
C LEU A 65 6.99 -4.55 -4.37
N LYS A 66 6.13 -5.43 -4.85
CA LYS A 66 5.71 -5.47 -6.23
C LYS A 66 4.74 -4.32 -6.56
N PRO A 67 4.92 -3.65 -7.73
CA PRO A 67 4.05 -2.54 -8.16
C PRO A 67 2.55 -2.91 -8.25
N THR A 68 2.26 -4.13 -8.64
CA THR A 68 0.88 -4.60 -8.73
C THR A 68 0.26 -4.77 -7.34
N THR A 69 1.10 -5.09 -6.39
CA THR A 69 0.73 -5.23 -5.01
C THR A 69 0.61 -3.82 -4.39
N LEU A 70 1.45 -2.93 -4.87
CA LEU A 70 1.50 -1.55 -4.46
C LEU A 70 0.19 -0.86 -4.80
N ARG A 71 -0.26 -1.05 -6.04
CA ARG A 71 -1.49 -0.41 -6.50
C ARG A 71 -2.71 -0.89 -5.71
N GLU A 72 -2.61 -2.09 -5.13
CA GLU A 72 -3.68 -2.65 -4.31
C GLU A 72 -3.94 -1.75 -3.10
N LEU A 73 -2.90 -1.26 -2.48
CA LEU A 73 -3.07 -0.41 -1.32
C LEU A 73 -3.65 0.92 -1.73
N GLU A 74 -3.33 1.35 -2.94
CA GLU A 74 -3.85 2.59 -3.49
C GLU A 74 -5.38 2.41 -3.68
N ARG A 75 -5.76 1.22 -4.17
CA ARG A 75 -7.18 0.86 -4.36
C ARG A 75 -7.87 0.78 -3.00
N TYR A 76 -7.16 0.26 -2.02
CA TYR A 76 -7.66 0.15 -0.68
C TYR A 76 -7.99 1.53 -0.12
N VAL A 77 -7.11 2.48 -0.34
CA VAL A 77 -7.33 3.80 0.19
C VAL A 77 -8.52 4.46 -0.53
N LYS A 78 -8.71 4.10 -1.81
CA LYS A 78 -9.90 4.55 -2.57
C LYS A 78 -11.14 3.97 -1.90
N SER A 79 -11.00 2.73 -1.43
CA SER A 79 -12.08 2.02 -0.75
C SER A 79 -12.37 2.71 0.59
N CYS A 80 -11.31 3.19 1.23
CA CYS A 80 -11.43 3.97 2.44
C CYS A 80 -12.22 5.24 2.15
N LEU A 81 -11.87 5.87 1.03
CA LEU A 81 -12.46 7.12 0.58
C LEU A 81 -13.87 6.96 0.02
N GLN A 82 -14.47 5.77 0.18
CA GLN A 82 -15.88 5.61 -0.17
C GLN A 82 -16.68 6.42 0.85
N LYS A 83 -16.10 6.49 2.03
CA LYS A 83 -16.65 7.17 3.13
C LYS A 83 -15.92 8.50 3.28
N LYS A 84 -14.65 8.38 3.63
CA LYS A 84 -13.75 9.48 3.91
C LYS A 84 -12.52 8.82 4.50
N GLN A 85 -11.50 9.53 4.86
CA GLN A 85 -10.41 8.91 5.52
C GLN A 85 -10.51 9.25 7.00
N ARG A 86 -10.02 8.36 7.84
CA ARG A 86 -10.08 8.54 9.27
C ARG A 86 -9.33 9.78 9.71
N LYS A 87 -10.01 10.58 10.48
CA LYS A 87 -9.46 11.73 11.07
C LYS A 87 -9.05 11.33 12.47
N ARG B 1 13.99 10.51 8.89
CA ARG B 1 13.41 9.25 9.39
C ARG B 1 12.13 8.92 8.63
N SER B 2 11.91 9.56 7.51
CA SER B 2 10.65 9.44 6.85
C SER B 2 10.74 8.69 5.52
N VAL B 3 11.82 7.96 5.29
CA VAL B 3 11.94 7.15 4.08
C VAL B 3 11.78 5.68 4.46
N LYS B 4 11.77 4.81 3.45
CA LYS B 4 11.55 3.36 3.60
C LYS B 4 10.11 3.03 3.81
N VAL B 5 9.49 2.60 2.76
CA VAL B 5 8.14 2.16 2.83
C VAL B 5 8.15 0.75 3.40
N LYS B 6 8.15 0.70 4.72
CA LYS B 6 8.04 -0.48 5.56
C LYS B 6 7.21 -0.05 6.74
N ILE B 7 5.90 -0.25 6.67
CA ILE B 7 5.00 0.34 7.67
C ILE B 7 5.30 -0.01 9.15
N LYS B 8 5.09 -1.29 9.55
CA LYS B 8 5.08 -1.70 10.94
C LYS B 8 4.25 -0.73 11.79
N LEU B 9 2.93 -0.92 11.77
CA LEU B 9 1.99 -0.03 12.44
C LEU B 9 2.34 0.08 13.93
N GLY B 10 2.80 1.25 14.34
CA GLY B 10 3.15 1.46 15.71
C GLY B 10 4.66 1.56 15.94
N ARG B 11 5.44 1.33 14.89
CA ARG B 11 6.90 1.36 15.02
C ARG B 11 7.42 2.79 15.03
N LYS B 12 7.71 3.31 16.20
CA LYS B 12 8.29 4.64 16.35
C LYS B 12 9.25 4.66 17.53
N ALA A 1 4.45 31.62 -21.34
CA ALA A 1 3.53 31.40 -22.44
C ALA A 1 2.60 30.23 -22.14
N SER A 2 2.64 29.77 -20.91
CA SER A 2 1.86 28.63 -20.46
C SER A 2 0.33 28.91 -20.48
N ALA A 3 -0.04 30.17 -20.59
CA ALA A 3 -1.42 30.55 -20.70
C ALA A 3 -1.97 30.20 -22.08
N SER A 4 -1.24 30.56 -23.11
CA SER A 4 -1.70 30.33 -24.47
C SER A 4 -1.23 28.97 -24.99
N TYR A 5 -0.10 28.52 -24.48
CA TYR A 5 0.47 27.26 -24.87
C TYR A 5 0.21 26.20 -23.81
N ASP A 6 -0.48 25.16 -24.22
CA ASP A 6 -0.74 24.01 -23.36
C ASP A 6 0.59 23.34 -23.12
N SER A 7 1.10 23.48 -21.93
CA SER A 7 2.41 23.00 -21.59
C SER A 7 2.45 21.48 -21.43
N GLU A 8 1.26 20.89 -21.28
CA GLU A 8 1.06 19.45 -21.13
C GLU A 8 1.71 18.91 -19.88
N GLU A 9 0.90 18.85 -18.86
CA GLU A 9 1.26 18.36 -17.57
C GLU A 9 1.63 16.87 -17.65
N GLU A 10 2.28 16.37 -16.62
CA GLU A 10 2.71 14.99 -16.57
C GLU A 10 1.55 14.02 -16.67
N GLU A 11 1.75 12.97 -17.46
CA GLU A 11 0.75 11.94 -17.70
C GLU A 11 0.25 11.31 -16.40
N GLU A 12 -0.98 10.82 -16.43
CA GLU A 12 -1.57 10.13 -15.29
C GLU A 12 -1.11 8.66 -15.25
N GLY A 13 -0.26 8.31 -16.21
CA GLY A 13 0.35 7.03 -16.28
C GLY A 13 1.60 7.08 -15.46
N LEU A 14 1.37 7.19 -14.19
CA LEU A 14 2.37 7.37 -13.18
C LEU A 14 3.32 6.19 -13.07
N PRO A 15 4.62 6.48 -13.01
CA PRO A 15 5.62 5.45 -12.78
C PRO A 15 5.76 5.17 -11.29
N MET A 16 6.41 4.10 -10.93
CA MET A 16 6.57 3.84 -9.53
C MET A 16 7.81 4.53 -9.00
N SER A 17 7.61 5.57 -8.30
CA SER A 17 8.68 6.29 -7.69
C SER A 17 8.69 5.92 -6.21
N TYR A 18 9.81 6.12 -5.54
CA TYR A 18 9.89 5.82 -4.12
C TYR A 18 8.90 6.66 -3.34
N ASP A 19 8.73 7.90 -3.75
CA ASP A 19 7.76 8.81 -3.13
C ASP A 19 6.32 8.34 -3.41
N GLU A 20 6.10 7.85 -4.61
CA GLU A 20 4.77 7.37 -5.01
C GLU A 20 4.36 6.14 -4.24
N LYS A 21 5.30 5.23 -4.00
CA LYS A 21 5.03 4.04 -3.18
C LYS A 21 4.77 4.48 -1.74
N ARG A 22 5.42 5.52 -1.40
CA ARG A 22 5.46 6.03 -0.07
C ARG A 22 4.24 6.81 0.30
N GLN A 23 3.58 7.37 -0.67
CA GLN A 23 2.31 8.06 -0.47
C GLN A 23 1.35 7.07 0.23
N LEU A 24 1.55 5.78 -0.08
CA LEU A 24 0.78 4.72 0.51
C LEU A 24 1.20 4.42 1.98
N SER A 25 2.51 4.63 2.35
CA SER A 25 2.88 4.47 3.78
C SER A 25 2.12 5.48 4.61
N LEU A 26 1.91 6.63 4.00
CA LEU A 26 1.22 7.72 4.62
C LEU A 26 -0.25 7.41 4.82
N ASP A 27 -0.86 6.65 3.90
CA ASP A 27 -2.26 6.25 4.09
C ASP A 27 -2.40 5.18 5.12
N ILE A 28 -1.56 4.17 5.11
CA ILE A 28 -1.68 3.14 6.14
C ILE A 28 -1.45 3.74 7.56
N ASN A 29 -0.53 4.71 7.65
CA ASN A 29 -0.25 5.40 8.91
C ASN A 29 -1.43 6.34 9.30
N ARG A 30 -2.28 6.59 8.33
CA ARG A 30 -3.41 7.49 8.43
C ARG A 30 -4.67 6.71 8.86
N LEU A 31 -4.67 5.43 8.55
CA LEU A 31 -5.74 4.55 8.91
C LEU A 31 -5.68 4.08 10.37
N PRO A 32 -6.84 3.70 10.93
CA PRO A 32 -6.96 3.23 12.32
C PRO A 32 -6.56 1.75 12.52
N GLY A 33 -6.49 1.36 13.80
CA GLY A 33 -6.07 0.03 14.22
C GLY A 33 -6.87 -1.10 13.61
N GLU A 34 -8.13 -0.89 13.43
CA GLU A 34 -9.02 -1.92 12.90
C GLU A 34 -8.84 -2.11 11.41
N LYS A 35 -8.30 -1.11 10.74
CA LYS A 35 -8.09 -1.20 9.31
C LYS A 35 -6.70 -1.74 8.99
N LEU A 36 -5.71 -1.38 9.82
CA LEU A 36 -4.30 -1.73 9.58
C LEU A 36 -4.07 -3.23 9.40
N GLY A 37 -4.67 -4.04 10.28
CA GLY A 37 -4.46 -5.48 10.21
C GLY A 37 -5.13 -6.10 9.03
N ARG A 38 -6.20 -5.47 8.57
CA ARG A 38 -6.91 -5.95 7.41
C ARG A 38 -6.04 -5.80 6.19
N VAL A 39 -5.45 -4.61 6.04
CA VAL A 39 -4.62 -4.26 4.87
C VAL A 39 -3.59 -5.33 4.64
N VAL A 40 -2.88 -5.64 5.68
CA VAL A 40 -1.82 -6.59 5.65
C VAL A 40 -2.29 -7.96 5.13
N HIS A 41 -3.52 -8.31 5.42
CA HIS A 41 -4.09 -9.55 4.90
C HIS A 41 -4.48 -9.39 3.42
N ILE A 42 -5.16 -8.27 3.07
CA ILE A 42 -5.64 -8.04 1.70
C ILE A 42 -4.47 -8.03 0.73
N ILE A 43 -3.42 -7.32 1.10
CA ILE A 43 -2.26 -7.20 0.24
C ILE A 43 -1.53 -8.58 0.13
N GLN A 44 -1.51 -9.32 1.23
CA GLN A 44 -0.81 -10.61 1.33
C GLN A 44 -1.63 -11.75 0.70
N SER A 45 -2.83 -11.43 0.27
CA SER A 45 -3.65 -12.39 -0.45
C SER A 45 -3.12 -12.47 -1.90
N ARG A 46 -2.33 -11.49 -2.30
CA ARG A 46 -1.77 -11.49 -3.64
C ARG A 46 -0.42 -12.13 -3.60
N GLU A 47 0.39 -11.71 -2.67
CA GLU A 47 1.67 -12.31 -2.46
C GLU A 47 1.69 -12.90 -1.06
N PRO A 48 1.52 -14.22 -0.91
CA PRO A 48 1.55 -14.91 0.39
C PRO A 48 2.86 -14.70 1.15
N SER A 49 3.90 -14.37 0.43
CA SER A 49 5.20 -14.12 0.99
C SER A 49 5.37 -12.64 1.38
N LEU A 50 4.29 -11.83 1.20
CA LEU A 50 4.28 -10.36 1.42
C LEU A 50 5.06 -9.95 2.65
N ARG A 51 4.51 -10.20 3.83
CA ARG A 51 5.22 -9.76 4.97
C ARG A 51 6.16 -10.83 5.42
N ASP A 52 5.59 -11.97 5.60
CA ASP A 52 6.32 -13.19 5.93
C ASP A 52 5.54 -14.32 5.34
N SER A 53 4.25 -14.21 5.62
CA SER A 53 3.18 -15.09 5.26
C SER A 53 2.12 -14.81 6.32
N ASN A 54 2.64 -14.42 7.49
CA ASN A 54 1.84 -13.99 8.63
C ASN A 54 1.18 -12.63 8.38
N PRO A 55 -0.14 -12.51 8.64
CA PRO A 55 -0.90 -11.28 8.42
C PRO A 55 -0.92 -10.32 9.63
N ASP A 56 -0.31 -10.71 10.74
CA ASP A 56 -0.37 -9.86 11.93
C ASP A 56 0.70 -8.79 11.88
N GLU A 57 1.92 -9.20 11.54
CA GLU A 57 3.05 -8.29 11.43
C GLU A 57 2.84 -7.25 10.36
N ILE A 58 2.53 -6.06 10.77
CA ILE A 58 2.33 -5.00 9.87
C ILE A 58 3.60 -4.21 9.68
N GLU A 59 4.23 -4.46 8.60
CA GLU A 59 5.36 -3.71 8.25
C GLU A 59 5.35 -3.51 6.80
N ILE A 60 5.68 -2.37 6.42
CA ILE A 60 5.47 -1.99 5.03
C ILE A 60 6.69 -1.84 4.12
N ASP A 61 7.18 -2.97 3.79
CA ASP A 61 8.28 -3.24 2.85
C ASP A 61 8.20 -2.59 1.46
N PHE A 62 7.13 -1.86 1.21
CA PHE A 62 6.66 -1.34 -0.09
C PHE A 62 7.72 -0.65 -0.93
N GLU A 63 8.80 -0.19 -0.33
CA GLU A 63 9.92 0.36 -1.08
C GLU A 63 10.39 -0.68 -2.13
N THR A 64 10.47 -1.92 -1.67
CA THR A 64 10.99 -3.04 -2.43
C THR A 64 9.85 -3.78 -3.21
N LEU A 65 8.60 -3.50 -2.84
CA LEU A 65 7.46 -4.24 -3.37
C LEU A 65 7.15 -3.88 -4.85
N LYS A 66 6.46 -4.80 -5.54
CA LYS A 66 6.12 -4.69 -6.94
C LYS A 66 4.82 -3.90 -7.13
N PRO A 67 4.68 -3.18 -8.27
CA PRO A 67 3.52 -2.30 -8.54
C PRO A 67 2.17 -2.99 -8.47
N THR A 68 2.07 -4.20 -9.00
CA THR A 68 0.80 -4.93 -9.01
C THR A 68 0.28 -5.18 -7.56
N THR A 69 1.19 -5.40 -6.64
CA THR A 69 0.82 -5.64 -5.27
C THR A 69 0.63 -4.27 -4.56
N LEU A 70 1.42 -3.28 -5.00
CA LEU A 70 1.34 -1.90 -4.53
C LEU A 70 -0.06 -1.34 -4.78
N ARG A 71 -0.57 -1.61 -5.97
CA ARG A 71 -1.86 -1.11 -6.40
C ARG A 71 -3.00 -1.68 -5.58
N GLU A 72 -2.81 -2.84 -4.96
CA GLU A 72 -3.84 -3.43 -4.12
C GLU A 72 -4.18 -2.48 -2.97
N LEU A 73 -3.14 -1.90 -2.38
CA LEU A 73 -3.36 -0.95 -1.31
C LEU A 73 -3.95 0.33 -1.86
N GLU A 74 -3.59 0.68 -3.08
CA GLU A 74 -4.12 1.87 -3.75
C GLU A 74 -5.65 1.71 -3.90
N ARG A 75 -6.08 0.49 -4.29
CA ARG A 75 -7.51 0.13 -4.41
C ARG A 75 -8.16 0.21 -3.05
N TYR A 76 -7.48 -0.35 -2.07
CA TYR A 76 -7.94 -0.40 -0.69
C TYR A 76 -8.19 1.02 -0.18
N VAL A 77 -7.22 1.89 -0.37
CA VAL A 77 -7.29 3.24 0.12
C VAL A 77 -8.44 4.00 -0.57
N LYS A 78 -8.75 3.67 -1.85
CA LYS A 78 -9.89 4.29 -2.55
C LYS A 78 -11.16 4.09 -1.71
N SER A 79 -11.36 2.86 -1.28
CA SER A 79 -12.52 2.48 -0.49
C SER A 79 -12.48 3.15 0.89
N CYS A 80 -11.30 3.38 1.41
CA CYS A 80 -11.13 4.06 2.67
C CYS A 80 -11.39 5.56 2.52
N LEU A 81 -11.41 6.04 1.30
CA LEU A 81 -11.66 7.44 1.00
C LEU A 81 -13.14 7.65 0.72
N GLN A 82 -13.91 6.62 0.97
CA GLN A 82 -15.33 6.66 0.76
C GLN A 82 -16.05 6.83 2.09
N LYS A 83 -17.30 6.42 2.12
CA LYS A 83 -18.14 6.53 3.28
C LYS A 83 -18.04 5.25 4.11
N LYS A 84 -18.74 5.21 5.23
CA LYS A 84 -18.76 4.03 6.08
C LYS A 84 -19.27 2.84 5.30
N GLN A 85 -18.61 1.73 5.40
CA GLN A 85 -19.00 0.57 4.68
C GLN A 85 -20.13 -0.13 5.41
N ARG A 86 -21.13 -0.56 4.66
CA ARG A 86 -22.29 -1.21 5.22
C ARG A 86 -21.98 -2.61 5.68
N LYS A 87 -22.89 -3.13 6.43
CA LYS A 87 -22.85 -4.47 6.89
C LYS A 87 -24.19 -5.06 6.56
N ARG B 1 14.67 13.94 4.45
CA ARG B 1 13.69 13.02 3.92
C ARG B 1 14.04 11.61 4.32
N SER B 2 13.14 10.96 5.00
CA SER B 2 13.32 9.57 5.32
C SER B 2 12.54 8.77 4.28
N VAL B 3 13.22 8.29 3.28
CA VAL B 3 12.58 7.59 2.21
C VAL B 3 12.49 6.11 2.52
N LYS B 4 11.38 5.73 3.09
CA LYS B 4 11.04 4.36 3.37
C LYS B 4 9.56 4.31 3.57
N VAL B 5 8.97 3.25 3.13
CA VAL B 5 7.54 3.10 3.20
C VAL B 5 7.22 2.13 4.34
N LYS B 6 8.29 1.59 4.95
CA LYS B 6 8.23 0.58 6.04
C LYS B 6 7.33 1.11 7.18
N ILE B 7 6.14 0.51 7.32
CA ILE B 7 5.15 1.07 8.23
C ILE B 7 5.41 0.82 9.74
N LYS B 8 5.18 -0.45 10.19
CA LYS B 8 5.11 -0.83 11.59
C LYS B 8 4.05 0.02 12.30
N LEU B 9 2.78 -0.36 12.13
CA LEU B 9 1.68 0.35 12.79
C LEU B 9 1.78 0.08 14.27
N GLY B 10 2.25 1.04 14.99
CA GLY B 10 2.45 0.88 16.39
C GLY B 10 3.90 1.05 16.72
N ARG B 11 4.44 2.17 16.28
CA ARG B 11 5.84 2.51 16.46
C ARG B 11 6.15 2.75 17.93
N LYS B 12 6.57 1.69 18.58
CA LYS B 12 6.85 1.63 20.00
C LYS B 12 7.96 2.62 20.38
N ALA A 1 16.57 18.12 -12.11
CA ALA A 1 15.91 17.66 -13.33
C ALA A 1 16.57 18.25 -14.57
N SER A 2 17.45 19.23 -14.36
CA SER A 2 18.10 19.92 -15.47
C SER A 2 19.08 19.02 -16.24
N ALA A 3 19.63 18.01 -15.57
CA ALA A 3 20.59 17.12 -16.20
C ALA A 3 19.89 16.21 -17.20
N SER A 4 18.62 15.97 -16.98
CA SER A 4 17.84 15.13 -17.84
C SER A 4 17.07 15.97 -18.89
N TYR A 5 17.05 17.31 -18.67
CA TYR A 5 16.31 18.28 -19.47
C TYR A 5 14.78 18.01 -19.39
N ASP A 6 14.36 17.03 -20.13
CA ASP A 6 13.03 16.46 -20.12
C ASP A 6 13.04 15.32 -21.08
N SER A 7 13.25 14.15 -20.55
CA SER A 7 13.32 13.00 -21.39
C SER A 7 11.93 12.42 -21.59
N GLU A 8 11.35 11.91 -20.50
CA GLU A 8 10.04 11.25 -20.51
C GLU A 8 10.09 10.10 -21.52
N GLU A 9 10.82 9.07 -21.17
CA GLU A 9 11.00 7.97 -22.08
C GLU A 9 10.29 6.72 -21.58
N GLU A 10 10.27 5.71 -22.44
CA GLU A 10 9.70 4.39 -22.18
C GLU A 10 8.18 4.37 -22.23
N GLU A 11 7.62 3.19 -22.06
CA GLU A 11 6.19 2.98 -22.22
C GLU A 11 5.55 2.66 -20.89
N GLU A 12 6.11 3.17 -19.83
CA GLU A 12 5.60 2.89 -18.53
C GLU A 12 4.50 3.85 -18.18
N GLY A 13 3.37 3.30 -17.86
CA GLY A 13 2.22 4.08 -17.50
C GLY A 13 2.27 4.46 -16.07
N LEU A 14 2.82 3.57 -15.28
CA LEU A 14 3.00 3.82 -13.88
C LEU A 14 4.49 3.90 -13.59
N PRO A 15 5.02 5.10 -13.39
CA PRO A 15 6.43 5.28 -13.08
C PRO A 15 6.74 4.86 -11.65
N MET A 16 7.99 4.70 -11.35
CA MET A 16 8.38 4.22 -10.06
C MET A 16 9.33 5.19 -9.42
N SER A 17 8.89 5.83 -8.38
CA SER A 17 9.73 6.72 -7.65
C SER A 17 9.55 6.45 -6.16
N TYR A 18 10.41 7.06 -5.35
CA TYR A 18 10.40 6.89 -3.90
C TYR A 18 9.05 7.24 -3.33
N ASP A 19 8.59 8.41 -3.68
CA ASP A 19 7.34 8.95 -3.14
C ASP A 19 6.12 8.24 -3.65
N GLU A 20 6.15 7.76 -4.87
CA GLU A 20 5.01 7.06 -5.41
C GLU A 20 4.75 5.75 -4.68
N LYS A 21 5.82 5.08 -4.31
CA LYS A 21 5.73 3.88 -3.48
C LYS A 21 5.27 4.28 -2.10
N ARG A 22 5.98 5.23 -1.58
CA ARG A 22 5.92 5.58 -0.23
C ARG A 22 4.74 6.41 0.25
N GLN A 23 4.15 7.19 -0.62
CA GLN A 23 3.01 8.04 -0.26
C GLN A 23 1.89 7.20 0.38
N LEU A 24 1.76 5.97 -0.09
CA LEU A 24 0.75 5.09 0.43
C LEU A 24 1.08 4.56 1.83
N SER A 25 2.37 4.56 2.21
CA SER A 25 2.75 4.13 3.56
C SER A 25 2.19 5.14 4.59
N LEU A 26 2.12 6.38 4.17
CA LEU A 26 1.56 7.39 5.00
C LEU A 26 0.04 7.23 5.13
N ASP A 27 -0.61 6.70 4.07
CA ASP A 27 -2.08 6.45 4.10
C ASP A 27 -2.46 5.38 5.07
N ILE A 28 -1.73 4.29 5.06
CA ILE A 28 -1.97 3.21 5.99
C ILE A 28 -1.80 3.71 7.43
N ASN A 29 -0.84 4.61 7.65
CA ASN A 29 -0.62 5.25 8.99
C ASN A 29 -1.83 6.07 9.44
N ARG A 30 -2.74 6.34 8.54
CA ARG A 30 -3.93 7.12 8.84
C ARG A 30 -5.07 6.19 9.26
N LEU A 31 -4.97 4.95 8.87
CA LEU A 31 -6.03 3.97 9.10
C LEU A 31 -6.00 3.34 10.51
N PRO A 32 -7.21 3.17 11.13
CA PRO A 32 -7.37 2.56 12.46
C PRO A 32 -7.04 1.05 12.52
N GLY A 33 -7.03 0.50 13.74
CA GLY A 33 -6.67 -0.88 14.03
C GLY A 33 -7.40 -1.91 13.19
N GLU A 34 -8.72 -1.85 13.19
CA GLU A 34 -9.52 -2.81 12.47
C GLU A 34 -9.44 -2.63 10.93
N LYS A 35 -8.76 -1.60 10.50
CA LYS A 35 -8.50 -1.40 9.10
C LYS A 35 -7.08 -1.83 8.76
N LEU A 36 -6.13 -1.56 9.66
CA LEU A 36 -4.72 -1.88 9.43
C LEU A 36 -4.52 -3.40 9.37
N GLY A 37 -5.23 -4.13 10.23
CA GLY A 37 -5.12 -5.57 10.19
C GLY A 37 -5.85 -6.12 8.99
N ARG A 38 -6.94 -5.48 8.69
CA ARG A 38 -7.81 -5.85 7.59
C ARG A 38 -7.07 -5.77 6.27
N VAL A 39 -6.45 -4.64 6.03
CA VAL A 39 -5.73 -4.41 4.78
C VAL A 39 -4.61 -5.43 4.57
N VAL A 40 -3.92 -5.79 5.64
CA VAL A 40 -2.86 -6.78 5.59
C VAL A 40 -3.41 -8.13 5.11
N HIS A 41 -4.67 -8.36 5.39
CA HIS A 41 -5.36 -9.58 5.00
C HIS A 41 -5.69 -9.55 3.49
N ILE A 42 -6.15 -8.38 3.02
CA ILE A 42 -6.55 -8.19 1.62
C ILE A 42 -5.33 -8.17 0.68
N ILE A 43 -4.30 -7.43 1.07
CA ILE A 43 -3.07 -7.33 0.24
C ILE A 43 -2.39 -8.71 0.16
N GLN A 44 -2.51 -9.46 1.25
CA GLN A 44 -1.97 -10.82 1.38
C GLN A 44 -2.62 -11.78 0.39
N SER A 45 -3.83 -11.46 -0.05
CA SER A 45 -4.53 -12.25 -1.03
C SER A 45 -3.89 -12.08 -2.42
N ARG A 46 -3.00 -11.11 -2.55
CA ARG A 46 -2.27 -10.97 -3.77
C ARG A 46 -0.90 -11.59 -3.64
N GLU A 47 -0.09 -11.01 -2.80
CA GLU A 47 1.26 -11.47 -2.67
C GLU A 47 1.48 -12.14 -1.32
N PRO A 48 2.15 -13.28 -1.32
CA PRO A 48 2.44 -14.04 -0.11
C PRO A 48 3.71 -13.54 0.61
N SER A 49 4.45 -12.66 -0.04
CA SER A 49 5.74 -12.14 0.42
C SER A 49 5.73 -11.68 1.89
N LEU A 50 4.67 -11.00 2.32
CA LEU A 50 4.60 -10.48 3.70
C LEU A 50 4.30 -11.61 4.71
N ARG A 51 3.99 -12.79 4.21
CA ARG A 51 3.68 -13.93 5.07
C ARG A 51 4.95 -14.59 5.57
N ASP A 52 6.06 -14.20 4.96
CA ASP A 52 7.37 -14.69 5.41
C ASP A 52 7.87 -13.81 6.51
N SER A 53 7.13 -12.77 6.74
CA SER A 53 7.32 -11.91 7.85
C SER A 53 6.22 -12.30 8.83
N ASN A 54 6.02 -11.57 9.87
CA ASN A 54 4.99 -11.94 10.81
C ASN A 54 3.64 -11.46 10.28
N PRO A 55 2.69 -12.39 10.02
CA PRO A 55 1.33 -12.05 9.48
C PRO A 55 0.54 -11.13 10.42
N ASP A 56 0.96 -11.12 11.67
CA ASP A 56 0.35 -10.30 12.69
C ASP A 56 0.92 -8.89 12.63
N GLU A 57 2.14 -8.77 12.17
CA GLU A 57 2.78 -7.50 12.10
C GLU A 57 2.47 -6.90 10.75
N ILE A 58 2.05 -5.70 10.78
CA ILE A 58 1.74 -4.99 9.60
C ILE A 58 2.97 -4.26 9.14
N GLU A 59 3.60 -4.77 8.16
CA GLU A 59 4.75 -4.17 7.62
C GLU A 59 4.72 -4.27 6.11
N ILE A 60 5.23 -3.25 5.47
CA ILE A 60 4.91 -3.00 4.10
C ILE A 60 6.03 -3.21 3.06
N ASP A 61 5.63 -3.90 2.01
CA ASP A 61 6.44 -4.36 0.86
C ASP A 61 6.85 -3.27 -0.15
N PHE A 62 6.30 -2.07 -0.03
CA PHE A 62 6.36 -1.00 -1.07
C PHE A 62 7.73 -0.66 -1.59
N GLU A 63 8.70 -0.78 -0.79
CA GLU A 63 10.00 -0.35 -1.19
C GLU A 63 10.61 -1.31 -2.18
N THR A 64 10.41 -2.58 -2.00
CA THR A 64 11.04 -3.56 -2.84
C THR A 64 10.05 -4.14 -3.87
N LEU A 65 8.79 -4.14 -3.53
CA LEU A 65 7.79 -4.75 -4.37
C LEU A 65 7.24 -3.74 -5.39
N LYS A 66 6.47 -4.21 -6.33
CA LYS A 66 6.09 -3.44 -7.50
C LYS A 66 4.62 -2.93 -7.45
N PRO A 67 4.23 -2.00 -8.41
CA PRO A 67 2.89 -1.43 -8.48
C PRO A 67 1.74 -2.45 -8.54
N THR A 68 2.04 -3.69 -8.88
CA THR A 68 1.04 -4.74 -8.97
C THR A 68 0.37 -4.98 -7.61
N THR A 69 1.14 -4.96 -6.54
CA THR A 69 0.58 -5.14 -5.22
C THR A 69 0.05 -3.81 -4.72
N LEU A 70 0.80 -2.77 -5.06
CA LEU A 70 0.52 -1.40 -4.64
C LEU A 70 -0.87 -0.96 -5.10
N ARG A 71 -1.29 -1.40 -6.27
CA ARG A 71 -2.57 -1.03 -6.84
C ARG A 71 -3.73 -1.55 -5.95
N GLU A 72 -3.48 -2.61 -5.18
CA GLU A 72 -4.50 -3.15 -4.26
C GLU A 72 -4.63 -2.18 -3.08
N LEU A 73 -3.48 -1.79 -2.53
CA LEU A 73 -3.42 -0.88 -1.38
C LEU A 73 -3.97 0.48 -1.79
N GLU A 74 -3.65 0.87 -3.03
CA GLU A 74 -4.10 2.12 -3.64
C GLU A 74 -5.60 2.15 -3.62
N ARG A 75 -6.16 1.10 -4.14
CA ARG A 75 -7.57 0.93 -4.24
C ARG A 75 -8.21 0.92 -2.86
N TYR A 76 -7.57 0.22 -1.95
CA TYR A 76 -8.03 0.09 -0.61
C TYR A 76 -8.14 1.45 0.09
N VAL A 77 -7.08 2.24 0.05
CA VAL A 77 -7.07 3.50 0.77
C VAL A 77 -8.00 4.52 0.13
N LYS A 78 -8.15 4.49 -1.19
CA LYS A 78 -9.08 5.40 -1.85
C LYS A 78 -10.51 5.05 -1.45
N SER A 79 -10.76 3.76 -1.28
CA SER A 79 -12.05 3.26 -0.86
C SER A 79 -12.32 3.69 0.60
N CYS A 80 -11.26 3.78 1.38
CA CYS A 80 -11.36 4.20 2.75
C CYS A 80 -11.59 5.70 2.88
N LEU A 81 -10.93 6.46 2.02
CA LEU A 81 -10.99 7.91 2.06
C LEU A 81 -12.31 8.46 1.55
N GLN A 82 -12.86 7.83 0.54
CA GLN A 82 -14.12 8.26 -0.03
C GLN A 82 -15.27 7.96 0.93
N LYS A 83 -16.41 8.55 0.68
CA LYS A 83 -17.57 8.29 1.46
C LYS A 83 -18.23 7.03 0.94
N LYS A 84 -17.74 5.91 1.37
CA LYS A 84 -18.30 4.66 0.95
C LYS A 84 -19.44 4.27 1.86
N GLN A 85 -20.60 4.80 1.55
CA GLN A 85 -21.82 4.58 2.32
C GLN A 85 -22.97 4.36 1.37
N ARG A 86 -23.92 3.55 1.75
CA ARG A 86 -25.08 3.31 0.93
C ARG A 86 -26.24 4.13 1.46
N LYS A 87 -27.16 4.45 0.59
CA LYS A 87 -28.31 5.23 0.93
C LYS A 87 -29.33 4.99 -0.13
N ARG B 1 16.56 11.76 6.63
CA ARG B 1 15.29 11.08 6.87
C ARG B 1 14.79 10.53 5.56
N SER B 2 13.72 9.76 5.61
CA SER B 2 13.06 9.19 4.47
C SER B 2 13.93 8.21 3.70
N VAL B 3 13.97 7.02 4.23
CA VAL B 3 14.67 5.93 3.63
C VAL B 3 13.82 4.67 3.78
N LYS B 4 13.42 4.14 2.65
CA LYS B 4 12.61 2.93 2.53
C LYS B 4 11.14 3.12 2.88
N VAL B 5 10.35 2.10 2.59
CA VAL B 5 8.93 2.13 2.78
C VAL B 5 8.47 0.87 3.49
N LYS B 6 8.50 0.93 4.79
CA LYS B 6 7.97 -0.11 5.66
C LYS B 6 6.99 0.56 6.57
N ILE B 7 5.92 -0.11 6.96
CA ILE B 7 4.97 0.59 7.76
C ILE B 7 5.14 0.34 9.30
N LYS B 8 4.70 -0.84 9.79
CA LYS B 8 4.51 -1.13 11.22
C LYS B 8 3.59 -0.12 11.88
N LEU B 9 2.28 -0.39 11.77
CA LEU B 9 1.24 0.48 12.30
C LEU B 9 1.40 0.60 13.81
N GLY B 10 1.66 1.77 14.25
CA GLY B 10 1.92 2.03 15.62
C GLY B 10 2.96 3.09 15.72
N ARG B 11 3.38 3.42 16.90
CA ARG B 11 4.37 4.45 17.06
C ARG B 11 5.24 4.19 18.28
N LYS B 12 6.18 3.31 18.09
CA LYS B 12 7.21 2.95 19.05
C LYS B 12 8.44 2.49 18.31
N ALA A 1 -12.99 2.03 -18.77
CA ALA A 1 -12.57 3.38 -19.07
C ALA A 1 -13.18 4.33 -18.07
N SER A 2 -13.78 3.73 -17.06
CA SER A 2 -14.45 4.44 -16.01
C SER A 2 -13.47 5.34 -15.23
N ALA A 3 -12.22 4.86 -15.09
CA ALA A 3 -11.17 5.61 -14.40
C ALA A 3 -10.92 6.94 -15.11
N SER A 4 -10.89 6.87 -16.41
CA SER A 4 -10.62 8.01 -17.25
C SER A 4 -11.82 8.96 -17.27
N TYR A 5 -13.01 8.41 -17.08
CA TYR A 5 -14.23 9.20 -17.11
C TYR A 5 -14.49 9.87 -15.76
N ASP A 6 -14.87 9.09 -14.78
CA ASP A 6 -15.27 9.61 -13.47
C ASP A 6 -14.93 8.59 -12.42
N SER A 7 -13.89 8.84 -11.69
CA SER A 7 -13.42 7.92 -10.68
C SER A 7 -13.26 8.59 -9.32
N GLU A 8 -13.80 9.81 -9.23
CA GLU A 8 -13.79 10.64 -8.01
C GLU A 8 -12.39 11.13 -7.67
N GLU A 9 -12.06 12.32 -8.20
CA GLU A 9 -10.80 13.01 -7.96
C GLU A 9 -9.60 12.23 -8.51
N GLU A 10 -9.85 11.36 -9.45
CA GLU A 10 -8.80 10.52 -9.96
C GLU A 10 -8.72 10.65 -11.47
N GLU A 11 -7.53 10.51 -12.01
CA GLU A 11 -7.31 10.57 -13.43
C GLU A 11 -6.26 9.53 -13.79
N GLU A 12 -5.91 9.41 -15.05
CA GLU A 12 -4.87 8.49 -15.43
C GLU A 12 -3.53 9.18 -15.34
N GLY A 13 -2.48 8.41 -15.49
CA GLY A 13 -1.17 8.95 -15.42
C GLY A 13 -0.60 8.72 -14.07
N LEU A 14 -0.69 7.50 -13.62
CA LEU A 14 -0.19 7.10 -12.33
C LEU A 14 1.17 6.42 -12.53
N PRO A 15 2.26 7.10 -12.16
CA PRO A 15 3.61 6.59 -12.35
C PRO A 15 4.10 5.69 -11.20
N MET A 16 5.18 5.00 -11.44
CA MET A 16 5.78 4.15 -10.44
C MET A 16 7.08 4.79 -9.94
N SER A 17 7.02 5.33 -8.77
CA SER A 17 8.16 5.96 -8.16
C SER A 17 8.19 5.56 -6.69
N TYR A 18 9.37 5.65 -6.06
CA TYR A 18 9.51 5.30 -4.62
C TYR A 18 8.72 6.26 -3.77
N ASP A 19 8.68 7.49 -4.19
CA ASP A 19 7.89 8.52 -3.54
C ASP A 19 6.40 8.25 -3.69
N GLU A 20 5.97 7.83 -4.88
CA GLU A 20 4.59 7.40 -5.11
C GLU A 20 4.26 6.19 -4.24
N LYS A 21 5.22 5.27 -4.11
CA LYS A 21 5.06 4.11 -3.23
C LYS A 21 4.88 4.56 -1.82
N ARG A 22 5.71 5.49 -1.43
CA ARG A 22 5.71 5.99 -0.12
C ARG A 22 4.47 6.77 0.25
N GLN A 23 3.81 7.36 -0.72
CA GLN A 23 2.57 8.09 -0.45
C GLN A 23 1.57 7.14 0.23
N LEU A 24 1.62 5.89 -0.16
CA LEU A 24 0.76 4.89 0.37
C LEU A 24 1.19 4.47 1.77
N SER A 25 2.47 4.68 2.10
CA SER A 25 2.99 4.43 3.44
C SER A 25 2.25 5.37 4.40
N LEU A 26 2.04 6.60 3.92
CA LEU A 26 1.36 7.63 4.67
C LEU A 26 -0.11 7.30 4.88
N ASP A 27 -0.79 6.85 3.82
CA ASP A 27 -2.21 6.49 3.92
C ASP A 27 -2.45 5.38 4.89
N ILE A 28 -1.62 4.34 4.84
CA ILE A 28 -1.76 3.25 5.77
C ILE A 28 -1.45 3.70 7.19
N ASN A 29 -0.48 4.57 7.34
CA ASN A 29 -0.11 5.12 8.65
C ASN A 29 -1.29 5.89 9.29
N ARG A 30 -2.20 6.36 8.45
CA ARG A 30 -3.34 7.12 8.93
C ARG A 30 -4.55 6.20 9.18
N LEU A 31 -4.45 4.96 8.73
CA LEU A 31 -5.53 4.02 8.90
C LEU A 31 -5.56 3.42 10.30
N PRO A 32 -6.75 3.36 10.91
CA PRO A 32 -6.93 2.83 12.27
C PRO A 32 -6.66 1.31 12.38
N GLY A 33 -6.64 0.82 13.62
CA GLY A 33 -6.33 -0.58 13.96
C GLY A 33 -7.02 -1.62 13.08
N GLU A 34 -8.31 -1.46 12.91
CA GLU A 34 -9.11 -2.36 12.09
C GLU A 34 -8.63 -2.35 10.64
N LYS A 35 -8.36 -1.20 10.14
CA LYS A 35 -8.01 -1.06 8.76
C LYS A 35 -6.58 -1.47 8.46
N LEU A 36 -5.70 -1.36 9.45
CA LEU A 36 -4.32 -1.78 9.24
C LEU A 36 -4.25 -3.30 9.17
N GLY A 37 -5.14 -3.96 9.91
CA GLY A 37 -5.22 -5.40 9.86
C GLY A 37 -5.87 -5.86 8.56
N ARG A 38 -6.86 -5.08 8.10
CA ARG A 38 -7.55 -5.39 6.86
C ARG A 38 -6.63 -5.29 5.67
N VAL A 39 -5.89 -4.19 5.57
CA VAL A 39 -5.00 -3.98 4.45
C VAL A 39 -3.98 -5.11 4.32
N VAL A 40 -3.46 -5.57 5.46
CA VAL A 40 -2.49 -6.63 5.49
C VAL A 40 -3.10 -7.92 4.93
N HIS A 41 -4.40 -8.05 5.06
CA HIS A 41 -5.13 -9.18 4.51
C HIS A 41 -5.29 -9.04 2.98
N ILE A 42 -5.73 -7.84 2.53
CA ILE A 42 -5.96 -7.58 1.11
C ILE A 42 -4.68 -7.70 0.31
N ILE A 43 -3.63 -7.09 0.80
CA ILE A 43 -2.36 -7.10 0.08
C ILE A 43 -1.77 -8.54 0.08
N GLN A 44 -2.08 -9.26 1.12
CA GLN A 44 -1.66 -10.66 1.32
C GLN A 44 -2.42 -11.59 0.39
N SER A 45 -3.51 -11.10 -0.17
CA SER A 45 -4.30 -11.87 -1.09
C SER A 45 -3.52 -12.05 -2.41
N ARG A 46 -2.59 -11.12 -2.68
CA ARG A 46 -1.74 -11.22 -3.84
C ARG A 46 -0.28 -11.52 -3.46
N GLU A 47 0.16 -11.06 -2.29
CA GLU A 47 1.53 -11.33 -1.84
C GLU A 47 1.60 -12.54 -0.92
N PRO A 48 2.34 -13.56 -1.32
CA PRO A 48 2.64 -14.68 -0.44
C PRO A 48 3.82 -14.31 0.48
N SER A 49 4.57 -13.31 0.03
CA SER A 49 5.81 -12.84 0.62
C SER A 49 5.72 -12.53 2.14
N LEU A 50 4.64 -11.90 2.57
CA LEU A 50 4.55 -11.47 3.97
C LEU A 50 3.96 -12.56 4.86
N ARG A 51 3.61 -13.68 4.27
CA ARG A 51 2.94 -14.75 5.02
C ARG A 51 3.97 -15.57 5.81
N ASP A 52 5.24 -15.23 5.63
CA ASP A 52 6.30 -15.86 6.40
C ASP A 52 6.40 -15.19 7.75
N SER A 53 5.75 -14.06 7.86
CA SER A 53 5.67 -13.34 9.09
C SER A 53 4.31 -13.66 9.74
N ASN A 54 4.06 -13.12 10.89
CA ASN A 54 2.82 -13.38 11.58
C ASN A 54 1.76 -12.39 11.09
N PRO A 55 0.50 -12.84 10.83
CA PRO A 55 -0.59 -11.97 10.29
C PRO A 55 -0.97 -10.76 11.18
N ASP A 56 -0.36 -10.66 12.34
CA ASP A 56 -0.54 -9.53 13.24
C ASP A 56 0.46 -8.43 12.90
N GLU A 57 1.51 -8.81 12.19
CA GLU A 57 2.57 -7.90 11.84
C GLU A 57 2.22 -7.14 10.58
N ILE A 58 2.68 -5.93 10.50
CA ILE A 58 2.37 -5.10 9.38
C ILE A 58 3.58 -4.27 8.97
N GLU A 59 4.22 -4.67 7.91
CA GLU A 59 5.23 -3.86 7.37
C GLU A 59 5.25 -3.75 5.93
N ILE A 60 5.50 -2.58 5.53
CA ILE A 60 5.31 -2.22 4.14
C ILE A 60 6.56 -2.17 3.25
N ASP A 61 6.87 -3.32 2.79
CA ASP A 61 8.00 -3.68 1.90
C ASP A 61 8.10 -2.92 0.55
N PHE A 62 7.12 -2.05 0.33
CA PHE A 62 6.82 -1.36 -0.93
C PHE A 62 8.01 -0.73 -1.60
N GLU A 63 9.01 -0.30 -0.84
CA GLU A 63 10.25 0.24 -1.43
C GLU A 63 10.76 -0.67 -2.55
N THR A 64 10.90 -1.93 -2.23
CA THR A 64 11.44 -2.90 -3.16
C THR A 64 10.31 -3.75 -3.78
N LEU A 65 9.16 -3.81 -3.09
CA LEU A 65 8.01 -4.59 -3.55
C LEU A 65 7.53 -4.07 -4.93
N LYS A 66 6.94 -4.94 -5.71
CA LYS A 66 6.64 -4.63 -7.10
C LYS A 66 5.40 -3.74 -7.29
N PRO A 67 5.43 -2.86 -8.34
CA PRO A 67 4.37 -1.88 -8.65
C PRO A 67 2.95 -2.44 -8.77
N THR A 68 2.81 -3.71 -9.09
CA THR A 68 1.49 -4.31 -9.21
C THR A 68 0.82 -4.38 -7.81
N THR A 69 1.57 -4.79 -6.81
CA THR A 69 1.08 -4.89 -5.46
C THR A 69 0.93 -3.49 -4.86
N LEU A 70 1.74 -2.57 -5.39
CA LEU A 70 1.67 -1.16 -5.04
C LEU A 70 0.26 -0.63 -5.32
N ARG A 71 -0.26 -1.01 -6.47
CA ARG A 71 -1.56 -0.56 -6.91
C ARG A 71 -2.69 -1.08 -6.01
N GLU A 72 -2.50 -2.30 -5.47
CA GLU A 72 -3.49 -2.95 -4.62
C GLU A 72 -3.81 -2.08 -3.40
N LEU A 73 -2.75 -1.59 -2.77
CA LEU A 73 -2.87 -0.82 -1.56
C LEU A 73 -3.50 0.56 -1.86
N GLU A 74 -3.16 1.17 -3.00
CA GLU A 74 -3.77 2.47 -3.33
C GLU A 74 -5.28 2.28 -3.51
N ARG A 75 -5.64 1.20 -4.16
CA ARG A 75 -7.03 0.90 -4.41
C ARG A 75 -7.75 0.54 -3.12
N TYR A 76 -7.01 0.01 -2.17
CA TYR A 76 -7.55 -0.23 -0.87
C TYR A 76 -7.81 1.10 -0.17
N VAL A 77 -6.80 1.95 -0.12
CA VAL A 77 -6.91 3.17 0.67
C VAL A 77 -7.93 4.12 0.12
N LYS A 78 -8.04 4.19 -1.20
CA LYS A 78 -9.05 5.06 -1.80
C LYS A 78 -10.46 4.56 -1.43
N SER A 79 -10.62 3.24 -1.38
CA SER A 79 -11.88 2.63 -1.01
C SER A 79 -12.15 2.87 0.50
N CYS A 80 -11.09 2.89 1.28
CA CYS A 80 -11.19 3.11 2.69
C CYS A 80 -11.43 4.60 3.01
N LEU A 81 -11.02 5.48 2.11
CA LEU A 81 -11.19 6.91 2.31
C LEU A 81 -12.57 7.37 1.88
N GLN A 82 -13.10 6.74 0.85
CA GLN A 82 -14.44 7.06 0.37
C GLN A 82 -15.49 6.43 1.27
N LYS A 83 -16.75 6.65 0.95
CA LYS A 83 -17.84 6.08 1.72
C LYS A 83 -17.93 4.57 1.42
N LYS A 84 -18.12 4.27 0.13
CA LYS A 84 -18.25 2.92 -0.40
C LYS A 84 -19.49 2.22 0.23
N GLN A 85 -19.61 0.91 0.05
CA GLN A 85 -20.70 0.15 0.63
C GLN A 85 -20.30 -1.29 0.88
N ARG A 86 -20.01 -1.59 2.12
CA ARG A 86 -19.73 -2.94 2.59
C ARG A 86 -19.57 -2.91 4.10
N LYS A 87 -19.81 -4.04 4.74
CA LYS A 87 -19.68 -4.19 6.18
C LYS A 87 -19.15 -5.56 6.47
N ARG B 1 16.70 8.76 3.13
CA ARG B 1 16.69 8.46 4.58
C ARG B 1 15.27 8.17 5.08
N SER B 2 14.29 8.85 4.54
CA SER B 2 12.93 8.69 4.99
C SER B 2 12.02 8.33 3.82
N VAL B 3 12.57 7.57 2.87
CA VAL B 3 11.84 7.12 1.68
C VAL B 3 11.52 5.61 1.86
N LYS B 4 11.59 5.15 3.09
CA LYS B 4 11.30 3.77 3.42
C LYS B 4 9.85 3.60 3.76
N VAL B 5 9.16 2.94 2.87
CA VAL B 5 7.73 2.75 2.92
C VAL B 5 7.33 1.70 3.96
N LYS B 6 8.32 0.97 4.54
CA LYS B 6 8.05 -0.05 5.58
C LYS B 6 7.20 0.57 6.66
N ILE B 7 5.92 0.21 6.66
CA ILE B 7 4.96 0.85 7.49
C ILE B 7 5.20 0.71 9.01
N LYS B 8 4.98 -0.51 9.56
CA LYS B 8 4.95 -0.76 10.98
C LYS B 8 3.94 0.17 11.64
N LEU B 9 2.69 -0.26 11.71
CA LEU B 9 1.61 0.60 12.18
C LEU B 9 1.76 0.97 13.66
N GLY B 10 2.74 0.38 14.32
CA GLY B 10 3.06 0.73 15.67
C GLY B 10 3.78 2.08 15.75
N ARG B 11 4.51 2.42 14.69
CA ARG B 11 5.22 3.70 14.67
C ARG B 11 4.29 4.80 14.18
N LYS B 12 3.65 5.43 15.12
CA LYS B 12 2.66 6.45 14.84
C LYS B 12 3.25 7.84 15.04
N ALA A 1 22.38 13.57 -17.87
CA ALA A 1 21.68 13.84 -19.12
C ALA A 1 20.73 12.69 -19.41
N SER A 2 20.69 11.76 -18.50
CA SER A 2 19.87 10.57 -18.64
C SER A 2 18.38 10.94 -18.65
N ALA A 3 17.97 11.78 -17.71
CA ALA A 3 16.57 12.21 -17.59
C ALA A 3 16.21 13.20 -18.68
N SER A 4 17.21 13.90 -19.16
CA SER A 4 17.06 14.92 -20.18
C SER A 4 16.68 14.30 -21.53
N TYR A 5 17.08 13.08 -21.75
CA TYR A 5 16.84 12.40 -23.00
C TYR A 5 15.93 11.21 -22.82
N ASP A 6 15.59 10.58 -23.95
CA ASP A 6 14.69 9.41 -24.06
C ASP A 6 13.24 9.86 -24.03
N SER A 7 12.46 9.33 -24.92
CA SER A 7 11.10 9.76 -25.15
C SER A 7 10.09 9.26 -24.11
N GLU A 8 10.40 8.12 -23.44
CA GLU A 8 9.50 7.46 -22.50
C GLU A 8 8.34 6.78 -23.23
N GLU A 9 7.88 5.70 -22.66
CA GLU A 9 6.78 4.98 -23.22
C GLU A 9 5.50 5.67 -22.84
N GLU A 10 4.60 5.79 -23.78
CA GLU A 10 3.34 6.42 -23.54
C GLU A 10 2.38 5.44 -22.90
N GLU A 11 1.11 5.86 -22.74
CA GLU A 11 0.10 5.07 -22.04
C GLU A 11 0.55 4.90 -20.59
N GLU A 12 0.29 3.78 -19.96
CA GLU A 12 0.76 3.60 -18.63
C GLU A 12 2.24 3.18 -18.66
N GLY A 13 3.06 4.13 -18.99
CA GLY A 13 4.49 3.95 -19.00
C GLY A 13 5.10 4.88 -18.00
N LEU A 14 4.30 5.18 -17.00
CA LEU A 14 4.66 6.09 -15.95
C LEU A 14 5.72 5.47 -15.07
N PRO A 15 6.70 6.27 -14.63
CA PRO A 15 7.77 5.80 -13.76
C PRO A 15 7.24 5.47 -12.37
N MET A 16 7.96 4.69 -11.62
CA MET A 16 7.54 4.39 -10.28
C MET A 16 8.47 5.08 -9.31
N SER A 17 8.00 6.13 -8.71
CA SER A 17 8.83 6.88 -7.82
C SER A 17 8.67 6.35 -6.41
N TYR A 18 9.63 6.63 -5.56
CA TYR A 18 9.57 6.18 -4.19
C TYR A 18 8.48 6.93 -3.46
N ASP A 19 8.32 8.21 -3.80
CA ASP A 19 7.23 9.03 -3.23
C ASP A 19 5.87 8.46 -3.58
N GLU A 20 5.75 7.99 -4.81
CA GLU A 20 4.51 7.40 -5.28
C GLU A 20 4.16 6.14 -4.51
N LYS A 21 5.16 5.29 -4.28
CA LYS A 21 4.94 4.08 -3.50
C LYS A 21 4.72 4.42 -2.06
N ARG A 22 5.48 5.36 -1.60
CA ARG A 22 5.46 5.76 -0.25
C ARG A 22 4.20 6.49 0.16
N GLN A 23 3.54 7.10 -0.79
CA GLN A 23 2.25 7.74 -0.56
C GLN A 23 1.29 6.70 0.05
N LEU A 24 1.46 5.44 -0.36
CA LEU A 24 0.66 4.35 0.20
C LEU A 24 1.06 4.08 1.65
N SER A 25 2.36 4.21 1.97
CA SER A 25 2.83 4.10 3.37
C SER A 25 2.08 5.16 4.20
N LEU A 26 2.01 6.36 3.63
CA LEU A 26 1.40 7.51 4.26
C LEU A 26 -0.07 7.29 4.53
N ASP A 27 -0.77 6.65 3.59
CA ASP A 27 -2.20 6.36 3.78
C ASP A 27 -2.43 5.36 4.87
N ILE A 28 -1.73 4.24 4.83
CA ILE A 28 -1.87 3.24 5.90
C ILE A 28 -1.50 3.84 7.27
N ASN A 29 -0.52 4.72 7.27
CA ASN A 29 -0.07 5.44 8.48
C ASN A 29 -1.23 6.22 9.14
N ARG A 30 -2.23 6.60 8.34
CA ARG A 30 -3.38 7.38 8.79
C ARG A 30 -4.50 6.49 9.35
N LEU A 31 -4.58 5.28 8.84
CA LEU A 31 -5.63 4.35 9.21
C LEU A 31 -5.53 3.80 10.64
N PRO A 32 -6.72 3.49 11.24
CA PRO A 32 -6.83 2.97 12.61
C PRO A 32 -6.44 1.49 12.78
N GLY A 33 -6.39 1.06 14.04
CA GLY A 33 -5.96 -0.26 14.46
C GLY A 33 -6.60 -1.42 13.74
N GLU A 34 -7.90 -1.37 13.56
CA GLU A 34 -8.59 -2.45 12.89
C GLU A 34 -8.29 -2.47 11.40
N LYS A 35 -8.20 -1.30 10.81
CA LYS A 35 -8.05 -1.20 9.37
C LYS A 35 -6.68 -1.58 8.91
N LEU A 36 -5.68 -1.25 9.71
CA LEU A 36 -4.31 -1.62 9.42
C LEU A 36 -4.23 -3.16 9.37
N GLY A 37 -4.99 -3.80 10.27
CA GLY A 37 -5.04 -5.23 10.34
C GLY A 37 -5.79 -5.84 9.18
N ARG A 38 -6.75 -5.12 8.66
CA ARG A 38 -7.51 -5.57 7.50
C ARG A 38 -6.63 -5.52 6.26
N VAL A 39 -6.11 -4.33 5.98
CA VAL A 39 -5.33 -4.09 4.77
C VAL A 39 -4.09 -4.92 4.70
N VAL A 40 -3.43 -5.11 5.84
CA VAL A 40 -2.22 -5.90 5.88
C VAL A 40 -2.47 -7.29 5.35
N HIS A 41 -3.65 -7.81 5.63
CA HIS A 41 -4.02 -9.17 5.25
C HIS A 41 -4.32 -9.30 3.78
N ILE A 42 -4.93 -8.28 3.24
CA ILE A 42 -5.20 -8.26 1.82
C ILE A 42 -3.90 -8.10 1.04
N ILE A 43 -3.11 -7.08 1.40
CA ILE A 43 -1.90 -6.78 0.64
C ILE A 43 -0.84 -7.90 0.77
N GLN A 44 -0.65 -8.44 2.01
CA GLN A 44 0.34 -9.53 2.31
C GLN A 44 0.05 -10.81 1.52
N SER A 45 -1.02 -10.84 0.79
CA SER A 45 -1.32 -11.97 -0.02
C SER A 45 -0.52 -11.88 -1.33
N ARG A 46 -0.27 -10.67 -1.81
CA ARG A 46 0.39 -10.46 -3.09
C ARG A 46 1.64 -9.56 -2.96
N GLU A 47 2.18 -9.49 -1.77
CA GLU A 47 3.34 -8.66 -1.39
C GLU A 47 3.84 -9.44 -0.22
N PRO A 48 5.18 -9.52 0.08
CA PRO A 48 5.65 -10.25 1.18
C PRO A 48 5.15 -11.66 1.56
N SER A 49 4.22 -12.22 0.76
CA SER A 49 3.12 -13.26 0.97
C SER A 49 3.17 -14.27 2.19
N LEU A 50 4.05 -13.99 3.12
CA LEU A 50 4.31 -14.63 4.45
C LEU A 50 3.09 -15.13 5.29
N ARG A 51 1.94 -15.29 4.72
CA ARG A 51 0.72 -15.57 5.48
C ARG A 51 0.73 -16.92 6.21
N ASP A 52 1.63 -17.79 5.82
CA ASP A 52 1.82 -19.06 6.48
C ASP A 52 2.48 -18.84 7.84
N SER A 53 3.18 -17.74 7.94
CA SER A 53 3.87 -17.34 9.13
C SER A 53 2.95 -16.36 9.90
N ASN A 54 3.49 -15.42 10.66
CA ASN A 54 2.64 -14.47 11.38
C ASN A 54 2.12 -13.39 10.44
N PRO A 55 0.79 -13.32 10.26
CA PRO A 55 0.16 -12.38 9.35
C PRO A 55 -0.22 -11.04 10.00
N ASP A 56 -0.04 -10.92 11.29
CA ASP A 56 -0.43 -9.70 12.02
C ASP A 56 0.68 -8.67 11.91
N GLU A 57 1.87 -9.16 11.61
CA GLU A 57 3.05 -8.34 11.39
C GLU A 57 2.79 -7.34 10.27
N ILE A 58 2.57 -6.08 10.62
CA ILE A 58 2.31 -5.10 9.62
C ILE A 58 3.57 -4.38 9.24
N GLU A 59 4.14 -4.76 8.14
CA GLU A 59 5.28 -4.12 7.65
C GLU A 59 5.25 -4.06 6.16
N ILE A 60 5.40 -2.87 5.71
CA ILE A 60 5.16 -2.55 4.31
C ILE A 60 6.42 -2.33 3.46
N ASP A 61 6.81 -3.36 2.81
CA ASP A 61 8.04 -3.48 2.02
C ASP A 61 8.11 -2.70 0.70
N PHE A 62 6.99 -2.07 0.39
CA PHE A 62 6.61 -1.35 -0.87
C PHE A 62 7.62 -0.32 -1.49
N GLU A 63 8.87 -0.36 -1.19
CA GLU A 63 9.80 0.59 -1.81
C GLU A 63 10.17 0.19 -3.26
N THR A 64 10.47 -1.07 -3.45
CA THR A 64 10.97 -1.59 -4.71
C THR A 64 9.87 -2.42 -5.44
N LEU A 65 8.76 -2.55 -4.77
CA LEU A 65 7.59 -3.30 -5.21
C LEU A 65 7.07 -2.86 -6.59
N LYS A 66 6.40 -3.76 -7.25
CA LYS A 66 5.83 -3.50 -8.55
C LYS A 66 4.51 -2.72 -8.36
N PRO A 67 4.13 -1.85 -9.33
CA PRO A 67 2.89 -1.05 -9.25
C PRO A 67 1.61 -1.91 -9.17
N THR A 68 1.76 -3.18 -9.48
CA THR A 68 0.68 -4.15 -9.47
C THR A 68 0.06 -4.29 -8.08
N THR A 69 0.89 -4.47 -7.08
CA THR A 69 0.43 -4.61 -5.72
C THR A 69 0.23 -3.23 -5.08
N LEU A 70 0.95 -2.24 -5.61
CA LEU A 70 0.80 -0.86 -5.19
C LEU A 70 -0.66 -0.44 -5.44
N ARG A 71 -1.19 -0.90 -6.57
CA ARG A 71 -2.55 -0.65 -6.98
C ARG A 71 -3.55 -1.24 -5.96
N GLU A 72 -3.21 -2.39 -5.38
CA GLU A 72 -4.04 -3.09 -4.39
C GLU A 72 -4.36 -2.17 -3.22
N LEU A 73 -3.32 -1.57 -2.65
CA LEU A 73 -3.49 -0.73 -1.49
C LEU A 73 -4.21 0.57 -1.88
N GLU A 74 -3.92 1.09 -3.07
CA GLU A 74 -4.58 2.32 -3.56
C GLU A 74 -6.11 2.09 -3.63
N ARG A 75 -6.49 0.93 -4.13
CA ARG A 75 -7.89 0.53 -4.22
C ARG A 75 -8.51 0.43 -2.84
N TYR A 76 -7.72 -0.05 -1.91
CA TYR A 76 -8.13 -0.18 -0.54
C TYR A 76 -8.39 1.19 0.04
N VAL A 77 -7.48 2.11 -0.21
CA VAL A 77 -7.56 3.45 0.35
C VAL A 77 -8.83 4.13 -0.14
N LYS A 78 -9.14 3.99 -1.42
CA LYS A 78 -10.38 4.51 -1.97
C LYS A 78 -11.61 3.88 -1.31
N SER A 79 -11.48 2.63 -0.93
CA SER A 79 -12.55 1.93 -0.24
C SER A 79 -12.72 2.49 1.20
N CYS A 80 -11.62 2.91 1.81
CA CYS A 80 -11.66 3.51 3.14
C CYS A 80 -12.24 4.91 3.06
N LEU A 81 -11.77 5.67 2.07
CA LEU A 81 -12.21 7.04 1.86
C LEU A 81 -13.66 7.10 1.46
N GLN A 82 -14.04 6.30 0.44
CA GLN A 82 -15.38 6.28 -0.15
C GLN A 82 -15.94 7.70 -0.37
N LYS A 83 -17.16 7.98 0.15
CA LYS A 83 -17.80 9.33 0.11
C LYS A 83 -18.30 9.75 -1.29
N LYS A 84 -17.52 9.43 -2.28
CA LYS A 84 -17.87 9.71 -3.64
C LYS A 84 -18.57 8.48 -4.17
N GLN A 85 -19.86 8.56 -4.35
CA GLN A 85 -20.65 7.42 -4.78
C GLN A 85 -21.49 7.77 -5.99
N ARG A 86 -21.66 6.81 -6.88
CA ARG A 86 -22.43 7.00 -8.08
C ARG A 86 -23.00 5.67 -8.54
N LYS A 87 -24.28 5.57 -8.47
CA LYS A 87 -24.98 4.43 -8.97
C LYS A 87 -25.77 4.90 -10.17
N ARG B 1 11.62 10.46 7.50
CA ARG B 1 11.90 9.30 6.68
C ARG B 1 11.60 9.71 5.24
N SER B 2 12.55 9.57 4.34
CA SER B 2 12.32 9.97 2.97
C SER B 2 11.83 8.77 2.16
N VAL B 3 12.60 7.70 2.20
CA VAL B 3 12.28 6.49 1.49
C VAL B 3 11.77 5.51 2.57
N LYS B 4 11.76 4.21 2.31
CA LYS B 4 11.24 3.20 3.25
C LYS B 4 9.74 3.33 3.46
N VAL B 5 9.01 2.56 2.68
CA VAL B 5 7.57 2.56 2.77
C VAL B 5 7.13 1.64 3.93
N LYS B 6 8.16 1.03 4.58
CA LYS B 6 8.00 0.13 5.74
C LYS B 6 7.06 0.75 6.74
N ILE B 7 5.82 0.28 6.73
CA ILE B 7 4.81 0.91 7.50
C ILE B 7 5.03 0.83 9.03
N LYS B 8 4.95 -0.39 9.59
CA LYS B 8 5.04 -0.65 11.01
C LYS B 8 4.05 0.21 11.81
N LEU B 9 2.79 -0.19 11.76
CA LEU B 9 1.73 0.48 12.50
C LEU B 9 1.79 0.08 13.95
N GLY B 10 1.21 0.88 14.80
CA GLY B 10 1.03 0.49 16.16
C GLY B 10 -0.14 -0.44 16.20
N ARG B 11 0.08 -1.65 16.60
CA ARG B 11 -0.96 -2.64 16.58
C ARG B 11 -1.69 -2.75 17.90
N LYS B 12 -2.77 -3.48 17.88
CA LYS B 12 -3.61 -3.70 19.04
C LYS B 12 -4.08 -5.15 19.03
N ALA A 1 -19.39 21.93 -17.99
CA ALA A 1 -18.63 20.69 -18.04
C ALA A 1 -17.31 20.81 -17.27
N SER A 2 -16.79 22.04 -17.21
CA SER A 2 -15.51 22.31 -16.58
C SER A 2 -15.55 22.04 -15.07
N ALA A 3 -16.70 22.26 -14.47
CA ALA A 3 -16.88 22.00 -13.04
C ALA A 3 -16.95 20.51 -12.77
N SER A 4 -17.39 19.76 -13.75
CA SER A 4 -17.59 18.34 -13.61
C SER A 4 -16.26 17.57 -13.77
N TYR A 5 -15.46 18.00 -14.72
CA TYR A 5 -14.17 17.39 -14.96
C TYR A 5 -13.16 17.95 -13.96
N ASP A 6 -12.45 17.07 -13.28
CA ASP A 6 -11.55 17.47 -12.19
C ASP A 6 -10.57 16.38 -11.85
N SER A 7 -11.11 15.21 -11.65
CA SER A 7 -10.33 14.05 -11.28
C SER A 7 -9.42 13.63 -12.45
N GLU A 8 -10.03 13.52 -13.63
CA GLU A 8 -9.37 13.21 -14.91
C GLU A 8 -8.51 11.97 -14.84
N GLU A 9 -8.98 11.02 -14.09
CA GLU A 9 -8.29 9.79 -13.86
C GLU A 9 -8.85 8.70 -14.76
N GLU A 10 -9.64 9.10 -15.74
CA GLU A 10 -10.22 8.16 -16.70
C GLU A 10 -9.09 7.48 -17.48
N GLU A 11 -8.02 8.22 -17.67
CA GLU A 11 -6.81 7.69 -18.23
C GLU A 11 -5.86 7.44 -17.06
N GLU A 12 -5.17 6.34 -17.09
CA GLU A 12 -4.25 6.04 -16.01
C GLU A 12 -2.86 6.60 -16.29
N GLY A 13 -2.29 7.19 -15.28
CA GLY A 13 -0.98 7.74 -15.40
C GLY A 13 -0.27 7.69 -14.09
N LEU A 14 -0.24 6.53 -13.48
CA LEU A 14 0.38 6.37 -12.18
C LEU A 14 1.67 5.57 -12.32
N PRO A 15 2.83 6.27 -12.35
CA PRO A 15 4.12 5.62 -12.52
C PRO A 15 4.71 5.16 -11.19
N MET A 16 5.65 4.25 -11.24
CA MET A 16 6.26 3.78 -10.05
C MET A 16 7.44 4.66 -9.66
N SER A 17 7.29 5.30 -8.55
CA SER A 17 8.30 6.13 -8.00
C SER A 17 8.33 5.80 -6.54
N TYR A 18 9.50 5.81 -5.93
CA TYR A 18 9.67 5.41 -4.53
C TYR A 18 8.90 6.34 -3.60
N ASP A 19 8.80 7.59 -4.01
CA ASP A 19 8.06 8.59 -3.24
C ASP A 19 6.57 8.35 -3.39
N GLU A 20 6.17 7.85 -4.53
CA GLU A 20 4.76 7.55 -4.79
C GLU A 20 4.35 6.28 -4.08
N LYS A 21 5.26 5.32 -4.03
CA LYS A 21 5.10 4.08 -3.24
C LYS A 21 4.83 4.49 -1.81
N ARG A 22 5.61 5.45 -1.40
CA ARG A 22 5.64 5.94 -0.09
C ARG A 22 4.45 6.79 0.25
N GLN A 23 3.85 7.39 -0.73
CA GLN A 23 2.64 8.16 -0.49
C GLN A 23 1.61 7.26 0.19
N LEU A 24 1.56 6.02 -0.25
CA LEU A 24 0.68 5.03 0.31
C LEU A 24 1.10 4.62 1.74
N SER A 25 2.39 4.83 2.08
CA SER A 25 2.91 4.56 3.42
C SER A 25 2.15 5.45 4.40
N LEU A 26 1.99 6.70 4.00
CA LEU A 26 1.32 7.69 4.80
C LEU A 26 -0.18 7.44 4.85
N ASP A 27 -0.74 6.96 3.74
CA ASP A 27 -2.16 6.63 3.66
C ASP A 27 -2.57 5.60 4.71
N ILE A 28 -1.90 4.47 4.74
CA ILE A 28 -2.17 3.41 5.70
C ILE A 28 -1.93 3.92 7.14
N ASN A 29 -0.94 4.76 7.30
CA ASN A 29 -0.60 5.38 8.59
C ASN A 29 -1.78 6.20 9.16
N ARG A 30 -2.67 6.64 8.30
CA ARG A 30 -3.84 7.40 8.75
C ARG A 30 -4.94 6.45 9.24
N LEU A 31 -4.88 5.19 8.84
CA LEU A 31 -5.89 4.22 9.22
C LEU A 31 -5.62 3.54 10.58
N PRO A 32 -6.71 3.26 11.35
CA PRO A 32 -6.64 2.68 12.70
C PRO A 32 -6.44 1.16 12.72
N GLY A 33 -6.22 0.65 13.95
CA GLY A 33 -5.98 -0.77 14.22
C GLY A 33 -6.91 -1.72 13.50
N GLU A 34 -8.21 -1.43 13.56
CA GLU A 34 -9.23 -2.25 12.90
C GLU A 34 -8.89 -2.43 11.42
N LYS A 35 -8.59 -1.33 10.76
CA LYS A 35 -8.41 -1.35 9.33
C LYS A 35 -7.03 -1.85 8.92
N LEU A 36 -6.02 -1.57 9.73
CA LEU A 36 -4.64 -1.97 9.40
C LEU A 36 -4.54 -3.50 9.38
N GLY A 37 -5.30 -4.14 10.26
CA GLY A 37 -5.31 -5.58 10.31
C GLY A 37 -6.00 -6.18 9.11
N ARG A 38 -6.95 -5.47 8.58
CA ARG A 38 -7.70 -5.90 7.41
C ARG A 38 -6.82 -5.86 6.18
N VAL A 39 -6.27 -4.69 5.93
CA VAL A 39 -5.47 -4.43 4.74
C VAL A 39 -4.31 -5.38 4.58
N VAL A 40 -3.66 -5.74 5.69
CA VAL A 40 -2.51 -6.62 5.64
C VAL A 40 -2.91 -7.96 5.01
N HIS A 41 -4.15 -8.34 5.23
CA HIS A 41 -4.68 -9.58 4.70
C HIS A 41 -5.00 -9.48 3.22
N ILE A 42 -5.61 -8.36 2.82
CA ILE A 42 -5.98 -8.13 1.43
C ILE A 42 -4.72 -8.06 0.57
N ILE A 43 -3.74 -7.33 1.07
CA ILE A 43 -2.50 -7.15 0.35
C ILE A 43 -1.72 -8.48 0.28
N GLN A 44 -1.78 -9.27 1.35
CA GLN A 44 -1.05 -10.54 1.40
C GLN A 44 -1.79 -11.62 0.61
N SER A 45 -2.98 -11.32 0.15
CA SER A 45 -3.71 -12.25 -0.68
C SER A 45 -3.01 -12.37 -2.03
N ARG A 46 -2.16 -11.39 -2.31
CA ARG A 46 -1.37 -11.39 -3.51
C ARG A 46 0.01 -11.92 -3.17
N GLU A 47 0.68 -11.24 -2.27
CA GLU A 47 2.04 -11.58 -1.92
C GLU A 47 2.13 -12.61 -0.82
N PRO A 48 2.75 -13.75 -1.09
CA PRO A 48 3.05 -14.73 -0.07
C PRO A 48 4.30 -14.29 0.71
N SER A 49 5.01 -13.36 0.08
CA SER A 49 6.27 -12.81 0.49
C SER A 49 6.29 -12.34 1.96
N LEU A 50 5.23 -11.69 2.41
CA LEU A 50 5.21 -11.15 3.75
C LEU A 50 4.49 -12.07 4.73
N ARG A 51 3.44 -12.71 4.25
CA ARG A 51 2.54 -13.51 5.09
C ARG A 51 3.19 -14.79 5.57
N ASP A 52 4.32 -15.14 4.98
CA ASP A 52 5.08 -16.29 5.43
C ASP A 52 5.65 -16.03 6.82
N SER A 53 5.85 -14.76 7.10
CA SER A 53 6.42 -14.35 8.35
C SER A 53 5.36 -13.62 9.21
N ASN A 54 4.96 -12.43 8.75
CA ASN A 54 4.00 -11.52 9.44
C ASN A 54 2.49 -11.62 8.99
N PRO A 55 1.70 -12.50 9.52
CA PRO A 55 0.27 -12.52 9.20
C PRO A 55 -0.50 -11.78 10.27
N ASP A 56 0.17 -11.58 11.34
CA ASP A 56 -0.34 -10.80 12.47
C ASP A 56 0.19 -9.39 12.38
N GLU A 57 1.49 -9.28 12.11
CA GLU A 57 2.15 -7.99 11.96
C GLU A 57 1.85 -7.35 10.61
N ILE A 58 2.10 -6.07 10.52
CA ILE A 58 1.80 -5.28 9.35
C ILE A 58 3.04 -4.54 8.84
N GLU A 59 3.55 -4.96 7.71
CA GLU A 59 4.57 -4.20 7.10
C GLU A 59 4.46 -4.00 5.67
N ILE A 60 4.96 -2.89 5.29
CA ILE A 60 4.79 -2.42 3.93
C ILE A 60 6.11 -2.21 3.15
N ASP A 61 6.56 -3.26 2.57
CA ASP A 61 7.82 -3.40 1.78
C ASP A 61 8.00 -2.45 0.57
N PHE A 62 7.00 -1.63 0.32
CA PHE A 62 6.75 -0.85 -0.93
C PHE A 62 7.91 -0.04 -1.52
N GLU A 63 9.01 0.10 -0.84
CA GLU A 63 10.18 0.69 -1.47
C GLU A 63 10.60 -0.25 -2.61
N THR A 64 10.77 -1.50 -2.23
CA THR A 64 11.27 -2.52 -3.09
C THR A 64 10.12 -3.39 -3.63
N LEU A 65 9.00 -3.37 -2.94
CA LEU A 65 7.85 -4.19 -3.33
C LEU A 65 7.25 -3.74 -4.66
N LYS A 66 6.85 -4.74 -5.41
CA LYS A 66 6.31 -4.66 -6.77
C LYS A 66 5.09 -3.74 -6.91
N PRO A 67 4.91 -3.13 -8.11
CA PRO A 67 3.79 -2.22 -8.42
C PRO A 67 2.43 -2.92 -8.42
N THR A 68 2.46 -4.24 -8.53
CA THR A 68 1.27 -5.04 -8.53
C THR A 68 0.61 -4.97 -7.15
N THR A 69 1.44 -5.09 -6.13
CA THR A 69 1.02 -5.06 -4.79
C THR A 69 0.70 -3.61 -4.38
N LEU A 70 1.42 -2.68 -5.03
CA LEU A 70 1.23 -1.23 -4.85
C LEU A 70 -0.21 -0.86 -5.14
N ARG A 71 -0.71 -1.31 -6.28
CA ARG A 71 -2.05 -0.99 -6.69
C ARG A 71 -3.11 -1.60 -5.82
N GLU A 72 -2.79 -2.69 -5.14
CA GLU A 72 -3.75 -3.32 -4.26
C GLU A 72 -4.05 -2.38 -3.08
N LEU A 73 -2.99 -1.79 -2.53
CA LEU A 73 -3.14 -0.84 -1.43
C LEU A 73 -3.78 0.45 -1.96
N GLU A 74 -3.43 0.82 -3.20
CA GLU A 74 -3.98 1.99 -3.89
C GLU A 74 -5.50 1.97 -3.84
N ARG A 75 -6.06 0.85 -4.27
CA ARG A 75 -7.51 0.64 -4.31
C ARG A 75 -8.09 0.80 -2.93
N TYR A 76 -7.46 0.12 -2.01
CA TYR A 76 -7.87 0.09 -0.63
C TYR A 76 -7.91 1.50 -0.02
N VAL A 77 -6.85 2.26 -0.20
CA VAL A 77 -6.78 3.57 0.41
C VAL A 77 -7.63 4.59 -0.32
N LYS A 78 -7.72 4.45 -1.64
CA LYS A 78 -8.54 5.32 -2.46
C LYS A 78 -10.02 5.18 -2.04
N SER A 79 -10.44 3.95 -1.81
CA SER A 79 -11.78 3.66 -1.38
C SER A 79 -12.03 4.22 0.03
N CYS A 80 -10.98 4.27 0.84
CA CYS A 80 -11.06 4.80 2.18
C CYS A 80 -11.14 6.35 2.15
N LEU A 81 -10.38 6.97 1.24
CA LEU A 81 -10.34 8.42 1.13
C LEU A 81 -11.65 8.98 0.59
N GLN A 82 -12.32 8.22 -0.22
CA GLN A 82 -13.58 8.64 -0.76
C GLN A 82 -14.70 8.15 0.12
N LYS A 83 -15.79 8.86 0.13
CA LYS A 83 -16.97 8.45 0.83
C LYS A 83 -18.13 9.25 0.26
N LYS A 84 -18.01 9.54 -1.01
CA LYS A 84 -18.94 10.38 -1.69
C LYS A 84 -19.40 9.76 -2.97
N GLN A 85 -20.41 10.34 -3.53
CA GLN A 85 -20.96 9.98 -4.80
C GLN A 85 -20.93 11.25 -5.62
N ARG A 86 -20.89 11.17 -6.91
CA ARG A 86 -20.86 12.39 -7.68
C ARG A 86 -21.94 12.45 -8.70
N LYS A 87 -22.26 13.66 -9.09
CA LYS A 87 -23.22 13.95 -10.11
C LYS A 87 -22.90 15.30 -10.72
N ARG B 1 13.25 9.65 -4.48
CA ARG B 1 13.99 9.33 -3.27
C ARG B 1 13.42 8.09 -2.59
N SER B 2 14.30 7.22 -2.18
CA SER B 2 13.95 6.00 -1.55
C SER B 2 14.02 6.15 -0.03
N VAL B 3 12.89 6.20 0.60
CA VAL B 3 12.78 6.24 2.05
C VAL B 3 11.89 5.06 2.39
N LYS B 4 12.08 4.41 3.54
CA LYS B 4 11.34 3.19 3.82
C LYS B 4 9.83 3.42 3.85
N VAL B 5 9.15 2.60 3.11
CA VAL B 5 7.72 2.64 3.06
C VAL B 5 7.18 1.58 4.02
N LYS B 6 8.11 0.78 4.63
CA LYS B 6 7.77 -0.26 5.62
C LYS B 6 6.90 0.37 6.69
N ILE B 7 5.61 0.05 6.66
CA ILE B 7 4.67 0.67 7.52
C ILE B 7 4.93 0.42 9.02
N LYS B 8 4.79 -0.86 9.46
CA LYS B 8 4.80 -1.24 10.86
C LYS B 8 3.89 -0.26 11.62
N LEU B 9 2.57 -0.45 11.40
CA LEU B 9 1.52 0.46 11.88
C LEU B 9 1.67 0.74 13.37
N GLY B 10 2.12 1.93 13.68
CA GLY B 10 2.34 2.29 15.04
C GLY B 10 3.42 3.34 15.17
N ARG B 11 2.99 4.57 15.29
CA ARG B 11 3.87 5.69 15.48
C ARG B 11 3.07 6.80 16.10
N LYS B 12 3.65 7.43 17.08
CA LYS B 12 2.95 8.43 17.86
C LYS B 12 3.54 9.82 17.60
N ALA A 1 22.60 -5.04 -13.04
CA ALA A 1 22.82 -3.61 -12.92
C ALA A 1 21.49 -2.89 -13.04
N SER A 2 20.47 -3.65 -13.33
CA SER A 2 19.11 -3.16 -13.51
C SER A 2 18.52 -2.74 -12.15
N ALA A 3 19.19 -3.16 -11.11
CA ALA A 3 18.86 -2.76 -9.77
C ALA A 3 19.27 -1.31 -9.54
N SER A 4 20.26 -0.87 -10.30
CA SER A 4 20.78 0.46 -10.19
C SER A 4 20.10 1.38 -11.20
N TYR A 5 20.18 1.07 -12.49
CA TYR A 5 19.59 1.93 -13.51
C TYR A 5 18.29 1.30 -14.01
N ASP A 6 17.36 2.13 -14.39
CA ASP A 6 16.09 1.65 -14.89
C ASP A 6 16.12 1.68 -16.42
N SER A 7 15.22 0.99 -17.05
CA SER A 7 15.20 0.95 -18.49
C SER A 7 14.45 2.18 -19.03
N GLU A 8 13.21 2.30 -18.63
CA GLU A 8 12.30 3.32 -19.08
C GLU A 8 11.04 3.23 -18.26
N GLU A 9 10.31 4.32 -18.17
CA GLU A 9 9.08 4.36 -17.41
C GLU A 9 8.07 3.40 -18.02
N GLU A 10 7.72 2.38 -17.28
CA GLU A 10 6.76 1.41 -17.76
C GLU A 10 5.38 2.03 -17.75
N GLU A 11 5.07 2.64 -16.65
CA GLU A 11 3.80 3.26 -16.49
C GLU A 11 3.96 4.76 -16.70
N GLU A 12 3.33 5.26 -17.72
CA GLU A 12 3.36 6.67 -17.98
C GLU A 12 2.02 7.26 -17.66
N GLY A 13 2.04 8.34 -16.94
CA GLY A 13 0.87 8.95 -16.43
C GLY A 13 0.88 8.77 -14.95
N LEU A 14 0.95 7.52 -14.55
CA LEU A 14 1.12 7.15 -13.17
C LEU A 14 2.41 6.34 -13.04
N PRO A 15 3.56 7.01 -12.89
CA PRO A 15 4.85 6.33 -12.84
C PRO A 15 5.20 5.87 -11.43
N MET A 16 6.18 5.00 -11.30
CA MET A 16 6.62 4.60 -10.00
C MET A 16 7.86 5.35 -9.62
N SER A 17 7.81 5.97 -8.50
CA SER A 17 8.90 6.68 -7.97
C SER A 17 8.95 6.35 -6.50
N TYR A 18 10.06 6.63 -5.84
CA TYR A 18 10.20 6.34 -4.41
C TYR A 18 9.15 7.08 -3.59
N ASP A 19 8.80 8.27 -4.02
CA ASP A 19 7.78 9.06 -3.35
C ASP A 19 6.38 8.49 -3.63
N GLU A 20 6.16 8.01 -4.87
CA GLU A 20 4.90 7.37 -5.26
C GLU A 20 4.65 6.09 -4.47
N LYS A 21 5.72 5.36 -4.19
CA LYS A 21 5.61 4.14 -3.40
C LYS A 21 5.26 4.48 -1.99
N ARG A 22 5.76 5.60 -1.58
CA ARG A 22 5.67 6.00 -0.23
C ARG A 22 4.35 6.64 0.14
N GLN A 23 3.68 7.24 -0.81
CA GLN A 23 2.39 7.91 -0.53
C GLN A 23 1.40 6.93 0.09
N LEU A 24 1.52 5.68 -0.29
CA LEU A 24 0.72 4.62 0.28
C LEU A 24 0.99 4.44 1.79
N SER A 25 2.27 4.53 2.22
CA SER A 25 2.59 4.43 3.66
C SER A 25 1.88 5.53 4.46
N LEU A 26 1.74 6.69 3.83
CA LEU A 26 1.11 7.83 4.46
C LEU A 26 -0.37 7.60 4.77
N ASP A 27 -1.04 6.81 3.93
CA ASP A 27 -2.46 6.50 4.19
C ASP A 27 -2.62 5.47 5.25
N ILE A 28 -1.81 4.43 5.18
CA ILE A 28 -1.85 3.38 6.21
C ILE A 28 -1.46 3.97 7.57
N ASN A 29 -0.55 4.93 7.56
CA ASN A 29 -0.13 5.68 8.75
C ASN A 29 -1.37 6.33 9.45
N ARG A 30 -2.39 6.66 8.65
CA ARG A 30 -3.62 7.28 9.16
C ARG A 30 -4.74 6.26 9.39
N LEU A 31 -4.62 5.10 8.78
CA LEU A 31 -5.62 4.05 8.93
C LEU A 31 -5.60 3.43 10.33
N PRO A 32 -6.79 3.25 10.93
CA PRO A 32 -6.92 2.77 12.33
C PRO A 32 -6.50 1.31 12.56
N GLY A 33 -6.48 0.95 13.85
CA GLY A 33 -6.03 -0.35 14.33
C GLY A 33 -6.65 -1.54 13.62
N GLU A 34 -7.95 -1.57 13.53
CA GLU A 34 -8.60 -2.68 12.91
C GLU A 34 -8.62 -2.65 11.38
N LYS A 35 -8.07 -1.59 10.78
CA LYS A 35 -7.90 -1.54 9.32
C LYS A 35 -6.49 -1.96 8.90
N LEU A 36 -5.51 -1.65 9.73
CA LEU A 36 -4.10 -1.93 9.42
C LEU A 36 -3.85 -3.44 9.25
N GLY A 37 -4.53 -4.24 10.06
CA GLY A 37 -4.38 -5.69 9.95
C GLY A 37 -5.10 -6.23 8.73
N ARG A 38 -6.14 -5.51 8.30
CA ARG A 38 -6.93 -5.93 7.15
C ARG A 38 -6.11 -5.77 5.91
N VAL A 39 -5.57 -4.58 5.71
CA VAL A 39 -4.81 -4.27 4.52
C VAL A 39 -3.65 -5.24 4.32
N VAL A 40 -2.90 -5.48 5.36
CA VAL A 40 -1.78 -6.40 5.30
C VAL A 40 -2.25 -7.81 4.92
N HIS A 41 -3.46 -8.12 5.33
CA HIS A 41 -4.08 -9.40 5.02
C HIS A 41 -4.56 -9.44 3.55
N ILE A 42 -5.18 -8.35 3.06
CA ILE A 42 -5.65 -8.28 1.66
C ILE A 42 -4.48 -8.34 0.71
N ILE A 43 -3.45 -7.54 1.01
CA ILE A 43 -2.25 -7.54 0.18
C ILE A 43 -1.59 -8.95 0.24
N GLN A 44 -1.68 -9.59 1.39
CA GLN A 44 -1.12 -10.95 1.58
C GLN A 44 -2.02 -12.02 0.97
N SER A 45 -3.24 -11.65 0.62
CA SER A 45 -4.12 -12.54 -0.06
C SER A 45 -3.67 -12.64 -1.52
N ARG A 46 -3.03 -11.58 -1.99
CA ARG A 46 -2.44 -11.58 -3.31
C ARG A 46 -1.10 -12.27 -3.24
N GLU A 47 -0.22 -11.74 -2.42
CA GLU A 47 1.09 -12.32 -2.26
C GLU A 47 1.13 -12.98 -0.89
N PRO A 48 0.95 -14.31 -0.82
CA PRO A 48 0.88 -15.03 0.47
C PRO A 48 2.22 -15.05 1.21
N SER A 49 3.23 -14.63 0.51
CA SER A 49 4.58 -14.59 0.98
C SER A 49 4.94 -13.18 1.47
N LEU A 50 3.96 -12.22 1.40
CA LEU A 50 4.21 -10.80 1.74
C LEU A 50 4.98 -10.62 3.04
N ARG A 51 4.33 -10.79 4.18
CA ARG A 51 5.08 -10.61 5.39
C ARG A 51 5.69 -11.91 5.80
N ASP A 52 4.84 -12.88 5.95
CA ASP A 52 5.24 -14.27 6.14
C ASP A 52 4.13 -15.12 5.63
N SER A 53 2.97 -14.67 6.09
CA SER A 53 1.62 -15.19 5.97
C SER A 53 0.84 -14.42 7.04
N ASN A 54 1.63 -13.82 7.97
CA ASN A 54 1.13 -13.00 9.08
C ASN A 54 0.50 -11.69 8.68
N PRO A 55 -0.76 -11.53 9.04
CA PRO A 55 -1.52 -10.28 8.83
C PRO A 55 -1.22 -9.18 9.89
N ASP A 56 -0.83 -9.58 11.11
CA ASP A 56 -0.63 -8.59 12.20
C ASP A 56 0.71 -7.93 12.13
N GLU A 57 1.66 -8.59 11.55
CA GLU A 57 2.98 -8.03 11.44
C GLU A 57 2.99 -7.08 10.28
N ILE A 58 2.91 -5.82 10.60
CA ILE A 58 2.70 -4.83 9.62
C ILE A 58 3.90 -3.94 9.38
N GLU A 59 4.55 -4.20 8.31
CA GLU A 59 5.42 -3.30 7.70
C GLU A 59 5.34 -3.33 6.21
N ILE A 60 5.50 -2.19 5.64
CA ILE A 60 5.25 -2.00 4.26
C ILE A 60 6.53 -1.88 3.41
N ASP A 61 6.97 -3.00 2.97
CA ASP A 61 8.18 -3.23 2.15
C ASP A 61 8.31 -2.45 0.85
N PHE A 62 7.30 -1.64 0.54
CA PHE A 62 7.08 -0.88 -0.73
C PHE A 62 8.24 -0.06 -1.24
N GLU A 63 9.31 0.00 -0.51
CA GLU A 63 10.52 0.53 -1.04
C GLU A 63 11.02 -0.44 -2.12
N THR A 64 10.99 -1.72 -1.79
CA THR A 64 11.54 -2.76 -2.62
C THR A 64 10.43 -3.67 -3.23
N LEU A 65 9.22 -3.60 -2.68
CA LEU A 65 8.12 -4.47 -3.14
C LEU A 65 7.77 -4.24 -4.63
N LYS A 66 7.22 -5.28 -5.24
CA LYS A 66 6.82 -5.27 -6.62
C LYS A 66 5.62 -4.31 -6.84
N PRO A 67 5.77 -3.30 -7.73
CA PRO A 67 4.74 -2.28 -8.01
C PRO A 67 3.38 -2.86 -8.43
N THR A 68 3.36 -4.09 -8.95
CA THR A 68 2.11 -4.71 -9.31
C THR A 68 1.20 -4.89 -8.07
N THR A 69 1.80 -5.24 -6.94
CA THR A 69 1.07 -5.47 -5.72
C THR A 69 0.84 -4.13 -5.00
N LEU A 70 1.74 -3.18 -5.25
CA LEU A 70 1.68 -1.82 -4.69
C LEU A 70 0.33 -1.19 -4.99
N ARG A 71 -0.15 -1.45 -6.19
CA ARG A 71 -1.40 -0.91 -6.69
C ARG A 71 -2.61 -1.34 -5.84
N GLU A 72 -2.49 -2.48 -5.14
CA GLU A 72 -3.58 -3.00 -4.32
C GLU A 72 -3.81 -2.09 -3.12
N LEU A 73 -2.74 -1.48 -2.65
CA LEU A 73 -2.81 -0.59 -1.50
C LEU A 73 -3.68 0.61 -1.87
N GLU A 74 -3.51 1.11 -3.09
CA GLU A 74 -4.31 2.23 -3.60
C GLU A 74 -5.78 1.85 -3.61
N ARG A 75 -6.06 0.63 -4.07
CA ARG A 75 -7.43 0.11 -4.18
C ARG A 75 -8.05 0.05 -2.80
N TYR A 76 -7.28 -0.45 -1.86
CA TYR A 76 -7.68 -0.57 -0.49
C TYR A 76 -8.00 0.79 0.11
N VAL A 77 -7.06 1.71 -0.02
CA VAL A 77 -7.17 3.02 0.56
C VAL A 77 -8.33 3.79 -0.05
N LYS A 78 -8.48 3.68 -1.36
CA LYS A 78 -9.54 4.34 -2.10
C LYS A 78 -10.90 3.92 -1.52
N SER A 79 -11.03 2.64 -1.26
CA SER A 79 -12.23 2.08 -0.67
C SER A 79 -12.39 2.52 0.81
N CYS A 80 -11.29 2.66 1.52
CA CYS A 80 -11.30 3.11 2.90
C CYS A 80 -11.62 4.60 3.01
N LEU A 81 -11.19 5.38 2.03
CA LEU A 81 -11.49 6.79 2.01
C LEU A 81 -12.92 6.97 1.63
N GLN A 82 -13.30 6.36 0.47
CA GLN A 82 -14.65 6.41 -0.17
C GLN A 82 -15.32 7.79 -0.14
N LYS A 83 -14.53 8.84 -0.08
CA LYS A 83 -15.09 10.16 0.04
C LYS A 83 -14.84 10.96 -1.18
N LYS A 84 -15.89 11.24 -1.89
CA LYS A 84 -15.83 12.10 -3.03
C LYS A 84 -16.03 13.53 -2.58
N GLN A 85 -16.52 13.65 -1.35
CA GLN A 85 -16.57 14.88 -0.66
C GLN A 85 -15.40 14.87 0.27
N ARG A 86 -14.36 15.55 -0.10
CA ARG A 86 -13.16 15.53 0.67
C ARG A 86 -12.59 16.90 0.79
N LYS A 87 -11.53 17.02 1.52
CA LYS A 87 -10.83 18.23 1.65
C LYS A 87 -9.36 17.89 1.51
N ARG B 1 13.66 10.73 9.40
CA ARG B 1 13.94 10.71 7.97
C ARG B 1 13.34 9.45 7.38
N SER B 2 12.20 9.57 6.78
CA SER B 2 11.53 8.39 6.32
C SER B 2 11.34 8.39 4.80
N VAL B 3 12.29 7.80 4.11
CA VAL B 3 12.21 7.54 2.67
C VAL B 3 11.79 6.07 2.52
N LYS B 4 11.80 5.42 3.64
CA LYS B 4 11.38 4.05 3.83
C LYS B 4 9.88 4.02 3.94
N VAL B 5 9.26 3.21 3.13
CA VAL B 5 7.82 3.09 3.07
C VAL B 5 7.36 2.01 4.08
N LYS B 6 8.34 1.38 4.78
CA LYS B 6 8.02 0.30 5.71
C LYS B 6 7.31 0.83 6.95
N ILE B 7 5.98 0.76 6.88
CA ILE B 7 5.04 1.36 7.80
C ILE B 7 5.25 1.11 9.36
N LYS B 8 5.11 -0.15 9.82
CA LYS B 8 5.02 -0.50 11.26
C LYS B 8 3.93 0.29 12.00
N LEU B 9 2.71 -0.20 11.93
CA LEU B 9 1.60 0.44 12.64
C LEU B 9 1.68 0.10 14.11
N GLY B 10 1.46 1.09 14.95
CA GLY B 10 1.48 0.85 16.39
C GLY B 10 2.87 0.90 16.96
N ARG B 11 3.85 0.68 16.12
CA ARG B 11 5.21 0.70 16.53
C ARG B 11 5.68 2.13 16.35
N LYS B 12 5.68 2.88 17.44
CA LYS B 12 6.01 4.31 17.43
C LYS B 12 4.96 5.13 16.66
N ALA A 1 -11.56 11.52 -25.07
CA ALA A 1 -11.13 10.46 -24.17
C ALA A 1 -11.80 9.17 -24.55
N SER A 2 -12.55 9.21 -25.63
CA SER A 2 -13.30 8.07 -26.08
C SER A 2 -12.37 7.13 -26.89
N ALA A 3 -11.38 7.72 -27.54
CA ALA A 3 -10.42 6.97 -28.34
C ALA A 3 -9.57 6.08 -27.44
N SER A 4 -9.29 6.54 -26.24
CA SER A 4 -8.54 5.73 -25.28
C SER A 4 -9.51 4.92 -24.43
N TYR A 5 -10.78 5.36 -24.40
CA TYR A 5 -11.82 4.82 -23.57
C TYR A 5 -11.42 4.89 -22.10
N ASP A 6 -11.74 5.99 -21.50
CA ASP A 6 -11.29 6.28 -20.15
C ASP A 6 -12.42 6.18 -19.14
N SER A 7 -12.53 5.04 -18.51
CA SER A 7 -13.46 4.87 -17.42
C SER A 7 -12.68 5.03 -16.10
N GLU A 8 -11.46 4.51 -16.12
CA GLU A 8 -10.51 4.63 -15.04
C GLU A 8 -9.18 4.10 -15.52
N GLU A 9 -8.12 4.60 -14.97
CA GLU A 9 -6.79 4.13 -15.29
C GLU A 9 -6.07 3.75 -14.04
N GLU A 10 -4.80 3.41 -14.18
CA GLU A 10 -3.93 3.21 -13.04
C GLU A 10 -3.41 4.60 -12.64
N GLU A 11 -3.87 5.58 -13.41
CA GLU A 11 -3.62 7.00 -13.26
C GLU A 11 -2.17 7.38 -13.51
N GLU A 12 -1.94 8.69 -13.58
CA GLU A 12 -0.68 9.31 -13.90
C GLU A 12 -0.21 9.04 -15.31
N GLY A 13 0.04 7.82 -15.57
CA GLY A 13 0.59 7.40 -16.84
C GLY A 13 2.07 7.16 -16.68
N LEU A 14 2.53 7.48 -15.51
CA LEU A 14 3.91 7.33 -15.12
C LEU A 14 3.97 6.14 -14.20
N PRO A 15 5.06 5.38 -14.19
CA PRO A 15 5.21 4.27 -13.29
C PRO A 15 5.41 4.78 -11.87
N MET A 16 5.14 3.93 -10.94
CA MET A 16 5.17 4.31 -9.55
C MET A 16 6.55 4.11 -8.96
N SER A 17 7.19 5.21 -8.66
CA SER A 17 8.51 5.20 -8.14
C SER A 17 8.45 5.17 -6.61
N TYR A 18 9.62 5.22 -5.96
CA TYR A 18 9.77 5.12 -4.51
C TYR A 18 8.88 6.11 -3.75
N ASP A 19 8.71 7.30 -4.30
CA ASP A 19 7.92 8.32 -3.61
C ASP A 19 6.45 7.98 -3.68
N GLU A 20 6.02 7.48 -4.84
CA GLU A 20 4.64 7.07 -5.04
C GLU A 20 4.33 5.86 -4.18
N LYS A 21 5.30 4.94 -4.09
CA LYS A 21 5.18 3.75 -3.24
C LYS A 21 4.88 4.19 -1.83
N ARG A 22 5.69 5.12 -1.38
CA ARG A 22 5.62 5.57 -0.06
C ARG A 22 4.47 6.50 0.21
N GLN A 23 4.00 7.20 -0.79
CA GLN A 23 2.83 8.05 -0.61
C GLN A 23 1.64 7.22 -0.09
N LEU A 24 1.58 5.96 -0.51
CA LEU A 24 0.59 5.02 -0.02
C LEU A 24 0.90 4.51 1.40
N SER A 25 2.20 4.56 1.78
CA SER A 25 2.64 4.19 3.13
C SER A 25 1.90 5.07 4.11
N LEU A 26 1.82 6.35 3.77
CA LEU A 26 1.19 7.34 4.57
C LEU A 26 -0.30 7.07 4.78
N ASP A 27 -0.97 6.44 3.83
CA ASP A 27 -2.38 6.13 4.05
C ASP A 27 -2.57 4.97 4.93
N ILE A 28 -1.77 3.92 4.73
CA ILE A 28 -1.88 2.80 5.63
C ILE A 28 -1.47 3.20 7.05
N ASN A 29 -0.44 4.03 7.13
CA ASN A 29 0.07 4.59 8.38
C ASN A 29 -1.02 5.43 9.06
N ARG A 30 -1.94 5.95 8.28
CA ARG A 30 -3.00 6.79 8.77
C ARG A 30 -4.21 5.96 9.24
N LEU A 31 -4.39 4.80 8.62
CA LEU A 31 -5.53 3.94 8.91
C LEU A 31 -5.51 3.45 10.36
N PRO A 32 -6.68 3.52 11.03
CA PRO A 32 -6.81 3.08 12.43
C PRO A 32 -6.67 1.57 12.62
N GLY A 33 -6.60 1.16 13.88
CA GLY A 33 -6.38 -0.23 14.30
C GLY A 33 -7.24 -1.26 13.60
N GLU A 34 -8.53 -1.05 13.63
CA GLU A 34 -9.44 -2.00 13.04
C GLU A 34 -9.49 -1.93 11.51
N LYS A 35 -8.80 -0.96 10.92
CA LYS A 35 -8.71 -0.86 9.49
C LYS A 35 -7.40 -1.46 8.99
N LEU A 36 -6.31 -1.14 9.67
CA LEU A 36 -4.95 -1.58 9.31
C LEU A 36 -4.86 -3.11 9.25
N GLY A 37 -5.54 -3.78 10.20
CA GLY A 37 -5.52 -5.22 10.26
C GLY A 37 -6.20 -5.86 9.08
N ARG A 38 -7.16 -5.14 8.52
CA ARG A 38 -7.92 -5.64 7.38
C ARG A 38 -7.03 -5.68 6.17
N VAL A 39 -6.30 -4.60 6.00
CA VAL A 39 -5.45 -4.37 4.84
C VAL A 39 -4.46 -5.50 4.69
N VAL A 40 -3.86 -5.92 5.80
CA VAL A 40 -2.85 -6.95 5.76
C VAL A 40 -3.43 -8.27 5.22
N HIS A 41 -4.72 -8.46 5.40
CA HIS A 41 -5.40 -9.66 4.93
C HIS A 41 -5.60 -9.62 3.43
N ILE A 42 -6.06 -8.47 2.94
CA ILE A 42 -6.31 -8.30 1.51
C ILE A 42 -5.01 -8.31 0.73
N ILE A 43 -4.09 -7.45 1.12
CA ILE A 43 -2.83 -7.26 0.39
C ILE A 43 -1.97 -8.54 0.41
N GLN A 44 -2.15 -9.35 1.46
CA GLN A 44 -1.41 -10.61 1.68
C GLN A 44 -1.59 -11.58 0.51
N SER A 45 -2.65 -11.41 -0.24
CA SER A 45 -2.91 -12.28 -1.38
C SER A 45 -1.90 -12.01 -2.50
N ARG A 46 -1.31 -10.82 -2.50
CA ARG A 46 -0.43 -10.40 -3.56
C ARG A 46 1.00 -10.17 -3.05
N GLU A 47 1.16 -9.80 -1.79
CA GLU A 47 2.50 -9.58 -1.26
C GLU A 47 3.00 -10.82 -0.54
N PRO A 48 4.16 -11.35 -0.92
CA PRO A 48 4.74 -12.53 -0.27
C PRO A 48 5.60 -12.21 0.97
N SER A 49 5.91 -10.95 1.21
CA SER A 49 6.86 -10.59 2.24
C SER A 49 6.30 -10.74 3.65
N LEU A 50 5.08 -10.27 3.89
CA LEU A 50 4.49 -10.43 5.23
C LEU A 50 4.03 -11.87 5.43
N ARG A 51 3.92 -12.61 4.34
CA ARG A 51 3.54 -14.01 4.39
C ARG A 51 4.72 -14.83 4.87
N ASP A 52 5.91 -14.40 4.48
CA ASP A 52 7.16 -15.05 4.89
C ASP A 52 7.40 -14.85 6.36
N SER A 53 7.13 -13.65 6.81
CA SER A 53 7.17 -13.33 8.21
C SER A 53 5.82 -13.70 8.83
N ASN A 54 5.46 -13.09 9.93
CA ASN A 54 4.16 -13.35 10.50
C ASN A 54 3.08 -12.59 9.80
N PRO A 55 2.05 -13.30 9.30
CA PRO A 55 0.87 -12.68 8.68
C PRO A 55 -0.01 -12.01 9.74
N ASP A 56 0.39 -12.19 10.98
CA ASP A 56 -0.28 -11.64 12.14
C ASP A 56 0.05 -10.18 12.29
N GLU A 57 1.22 -9.81 11.82
CA GLU A 57 1.68 -8.47 11.94
C GLU A 57 1.55 -7.74 10.62
N ILE A 58 1.39 -6.46 10.70
CA ILE A 58 1.17 -5.65 9.53
C ILE A 58 2.47 -5.09 8.97
N GLU A 59 2.89 -5.60 7.86
CA GLU A 59 4.08 -5.10 7.25
C GLU A 59 3.96 -5.04 5.78
N ILE A 60 4.56 -4.01 5.25
CA ILE A 60 4.39 -3.62 3.84
C ILE A 60 5.70 -3.39 3.08
N ASP A 61 5.98 -4.25 2.18
CA ASP A 61 7.23 -4.31 1.39
C ASP A 61 7.52 -3.23 0.31
N PHE A 62 6.58 -2.32 0.11
CA PHE A 62 6.48 -1.38 -1.07
C PHE A 62 7.76 -0.59 -1.46
N GLU A 63 8.77 -0.51 -0.61
CA GLU A 63 10.06 0.07 -1.05
C GLU A 63 10.60 -0.82 -2.18
N THR A 64 10.68 -2.07 -1.86
CA THR A 64 11.23 -3.09 -2.71
C THR A 64 10.14 -3.84 -3.50
N LEU A 65 8.95 -3.87 -2.97
CA LEU A 65 7.83 -4.55 -3.61
C LEU A 65 7.37 -3.82 -4.90
N LYS A 66 6.71 -4.56 -5.75
CA LYS A 66 6.31 -4.11 -7.07
C LYS A 66 5.00 -3.30 -7.05
N PRO A 67 4.79 -2.39 -8.05
CA PRO A 67 3.57 -1.55 -8.16
C PRO A 67 2.27 -2.36 -8.30
N THR A 68 2.43 -3.62 -8.68
CA THR A 68 1.33 -4.54 -8.82
C THR A 68 0.55 -4.67 -7.49
N THR A 69 1.28 -4.76 -6.41
CA THR A 69 0.67 -4.88 -5.12
C THR A 69 0.32 -3.48 -4.58
N LEU A 70 1.06 -2.48 -5.06
CA LEU A 70 0.84 -1.08 -4.66
C LEU A 70 -0.57 -0.65 -4.99
N ARG A 71 -1.01 -0.99 -6.20
CA ARG A 71 -2.35 -0.63 -6.66
C ARG A 71 -3.45 -1.29 -5.82
N GLU A 72 -3.13 -2.42 -5.17
CA GLU A 72 -4.09 -3.10 -4.31
C GLU A 72 -4.41 -2.20 -3.09
N LEU A 73 -3.36 -1.53 -2.60
CA LEU A 73 -3.51 -0.62 -1.46
C LEU A 73 -4.32 0.59 -1.94
N GLU A 74 -4.05 1.03 -3.17
CA GLU A 74 -4.74 2.16 -3.81
C GLU A 74 -6.26 1.91 -3.82
N ARG A 75 -6.64 0.71 -4.22
CA ARG A 75 -8.06 0.29 -4.28
C ARG A 75 -8.67 0.35 -2.89
N TYR A 76 -7.90 -0.06 -1.91
CA TYR A 76 -8.34 -0.06 -0.54
C TYR A 76 -8.53 1.37 -0.05
N VAL A 77 -7.51 2.18 -0.26
CA VAL A 77 -7.43 3.56 0.22
C VAL A 77 -8.57 4.42 -0.38
N LYS A 78 -9.10 4.00 -1.52
CA LYS A 78 -10.25 4.69 -2.12
C LYS A 78 -11.43 4.73 -1.12
N SER A 79 -11.57 3.68 -0.33
CA SER A 79 -12.58 3.61 0.70
C SER A 79 -12.24 4.61 1.84
N CYS A 80 -10.97 4.84 2.04
CA CYS A 80 -10.47 5.76 3.05
C CYS A 80 -10.75 7.22 2.59
N LEU A 81 -10.66 7.42 1.29
CA LEU A 81 -10.84 8.74 0.68
C LEU A 81 -12.28 9.25 0.75
N GLN A 82 -13.22 8.44 1.21
CA GLN A 82 -14.60 8.94 1.36
C GLN A 82 -14.63 9.99 2.46
N LYS A 83 -13.79 9.79 3.45
CA LYS A 83 -13.73 10.67 4.59
C LYS A 83 -12.68 11.77 4.38
N LYS A 84 -11.81 11.56 3.43
CA LYS A 84 -10.71 12.50 3.21
C LYS A 84 -10.78 13.19 1.87
N GLN A 85 -11.93 13.22 1.26
CA GLN A 85 -12.09 14.00 0.05
C GLN A 85 -12.23 15.47 0.44
N ARG A 86 -11.15 16.20 0.28
CA ARG A 86 -11.04 17.54 0.75
C ARG A 86 -10.61 18.43 -0.39
N LYS A 87 -10.82 19.72 -0.26
CA LYS A 87 -10.42 20.69 -1.25
C LYS A 87 -9.86 21.89 -0.53
N ARG B 1 15.30 1.19 3.24
CA ARG B 1 15.95 1.73 4.43
C ARG B 1 15.64 3.23 4.55
N SER B 2 15.38 3.69 5.78
CA SER B 2 15.05 5.09 6.12
C SER B 2 13.70 5.54 5.52
N VAL B 3 13.62 5.64 4.21
CA VAL B 3 12.39 6.02 3.52
C VAL B 3 11.54 4.77 3.26
N LYS B 4 11.33 4.03 4.32
CA LYS B 4 10.64 2.76 4.28
C LYS B 4 9.17 2.93 4.06
N VAL B 5 8.65 2.02 3.32
CA VAL B 5 7.25 1.90 3.15
C VAL B 5 6.84 0.64 3.91
N LYS B 6 7.88 -0.02 4.53
CA LYS B 6 7.71 -1.19 5.42
C LYS B 6 6.86 -0.70 6.56
N ILE B 7 5.55 -0.88 6.41
CA ILE B 7 4.59 -0.20 7.22
C ILE B 7 4.75 -0.34 8.75
N LYS B 8 4.49 -1.56 9.27
CA LYS B 8 4.48 -1.85 10.69
C LYS B 8 3.66 -0.81 11.46
N LEU B 9 2.31 -0.88 11.29
CA LEU B 9 1.40 0.07 11.95
C LEU B 9 1.65 0.08 13.46
N GLY B 10 1.72 -1.11 14.01
CA GLY B 10 2.05 -1.25 15.39
C GLY B 10 3.48 -1.71 15.51
N ARG B 11 4.26 -0.99 16.28
CA ARG B 11 5.65 -1.32 16.48
C ARG B 11 5.73 -2.52 17.43
N LYS B 12 6.64 -3.42 17.16
CA LYS B 12 6.82 -4.58 18.00
C LYS B 12 8.02 -4.39 18.91
N ALA A 1 15.26 6.95 -5.97
CA ALA A 1 15.59 5.60 -5.53
C ALA A 1 15.57 4.66 -6.71
N SER A 2 15.32 5.23 -7.87
CA SER A 2 15.25 4.51 -9.13
C SER A 2 16.60 3.85 -9.43
N ALA A 3 17.66 4.61 -9.24
CA ALA A 3 19.02 4.14 -9.45
C ALA A 3 19.44 3.22 -8.31
N SER A 4 18.84 3.42 -7.17
CA SER A 4 19.17 2.65 -6.00
C SER A 4 18.61 1.22 -6.09
N TYR A 5 17.29 1.08 -6.07
CA TYR A 5 16.68 -0.23 -6.07
C TYR A 5 15.43 -0.31 -6.91
N ASP A 6 15.64 -0.76 -8.13
CA ASP A 6 14.62 -1.05 -9.14
C ASP A 6 15.37 -1.19 -10.44
N SER A 7 14.68 -1.39 -11.50
CA SER A 7 15.28 -1.48 -12.79
C SER A 7 14.56 -0.53 -13.73
N GLU A 8 13.26 -0.36 -13.47
CA GLU A 8 12.35 0.36 -14.32
C GLU A 8 12.34 -0.30 -15.70
N GLU A 9 11.73 -1.48 -15.72
CA GLU A 9 11.61 -2.29 -16.92
C GLU A 9 10.72 -1.60 -17.91
N GLU A 10 11.35 -1.11 -18.97
CA GLU A 10 10.71 -0.37 -20.04
C GLU A 10 10.27 0.99 -19.55
N GLU A 11 10.78 2.01 -20.20
CA GLU A 11 10.55 3.36 -19.79
C GLU A 11 9.11 3.85 -20.03
N GLU A 12 8.35 3.80 -18.96
CA GLU A 12 7.00 4.25 -18.93
C GLU A 12 7.02 5.76 -18.61
N GLY A 13 5.87 6.40 -18.56
CA GLY A 13 5.79 7.79 -18.23
C GLY A 13 5.91 8.00 -16.74
N LEU A 14 5.70 6.92 -16.01
CA LEU A 14 5.82 6.94 -14.58
C LEU A 14 7.24 6.56 -14.15
N PRO A 15 7.99 7.49 -13.56
CA PRO A 15 9.27 7.18 -12.98
C PRO A 15 9.08 6.58 -11.60
N MET A 16 9.94 5.71 -11.20
CA MET A 16 9.72 5.01 -9.96
C MET A 16 10.83 5.15 -8.96
N SER A 17 10.55 5.87 -7.93
CA SER A 17 11.39 6.01 -6.79
C SER A 17 10.58 5.43 -5.63
N TYR A 18 11.08 5.47 -4.41
CA TYR A 18 10.28 4.96 -3.31
C TYR A 18 9.10 5.82 -3.05
N ASP A 19 9.20 7.10 -3.37
CA ASP A 19 8.09 8.08 -3.19
C ASP A 19 6.78 7.66 -3.84
N GLU A 20 6.85 7.02 -5.00
CA GLU A 20 5.66 6.55 -5.69
C GLU A 20 5.03 5.39 -4.94
N LYS A 21 5.88 4.53 -4.43
CA LYS A 21 5.47 3.38 -3.62
C LYS A 21 4.90 3.90 -2.32
N ARG A 22 5.60 4.84 -1.81
CA ARG A 22 5.39 5.44 -0.56
C ARG A 22 4.17 6.33 -0.51
N GLN A 23 3.72 6.82 -1.63
CA GLN A 23 2.52 7.66 -1.66
C GLN A 23 1.33 6.93 -0.97
N LEU A 24 1.31 5.61 -1.10
CA LEU A 24 0.33 4.77 -0.41
C LEU A 24 0.67 4.57 1.10
N SER A 25 1.95 4.73 1.45
CA SER A 25 2.47 4.56 2.83
C SER A 25 1.76 5.55 3.76
N LEU A 26 1.50 6.72 3.22
CA LEU A 26 0.87 7.76 3.97
C LEU A 26 -0.56 7.39 4.33
N ASP A 27 -1.28 6.68 3.45
CA ASP A 27 -2.66 6.31 3.75
C ASP A 27 -2.75 5.24 4.78
N ILE A 28 -1.82 4.29 4.75
CA ILE A 28 -1.84 3.26 5.78
C ILE A 28 -1.53 3.87 7.16
N ASN A 29 -0.65 4.85 7.17
CA ASN A 29 -0.30 5.60 8.40
C ASN A 29 -1.53 6.38 8.93
N ARG A 30 -2.47 6.66 8.04
CA ARG A 30 -3.70 7.40 8.37
C ARG A 30 -4.81 6.45 8.84
N LEU A 31 -4.59 5.18 8.72
CA LEU A 31 -5.59 4.20 9.11
C LEU A 31 -5.47 3.78 10.58
N PRO A 32 -6.62 3.57 11.26
CA PRO A 32 -6.66 3.15 12.68
C PRO A 32 -6.30 1.66 12.87
N GLY A 33 -6.16 1.27 14.15
CA GLY A 33 -5.74 -0.08 14.54
C GLY A 33 -6.52 -1.21 13.89
N GLU A 34 -7.83 -1.13 13.99
CA GLU A 34 -8.74 -2.13 13.44
C GLU A 34 -8.55 -2.25 11.93
N LYS A 35 -8.29 -1.14 11.31
CA LYS A 35 -8.22 -1.11 9.88
C LYS A 35 -6.85 -1.41 9.31
N LEU A 36 -5.79 -1.10 10.06
CA LEU A 36 -4.43 -1.43 9.61
C LEU A 36 -4.28 -2.95 9.49
N GLY A 37 -4.89 -3.68 10.43
CA GLY A 37 -4.83 -5.13 10.42
C GLY A 37 -5.64 -5.70 9.28
N ARG A 38 -6.68 -4.97 8.91
CA ARG A 38 -7.53 -5.33 7.80
C ARG A 38 -6.72 -5.31 6.51
N VAL A 39 -5.95 -4.22 6.33
CA VAL A 39 -5.10 -4.02 5.13
C VAL A 39 -4.16 -5.20 4.96
N VAL A 40 -3.53 -5.58 6.05
CA VAL A 40 -2.59 -6.68 6.07
C VAL A 40 -3.22 -7.98 5.54
N HIS A 41 -4.52 -8.14 5.73
CA HIS A 41 -5.24 -9.32 5.23
C HIS A 41 -5.47 -9.22 3.71
N ILE A 42 -5.91 -8.05 3.24
CA ILE A 42 -6.19 -7.85 1.82
C ILE A 42 -4.92 -7.98 1.00
N ILE A 43 -3.89 -7.23 1.37
CA ILE A 43 -2.63 -7.23 0.61
C ILE A 43 -1.95 -8.65 0.68
N GLN A 44 -2.20 -9.33 1.81
CA GLN A 44 -1.69 -10.70 2.12
C GLN A 44 -2.16 -11.68 1.04
N SER A 45 -3.35 -11.42 0.54
CA SER A 45 -4.00 -12.29 -0.40
C SER A 45 -3.34 -12.25 -1.80
N ARG A 46 -2.46 -11.31 -2.02
CA ARG A 46 -1.84 -11.17 -3.31
C ARG A 46 -0.43 -11.69 -3.35
N GLU A 47 0.40 -11.17 -2.49
CA GLU A 47 1.81 -11.50 -2.52
C GLU A 47 2.20 -12.58 -1.56
N PRO A 48 2.67 -13.72 -2.09
CA PRO A 48 3.21 -14.80 -1.26
C PRO A 48 4.54 -14.34 -0.64
N SER A 49 5.20 -13.42 -1.34
CA SER A 49 6.46 -12.83 -0.94
C SER A 49 6.24 -12.05 0.37
N LEU A 50 5.12 -11.34 0.40
CA LEU A 50 4.71 -10.52 1.54
C LEU A 50 4.41 -11.43 2.73
N ARG A 51 3.93 -12.62 2.43
CA ARG A 51 3.44 -13.53 3.42
C ARG A 51 4.50 -14.11 4.35
N ASP A 52 5.76 -13.76 4.12
CA ASP A 52 6.80 -14.10 5.08
C ASP A 52 6.47 -13.42 6.40
N SER A 53 5.99 -12.21 6.29
CA SER A 53 5.56 -11.45 7.42
C SER A 53 4.21 -11.99 7.89
N ASN A 54 4.18 -12.46 9.12
CA ASN A 54 2.98 -13.02 9.69
C ASN A 54 1.97 -11.88 9.94
N PRO A 55 0.67 -12.09 9.59
CA PRO A 55 -0.42 -11.05 9.63
C PRO A 55 -0.65 -10.36 10.99
N ASP A 56 0.05 -10.77 12.02
CA ASP A 56 -0.08 -10.13 13.32
C ASP A 56 0.77 -8.86 13.33
N GLU A 57 1.73 -8.82 12.44
CA GLU A 57 2.58 -7.68 12.28
C GLU A 57 2.27 -7.04 10.92
N ILE A 58 2.46 -5.77 10.86
CA ILE A 58 2.16 -4.99 9.70
C ILE A 58 3.38 -4.22 9.23
N GLU A 59 4.01 -4.70 8.20
CA GLU A 59 5.05 -3.96 7.61
C GLU A 59 5.06 -4.05 6.11
N ILE A 60 4.89 -2.91 5.55
CA ILE A 60 4.60 -2.78 4.15
C ILE A 60 5.80 -2.84 3.21
N ASP A 61 5.95 -3.96 2.60
CA ASP A 61 7.02 -4.33 1.65
C ASP A 61 7.22 -3.43 0.40
N PHE A 62 6.36 -2.43 0.23
CA PHE A 62 6.24 -1.57 -0.99
C PHE A 62 7.54 -0.97 -1.53
N GLU A 63 8.55 -0.93 -0.72
CA GLU A 63 9.86 -0.55 -1.21
C GLU A 63 10.38 -1.60 -2.21
N THR A 64 10.22 -2.85 -1.85
CA THR A 64 10.68 -3.98 -2.63
C THR A 64 9.58 -4.43 -3.59
N LEU A 65 8.35 -4.25 -3.15
CA LEU A 65 7.19 -4.71 -3.87
C LEU A 65 6.87 -3.82 -5.09
N LYS A 66 6.27 -4.41 -6.09
CA LYS A 66 6.04 -3.78 -7.38
C LYS A 66 4.61 -3.18 -7.50
N PRO A 67 4.41 -2.22 -8.47
CA PRO A 67 3.15 -1.46 -8.69
C PRO A 67 1.83 -2.27 -8.71
N THR A 68 1.87 -3.53 -9.08
CA THR A 68 0.67 -4.35 -9.14
C THR A 68 -0.03 -4.48 -7.77
N THR A 69 0.74 -4.81 -6.76
CA THR A 69 0.20 -4.94 -5.42
C THR A 69 0.10 -3.56 -4.76
N LEU A 70 0.93 -2.63 -5.23
CA LEU A 70 0.94 -1.24 -4.77
C LEU A 70 -0.46 -0.64 -4.89
N ARG A 71 -1.09 -0.94 -6.01
CA ARG A 71 -2.41 -0.46 -6.31
C ARG A 71 -3.49 -1.08 -5.42
N GLU A 72 -3.22 -2.24 -4.84
CA GLU A 72 -4.20 -2.90 -3.97
C GLU A 72 -4.47 -2.01 -2.74
N LEU A 73 -3.45 -1.29 -2.28
CA LEU A 73 -3.59 -0.38 -1.13
C LEU A 73 -4.58 0.72 -1.52
N GLU A 74 -4.44 1.22 -2.75
CA GLU A 74 -5.33 2.25 -3.30
C GLU A 74 -6.78 1.79 -3.24
N ARG A 75 -6.98 0.53 -3.62
CA ARG A 75 -8.31 -0.05 -3.69
C ARG A 75 -8.90 -0.18 -2.31
N TYR A 76 -8.02 -0.45 -1.36
CA TYR A 76 -8.38 -0.54 0.00
C TYR A 76 -8.84 0.83 0.51
N VAL A 77 -8.02 1.84 0.28
CA VAL A 77 -8.27 3.18 0.81
C VAL A 77 -9.55 3.76 0.18
N LYS A 78 -9.82 3.35 -1.05
CA LYS A 78 -11.05 3.73 -1.75
C LYS A 78 -12.26 3.25 -0.90
N SER A 79 -12.17 2.02 -0.41
CA SER A 79 -13.19 1.44 0.43
C SER A 79 -13.22 2.13 1.80
N CYS A 80 -12.06 2.55 2.30
CA CYS A 80 -11.97 3.26 3.55
C CYS A 80 -12.74 4.58 3.50
N LEU A 81 -12.74 5.21 2.33
CA LEU A 81 -13.39 6.50 2.14
C LEU A 81 -14.92 6.36 2.03
N GLN A 82 -15.40 5.14 1.95
CA GLN A 82 -16.82 4.90 1.91
C GLN A 82 -17.42 4.96 3.29
N LYS A 83 -18.49 5.72 3.41
CA LYS A 83 -19.17 5.88 4.68
C LYS A 83 -20.06 4.69 4.98
N LYS A 84 -19.43 3.61 5.26
CA LYS A 84 -20.06 2.38 5.66
C LYS A 84 -19.40 1.94 6.93
N GLN A 85 -18.08 2.07 6.93
CA GLN A 85 -17.29 1.80 8.09
C GLN A 85 -17.53 2.91 9.11
N ARG A 86 -17.52 2.58 10.37
CA ARG A 86 -17.79 3.58 11.37
C ARG A 86 -16.55 3.99 12.11
N LYS A 87 -16.24 5.25 12.01
CA LYS A 87 -15.17 5.84 12.73
C LYS A 87 -15.74 6.98 13.55
N ARG B 1 11.70 12.07 -1.00
CA ARG B 1 11.38 11.59 0.35
C ARG B 1 11.37 10.05 0.31
N SER B 2 12.15 9.51 -0.63
CA SER B 2 12.23 8.10 -0.86
C SER B 2 12.99 7.37 0.24
N VAL B 3 12.23 6.87 1.18
CA VAL B 3 12.71 6.02 2.25
C VAL B 3 11.71 4.87 2.40
N LYS B 4 11.82 4.13 3.46
CA LYS B 4 10.99 2.94 3.68
C LYS B 4 9.50 3.19 3.68
N VAL B 5 8.82 2.22 3.11
CA VAL B 5 7.39 2.16 3.05
C VAL B 5 6.99 0.97 3.92
N LYS B 6 8.02 0.31 4.53
CA LYS B 6 7.82 -0.82 5.45
C LYS B 6 7.17 -0.29 6.72
N ILE B 7 5.87 -0.03 6.58
CA ILE B 7 5.02 0.68 7.50
C ILE B 7 5.30 0.50 9.02
N LYS B 8 5.05 -0.71 9.57
CA LYS B 8 5.08 -0.96 11.02
C LYS B 8 4.17 0.06 11.71
N LEU B 9 2.87 -0.21 11.65
CA LEU B 9 1.86 0.71 12.14
C LEU B 9 1.99 0.88 13.66
N GLY B 10 1.99 2.13 14.10
CA GLY B 10 2.02 2.41 15.53
C GLY B 10 0.63 2.43 16.12
N ARG B 11 -0.31 1.82 15.38
CA ARG B 11 -1.72 1.70 15.73
C ARG B 11 -2.28 3.11 15.95
N LYS B 12 -2.99 3.34 17.06
CA LYS B 12 -3.41 4.68 17.48
C LYS B 12 -4.32 5.35 16.42
N ALA A 1 -13.85 16.58 -13.18
CA ALA A 1 -13.46 16.43 -14.58
C ALA A 1 -14.52 17.06 -15.46
N SER A 2 -15.51 17.62 -14.83
CA SER A 2 -16.64 18.21 -15.49
C SER A 2 -16.30 19.59 -16.09
N ALA A 3 -15.42 20.31 -15.44
CA ALA A 3 -15.02 21.64 -15.89
C ALA A 3 -14.09 21.55 -17.11
N SER A 4 -13.03 20.80 -16.97
CA SER A 4 -12.04 20.70 -18.02
C SER A 4 -12.46 19.72 -19.11
N TYR A 5 -12.97 18.54 -18.71
CA TYR A 5 -13.35 17.44 -19.61
C TYR A 5 -12.11 16.91 -20.41
N ASP A 6 -12.24 15.72 -21.01
CA ASP A 6 -11.17 15.07 -21.80
C ASP A 6 -9.98 14.76 -20.94
N SER A 7 -10.23 14.47 -19.68
CA SER A 7 -9.17 14.15 -18.74
C SER A 7 -8.59 12.76 -19.04
N GLU A 8 -9.41 11.92 -19.66
CA GLU A 8 -9.02 10.60 -20.15
C GLU A 8 -8.40 9.73 -19.07
N GLU A 9 -9.10 9.63 -17.97
CA GLU A 9 -8.65 8.80 -16.89
C GLU A 9 -9.20 7.39 -17.00
N GLU A 10 -8.37 6.50 -17.42
CA GLU A 10 -8.75 5.13 -17.59
C GLU A 10 -8.16 4.30 -16.48
N GLU A 11 -6.85 4.32 -16.41
CA GLU A 11 -6.09 3.58 -15.42
C GLU A 11 -5.00 4.51 -14.94
N GLU A 12 -4.03 3.96 -14.25
CA GLU A 12 -2.88 4.74 -13.85
C GLU A 12 -2.00 4.95 -15.08
N GLY A 13 -1.93 6.18 -15.53
CA GLY A 13 -1.19 6.51 -16.72
C GLY A 13 0.28 6.62 -16.43
N LEU A 14 0.60 7.00 -15.23
CA LEU A 14 1.96 7.08 -14.83
C LEU A 14 2.33 5.93 -13.90
N PRO A 15 3.58 5.47 -13.94
CA PRO A 15 4.05 4.48 -13.00
C PRO A 15 4.28 5.13 -11.63
N MET A 16 4.44 4.32 -10.63
CA MET A 16 4.57 4.81 -9.30
C MET A 16 6.01 4.72 -8.84
N SER A 17 6.63 5.86 -8.74
CA SER A 17 7.99 5.95 -8.32
C SER A 17 8.01 6.04 -6.79
N TYR A 18 9.19 6.21 -6.20
CA TYR A 18 9.38 6.25 -4.75
C TYR A 18 8.41 7.18 -4.04
N ASP A 19 8.16 8.32 -4.65
CA ASP A 19 7.29 9.32 -4.03
C ASP A 19 5.84 8.90 -4.07
N GLU A 20 5.41 8.31 -5.17
CA GLU A 20 4.04 7.85 -5.30
C GLU A 20 3.81 6.65 -4.40
N LYS A 21 4.78 5.70 -4.39
CA LYS A 21 4.70 4.51 -3.53
C LYS A 21 4.57 4.93 -2.10
N ARG A 22 5.22 6.00 -1.80
CA ARG A 22 5.33 6.47 -0.49
C ARG A 22 4.06 7.07 0.02
N GLN A 23 3.24 7.61 -0.85
CA GLN A 23 1.95 8.15 -0.44
C GLN A 23 1.14 7.08 0.27
N LEU A 24 1.30 5.85 -0.21
CA LEU A 24 0.66 4.69 0.38
C LEU A 24 1.14 4.46 1.83
N SER A 25 2.43 4.78 2.11
CA SER A 25 2.99 4.65 3.45
C SER A 25 2.20 5.55 4.41
N LEU A 26 1.95 6.77 3.95
CA LEU A 26 1.26 7.76 4.72
C LEU A 26 -0.23 7.42 4.86
N ASP A 27 -0.79 6.76 3.84
CA ASP A 27 -2.19 6.33 3.87
C ASP A 27 -2.42 5.36 5.00
N ILE A 28 -1.68 4.26 5.00
CA ILE A 28 -1.78 3.23 6.06
C ILE A 28 -1.50 3.83 7.45
N ASN A 29 -0.59 4.78 7.52
CA ASN A 29 -0.25 5.47 8.77
C ASN A 29 -1.50 6.17 9.34
N ARG A 30 -2.33 6.66 8.46
CA ARG A 30 -3.51 7.44 8.82
C ARG A 30 -4.72 6.56 9.17
N LEU A 31 -4.81 5.38 8.59
CA LEU A 31 -5.94 4.50 8.86
C LEU A 31 -5.92 3.90 10.28
N PRO A 32 -7.12 3.70 10.87
CA PRO A 32 -7.30 3.15 12.22
C PRO A 32 -6.66 1.76 12.42
N GLY A 33 -6.44 1.42 13.69
CA GLY A 33 -5.80 0.15 14.07
C GLY A 33 -6.52 -1.09 13.54
N GLU A 34 -7.83 -1.03 13.52
CA GLU A 34 -8.65 -2.14 13.05
C GLU A 34 -8.39 -2.34 11.54
N LYS A 35 -8.09 -1.24 10.87
CA LYS A 35 -7.91 -1.24 9.43
C LYS A 35 -6.52 -1.67 8.99
N LEU A 36 -5.49 -1.42 9.81
CA LEU A 36 -4.13 -1.86 9.48
C LEU A 36 -4.10 -3.40 9.40
N GLY A 37 -4.84 -4.04 10.31
CA GLY A 37 -4.91 -5.49 10.34
C GLY A 37 -5.76 -6.02 9.21
N ARG A 38 -6.69 -5.22 8.76
CA ARG A 38 -7.56 -5.56 7.65
C ARG A 38 -6.77 -5.54 6.36
N VAL A 39 -6.14 -4.41 6.12
CA VAL A 39 -5.45 -4.17 4.88
C VAL A 39 -4.32 -5.13 4.64
N VAL A 40 -3.60 -5.48 5.71
CA VAL A 40 -2.48 -6.38 5.58
C VAL A 40 -2.93 -7.72 4.99
N HIS A 41 -4.17 -8.08 5.29
CA HIS A 41 -4.74 -9.34 4.82
C HIS A 41 -5.08 -9.23 3.33
N ILE A 42 -5.65 -8.10 2.96
CA ILE A 42 -6.02 -7.86 1.55
C ILE A 42 -4.75 -7.78 0.70
N ILE A 43 -3.76 -7.07 1.19
CA ILE A 43 -2.51 -6.89 0.46
C ILE A 43 -1.71 -8.20 0.36
N GLN A 44 -1.69 -8.98 1.45
CA GLN A 44 -0.94 -10.26 1.48
C GLN A 44 -1.60 -11.29 0.55
N SER A 45 -2.77 -10.98 0.08
CA SER A 45 -3.43 -11.84 -0.85
C SER A 45 -2.77 -11.74 -2.24
N ARG A 46 -1.88 -10.75 -2.42
CA ARG A 46 -1.17 -10.61 -3.66
C ARG A 46 0.22 -11.23 -3.61
N GLU A 47 0.91 -11.12 -2.50
CA GLU A 47 2.26 -11.65 -2.42
C GLU A 47 2.45 -12.67 -1.26
N PRO A 48 3.50 -13.51 -1.28
CA PRO A 48 3.75 -14.50 -0.25
C PRO A 48 4.76 -14.04 0.84
N SER A 49 5.41 -12.90 0.65
CA SER A 49 6.58 -12.46 1.45
C SER A 49 6.37 -12.53 2.99
N LEU A 50 5.22 -12.13 3.48
CA LEU A 50 5.01 -12.15 4.92
C LEU A 50 4.13 -13.31 5.36
N ARG A 51 3.68 -14.09 4.39
CA ARG A 51 2.71 -15.16 4.67
C ARG A 51 3.34 -16.42 5.20
N ASP A 52 4.62 -16.62 4.93
CA ASP A 52 5.31 -17.80 5.48
C ASP A 52 5.58 -17.54 6.94
N SER A 53 5.77 -16.30 7.24
CA SER A 53 6.02 -15.80 8.55
C SER A 53 4.66 -15.57 9.27
N ASN A 54 4.58 -14.57 10.12
CA ASN A 54 3.35 -14.24 10.81
C ASN A 54 2.46 -13.39 9.89
N PRO A 55 1.29 -13.90 9.46
CA PRO A 55 0.40 -13.18 8.54
C PRO A 55 -0.31 -11.99 9.19
N ASP A 56 -0.28 -11.93 10.50
CA ASP A 56 -0.90 -10.84 11.25
C ASP A 56 0.03 -9.67 11.40
N GLU A 57 1.26 -9.86 11.01
CA GLU A 57 2.26 -8.85 11.16
C GLU A 57 2.17 -7.89 9.97
N ILE A 58 2.30 -6.63 10.23
CA ILE A 58 2.15 -5.62 9.23
C ILE A 58 3.47 -5.04 8.83
N GLU A 59 3.93 -5.44 7.68
CA GLU A 59 5.12 -4.87 7.19
C GLU A 59 5.11 -4.59 5.74
N ILE A 60 5.22 -3.34 5.51
CA ILE A 60 5.07 -2.72 4.25
C ILE A 60 6.40 -2.34 3.64
N ASP A 61 6.89 -3.19 2.84
CA ASP A 61 8.18 -3.09 2.15
C ASP A 61 8.34 -2.07 0.98
N PHE A 62 7.27 -1.37 0.64
CA PHE A 62 7.09 -0.56 -0.63
C PHE A 62 8.21 0.44 -1.04
N GLU A 63 9.29 0.54 -0.33
CA GLU A 63 10.44 1.22 -0.88
C GLU A 63 11.03 0.35 -1.99
N THR A 64 10.95 -0.95 -1.77
CA THR A 64 11.46 -1.95 -2.69
C THR A 64 10.37 -2.87 -3.23
N LEU A 65 9.36 -3.11 -2.43
CA LEU A 65 8.25 -4.00 -2.80
C LEU A 65 7.53 -3.55 -4.09
N LYS A 66 7.23 -4.54 -4.90
CA LYS A 66 6.70 -4.40 -6.23
C LYS A 66 5.36 -3.66 -6.31
N PRO A 67 5.16 -2.85 -7.40
CA PRO A 67 3.94 -2.07 -7.63
C PRO A 67 2.71 -2.95 -7.80
N THR A 68 2.95 -4.22 -8.15
CA THR A 68 1.91 -5.19 -8.32
C THR A 68 1.16 -5.39 -6.99
N THR A 69 1.87 -5.30 -5.90
CA THR A 69 1.28 -5.42 -4.60
C THR A 69 0.70 -4.04 -4.16
N LEU A 70 1.44 -3.01 -4.52
CA LEU A 70 1.16 -1.60 -4.18
C LEU A 70 -0.24 -1.16 -4.62
N ARG A 71 -0.60 -1.48 -5.85
CA ARG A 71 -1.86 -1.04 -6.45
C ARG A 71 -3.11 -1.51 -5.69
N GLU A 72 -2.99 -2.61 -4.94
CA GLU A 72 -4.12 -3.12 -4.16
C GLU A 72 -4.44 -2.12 -3.05
N LEU A 73 -3.39 -1.59 -2.44
CA LEU A 73 -3.54 -0.63 -1.35
C LEU A 73 -4.09 0.68 -1.89
N GLU A 74 -3.71 1.02 -3.11
CA GLU A 74 -4.17 2.21 -3.79
C GLU A 74 -5.72 2.17 -3.88
N ARG A 75 -6.24 0.99 -4.24
CA ARG A 75 -7.70 0.75 -4.33
C ARG A 75 -8.33 0.89 -2.97
N TYR A 76 -7.74 0.18 -2.02
CA TYR A 76 -8.20 0.11 -0.65
C TYR A 76 -8.31 1.49 -0.06
N VAL A 77 -7.32 2.28 -0.31
CA VAL A 77 -7.26 3.61 0.20
C VAL A 77 -8.21 4.53 -0.54
N LYS A 78 -8.34 4.33 -1.84
CA LYS A 78 -9.24 5.16 -2.64
C LYS A 78 -10.68 5.04 -2.14
N SER A 79 -11.04 3.86 -1.69
CA SER A 79 -12.34 3.64 -1.10
C SER A 79 -12.47 4.52 0.18
N CYS A 80 -11.40 4.60 0.96
CA CYS A 80 -11.34 5.41 2.17
C CYS A 80 -11.19 6.92 1.84
N LEU A 81 -10.80 7.22 0.60
CA LEU A 81 -10.64 8.60 0.14
C LEU A 81 -11.97 9.17 -0.26
N GLN A 82 -12.87 8.33 -0.70
CA GLN A 82 -14.19 8.76 -1.03
C GLN A 82 -15.11 8.58 0.16
N LYS A 83 -14.92 7.49 0.88
CA LYS A 83 -15.66 7.24 2.08
C LYS A 83 -14.85 7.75 3.25
N LYS A 84 -15.00 9.01 3.52
CA LYS A 84 -14.24 9.65 4.57
C LYS A 84 -15.04 9.72 5.85
N GLN A 85 -16.29 9.31 5.78
CA GLN A 85 -17.15 9.33 6.93
C GLN A 85 -16.76 8.22 7.90
N ARG A 86 -16.06 8.59 8.94
CA ARG A 86 -15.65 7.66 9.95
C ARG A 86 -15.78 8.30 11.31
N LYS A 87 -15.53 7.52 12.34
CA LYS A 87 -15.63 8.01 13.68
C LYS A 87 -14.24 8.14 14.26
N ARG B 1 9.08 13.91 5.52
CA ARG B 1 9.45 13.19 6.75
C ARG B 1 9.58 11.69 6.49
N SER B 2 8.51 11.04 6.12
CA SER B 2 8.56 9.62 5.88
C SER B 2 9.09 9.34 4.48
N VAL B 3 10.40 9.14 4.40
CA VAL B 3 11.07 8.88 3.12
C VAL B 3 11.28 7.40 2.88
N LYS B 4 10.57 6.61 3.65
CA LYS B 4 10.63 5.17 3.57
C LYS B 4 9.26 4.61 3.64
N VAL B 5 8.86 3.95 2.58
CA VAL B 5 7.62 3.25 2.56
C VAL B 5 7.87 1.89 3.19
N LYS B 6 8.07 1.89 4.46
CA LYS B 6 8.32 0.69 5.18
C LYS B 6 7.45 0.71 6.43
N ILE B 7 6.21 0.32 6.25
CA ILE B 7 5.26 0.33 7.32
C ILE B 7 5.36 -0.86 8.26
N LYS B 8 5.27 -0.53 9.52
CA LYS B 8 5.21 -1.45 10.64
C LYS B 8 4.31 -0.79 11.66
N LEU B 9 3.02 -1.04 11.56
CA LEU B 9 2.07 -0.43 12.48
C LEU B 9 2.25 -0.97 13.88
N GLY B 10 2.30 -0.08 14.82
CA GLY B 10 2.44 -0.45 16.19
C GLY B 10 2.16 0.73 17.06
N ARG B 11 0.91 0.96 17.34
CA ARG B 11 0.53 2.09 18.13
C ARG B 11 -0.40 1.61 19.22
N LYS B 12 0.09 0.65 19.94
CA LYS B 12 -0.62 0.02 21.02
C LYS B 12 0.05 0.33 22.33
N ALA A 1 9.82 -21.44 -28.19
CA ALA A 1 9.16 -21.33 -26.88
C ALA A 1 9.94 -20.37 -25.99
N SER A 2 11.19 -20.16 -26.36
CA SER A 2 12.08 -19.29 -25.61
C SER A 2 11.64 -17.83 -25.71
N ALA A 3 11.23 -17.44 -26.91
CA ALA A 3 10.77 -16.09 -27.19
C ALA A 3 9.45 -15.82 -26.46
N SER A 4 8.72 -16.89 -26.21
CA SER A 4 7.42 -16.82 -25.57
C SER A 4 7.55 -16.71 -24.04
N TYR A 5 8.74 -16.44 -23.56
CA TYR A 5 8.98 -16.31 -22.15
C TYR A 5 9.20 -14.86 -21.78
N ASP A 6 8.52 -14.44 -20.75
CA ASP A 6 8.63 -13.09 -20.22
C ASP A 6 9.28 -13.19 -18.86
N SER A 7 10.11 -12.25 -18.50
CA SER A 7 10.77 -12.32 -17.23
C SER A 7 10.10 -11.41 -16.20
N GLU A 8 10.12 -10.12 -16.47
CA GLU A 8 9.57 -9.15 -15.57
C GLU A 8 9.19 -7.93 -16.34
N GLU A 9 8.06 -8.03 -16.96
CA GLU A 9 7.57 -7.02 -17.84
C GLU A 9 6.66 -6.12 -17.06
N GLU A 10 5.72 -6.77 -16.39
CA GLU A 10 4.78 -6.14 -15.48
C GLU A 10 3.92 -5.08 -16.18
N GLU A 11 3.27 -4.23 -15.40
CA GLU A 11 2.35 -3.25 -15.94
C GLU A 11 3.08 -2.00 -16.43
N GLU A 12 2.70 -1.55 -17.61
CA GLU A 12 3.28 -0.37 -18.21
C GLU A 12 2.46 0.86 -17.89
N GLY A 13 3.11 2.00 -17.87
CA GLY A 13 2.43 3.24 -17.65
C GLY A 13 3.10 4.02 -16.58
N LEU A 14 2.86 3.62 -15.38
CA LEU A 14 3.43 4.26 -14.23
C LEU A 14 4.57 3.43 -13.68
N PRO A 15 5.79 3.95 -13.72
CA PRO A 15 6.93 3.30 -13.10
C PRO A 15 6.88 3.52 -11.60
N MET A 16 7.40 2.60 -10.86
CA MET A 16 7.32 2.70 -9.41
C MET A 16 8.28 3.75 -8.88
N SER A 17 7.73 4.85 -8.47
CA SER A 17 8.51 5.95 -7.97
C SER A 17 8.54 5.86 -6.45
N TYR A 18 9.65 6.22 -5.82
CA TYR A 18 9.75 6.10 -4.36
C TYR A 18 8.76 7.00 -3.63
N ASP A 19 8.47 8.14 -4.22
CA ASP A 19 7.45 9.05 -3.70
C ASP A 19 6.07 8.40 -3.77
N GLU A 20 5.82 7.68 -4.86
CA GLU A 20 4.63 7.01 -5.08
C GLU A 20 4.44 5.89 -4.06
N LYS A 21 5.49 5.11 -3.83
CA LYS A 21 5.46 3.98 -2.90
C LYS A 21 5.05 4.50 -1.53
N ARG A 22 5.66 5.59 -1.15
CA ARG A 22 5.44 6.16 0.14
C ARG A 22 4.17 7.01 0.25
N GLN A 23 3.69 7.56 -0.83
CA GLN A 23 2.40 8.30 -0.82
C GLN A 23 1.29 7.38 -0.24
N LEU A 24 1.40 6.10 -0.54
CA LEU A 24 0.47 5.10 -0.02
C LEU A 24 0.74 4.78 1.47
N SER A 25 2.00 4.97 1.90
CA SER A 25 2.44 4.74 3.29
C SER A 25 1.64 5.63 4.21
N LEU A 26 1.38 6.82 3.72
CA LEU A 26 0.73 7.85 4.45
C LEU A 26 -0.70 7.48 4.82
N ASP A 27 -1.37 6.74 3.94
CA ASP A 27 -2.77 6.37 4.24
C ASP A 27 -2.85 5.23 5.20
N ILE A 28 -1.97 4.24 5.05
CA ILE A 28 -1.96 3.12 5.98
C ILE A 28 -1.64 3.62 7.41
N ASN A 29 -0.74 4.60 7.49
CA ASN A 29 -0.40 5.30 8.76
C ASN A 29 -1.65 5.92 9.40
N ARG A 30 -2.58 6.28 8.56
CA ARG A 30 -3.81 6.91 8.94
C ARG A 30 -4.92 5.89 9.28
N LEU A 31 -4.77 4.65 8.85
CA LEU A 31 -5.82 3.66 9.05
C LEU A 31 -5.86 3.06 10.46
N PRO A 32 -7.09 2.84 10.99
CA PRO A 32 -7.31 2.32 12.35
C PRO A 32 -6.87 0.86 12.60
N GLY A 33 -6.91 0.48 13.88
CA GLY A 33 -6.43 -0.79 14.40
C GLY A 33 -6.90 -2.03 13.67
N GLU A 34 -8.18 -2.15 13.44
CA GLU A 34 -8.70 -3.33 12.79
C GLU A 34 -8.43 -3.35 11.28
N LYS A 35 -8.36 -2.19 10.70
CA LYS A 35 -8.17 -2.09 9.27
C LYS A 35 -6.73 -2.33 8.84
N LEU A 36 -5.77 -1.93 9.66
CA LEU A 36 -4.36 -2.09 9.32
C LEU A 36 -3.98 -3.58 9.19
N GLY A 37 -4.43 -4.41 10.12
CA GLY A 37 -4.13 -5.83 10.04
C GLY A 37 -4.95 -6.51 8.97
N ARG A 38 -6.10 -5.91 8.67
CA ARG A 38 -6.97 -6.41 7.64
C ARG A 38 -6.33 -6.19 6.28
N VAL A 39 -5.99 -4.94 5.98
CA VAL A 39 -5.43 -4.57 4.70
C VAL A 39 -4.17 -5.32 4.37
N VAL A 40 -3.27 -5.42 5.33
CA VAL A 40 -2.02 -6.13 5.14
C VAL A 40 -2.27 -7.59 4.77
N HIS A 41 -3.39 -8.11 5.22
CA HIS A 41 -3.81 -9.47 4.90
C HIS A 41 -4.33 -9.56 3.45
N ILE A 42 -5.13 -8.57 3.03
CA ILE A 42 -5.67 -8.56 1.67
C ILE A 42 -4.54 -8.39 0.68
N ILE A 43 -3.66 -7.46 0.98
CA ILE A 43 -2.50 -7.22 0.14
C ILE A 43 -1.60 -8.51 0.11
N GLN A 44 -1.57 -9.22 1.24
CA GLN A 44 -0.77 -10.45 1.38
C GLN A 44 -1.52 -11.66 0.81
N SER A 45 -2.76 -11.45 0.42
CA SER A 45 -3.53 -12.47 -0.25
C SER A 45 -3.05 -12.52 -1.69
N ARG A 46 -2.48 -11.40 -2.14
CA ARG A 46 -1.89 -11.30 -3.44
C ARG A 46 -0.46 -11.77 -3.39
N GLU A 47 0.33 -11.15 -2.53
CA GLU A 47 1.71 -11.54 -2.35
C GLU A 47 1.83 -12.35 -1.06
N PRO A 48 1.95 -13.67 -1.14
CA PRO A 48 2.03 -14.53 0.06
C PRO A 48 3.38 -14.38 0.77
N SER A 49 4.31 -13.82 0.05
CA SER A 49 5.65 -13.61 0.52
C SER A 49 5.78 -12.24 1.22
N LEU A 50 4.65 -11.48 1.29
CA LEU A 50 4.68 -10.07 1.73
C LEU A 50 5.33 -9.88 3.10
N ARG A 51 4.65 -10.21 4.21
CA ARG A 51 5.33 -10.03 5.48
C ARG A 51 6.03 -11.27 5.93
N ASP A 52 5.30 -12.33 6.01
CA ASP A 52 5.83 -13.63 6.38
C ASP A 52 5.02 -14.72 5.74
N SER A 53 3.73 -14.50 5.89
CA SER A 53 2.64 -15.40 5.54
C SER A 53 1.52 -14.89 6.43
N ASN A 54 1.91 -14.57 7.65
CA ASN A 54 1.06 -14.00 8.65
C ASN A 54 1.08 -12.46 8.50
N PRO A 55 -0.10 -11.81 8.48
CA PRO A 55 -0.22 -10.37 8.21
C PRO A 55 -0.24 -9.46 9.46
N ASP A 56 -0.19 -10.05 10.64
CA ASP A 56 -0.30 -9.26 11.88
C ASP A 56 0.86 -8.31 12.10
N GLU A 57 2.10 -8.78 11.92
CA GLU A 57 3.23 -7.89 12.08
C GLU A 57 3.27 -6.99 10.86
N ILE A 58 3.04 -5.73 11.08
CA ILE A 58 2.83 -4.83 10.02
C ILE A 58 3.97 -3.85 9.78
N GLU A 59 4.76 -4.14 8.78
CA GLU A 59 5.62 -3.20 8.19
C GLU A 59 5.71 -3.32 6.72
N ILE A 60 5.32 -2.28 6.11
CA ILE A 60 5.08 -2.25 4.70
C ILE A 60 6.33 -2.14 3.80
N ASP A 61 6.71 -3.23 3.23
CA ASP A 61 7.86 -3.41 2.33
C ASP A 61 7.93 -2.58 1.05
N PHE A 62 6.88 -1.77 0.82
CA PHE A 62 6.61 -0.97 -0.40
C PHE A 62 7.76 -0.13 -0.92
N GLU A 63 8.83 -0.03 -0.20
CA GLU A 63 10.01 0.60 -0.75
C GLU A 63 10.46 -0.19 -1.99
N THR A 64 10.62 -1.49 -1.80
CA THR A 64 11.10 -2.37 -2.84
C THR A 64 9.92 -3.10 -3.53
N LEU A 65 8.84 -3.33 -2.77
CA LEU A 65 7.68 -4.13 -3.25
C LEU A 65 7.12 -3.61 -4.57
N LYS A 66 6.64 -4.55 -5.37
CA LYS A 66 6.19 -4.33 -6.75
C LYS A 66 4.98 -3.38 -6.92
N PRO A 67 4.97 -2.64 -8.06
CA PRO A 67 3.89 -1.68 -8.41
C PRO A 67 2.50 -2.31 -8.51
N THR A 68 2.44 -3.57 -8.92
CA THR A 68 1.18 -4.27 -9.02
C THR A 68 0.49 -4.40 -7.66
N THR A 69 1.29 -4.63 -6.64
CA THR A 69 0.78 -4.80 -5.31
C THR A 69 0.35 -3.45 -4.72
N LEU A 70 0.99 -2.36 -5.19
CA LEU A 70 0.66 -1.00 -4.74
C LEU A 70 -0.78 -0.69 -5.03
N ARG A 71 -1.22 -1.11 -6.21
CA ARG A 71 -2.53 -0.77 -6.71
C ARG A 71 -3.66 -1.36 -5.87
N GLU A 72 -3.37 -2.43 -5.16
CA GLU A 72 -4.35 -3.04 -4.28
C GLU A 72 -4.54 -2.14 -3.05
N LEU A 73 -3.42 -1.68 -2.51
CA LEU A 73 -3.43 -0.82 -1.34
C LEU A 73 -4.03 0.55 -1.73
N GLU A 74 -3.80 0.92 -2.98
CA GLU A 74 -4.25 2.18 -3.54
C GLU A 74 -5.75 2.18 -3.54
N ARG A 75 -6.26 1.13 -4.09
CA ARG A 75 -7.65 0.85 -4.22
C ARG A 75 -8.30 0.79 -2.84
N TYR A 76 -7.64 0.10 -1.93
CA TYR A 76 -8.12 -0.08 -0.60
C TYR A 76 -8.24 1.26 0.14
N VAL A 77 -7.17 2.03 0.17
CA VAL A 77 -7.17 3.28 0.93
C VAL A 77 -8.08 4.31 0.31
N LYS A 78 -8.18 4.29 -1.02
CA LYS A 78 -9.09 5.16 -1.76
C LYS A 78 -10.52 4.97 -1.25
N SER A 79 -10.89 3.72 -1.05
CA SER A 79 -12.20 3.36 -0.57
C SER A 79 -12.38 3.79 0.90
N CYS A 80 -11.33 3.66 1.70
CA CYS A 80 -11.37 4.08 3.09
C CYS A 80 -11.41 5.61 3.24
N LEU A 81 -10.98 6.31 2.21
CA LEU A 81 -10.92 7.77 2.20
C LEU A 81 -12.28 8.43 1.99
N GLN A 82 -13.19 7.74 1.35
CA GLN A 82 -14.47 8.34 1.01
C GLN A 82 -15.35 8.51 2.23
N LYS A 83 -16.00 9.65 2.32
CA LYS A 83 -17.01 9.88 3.34
C LYS A 83 -18.23 10.55 2.74
N LYS A 84 -18.15 10.86 1.47
CA LYS A 84 -19.27 11.47 0.80
C LYS A 84 -20.02 10.36 0.10
N GLN A 85 -21.09 9.92 0.69
CA GLN A 85 -21.85 8.83 0.14
C GLN A 85 -22.66 9.27 -1.06
N ARG A 86 -22.31 8.71 -2.20
CA ARG A 86 -22.95 9.03 -3.46
C ARG A 86 -22.98 7.80 -4.34
N LYS A 87 -23.59 7.93 -5.50
CA LYS A 87 -23.67 6.84 -6.44
C LYS A 87 -22.70 7.10 -7.59
N ARG B 1 16.94 5.18 4.24
CA ARG B 1 17.39 6.22 5.17
C ARG B 1 16.26 7.18 5.57
N SER B 2 15.36 7.46 4.64
CA SER B 2 14.31 8.40 4.87
C SER B 2 13.00 7.89 4.29
N VAL B 3 13.04 7.44 3.05
CA VAL B 3 11.86 6.98 2.38
C VAL B 3 11.66 5.50 2.64
N LYS B 4 11.17 5.19 3.82
CA LYS B 4 10.83 3.84 4.18
C LYS B 4 9.36 3.75 4.30
N VAL B 5 8.81 2.86 3.60
CA VAL B 5 7.40 2.71 3.58
C VAL B 5 7.02 1.59 4.55
N LYS B 6 8.06 1.02 5.24
CA LYS B 6 7.87 0.01 6.30
C LYS B 6 7.08 0.65 7.43
N ILE B 7 5.78 0.62 7.26
CA ILE B 7 4.80 1.32 8.02
C ILE B 7 4.88 1.21 9.60
N LYS B 8 4.78 -0.02 10.15
CA LYS B 8 4.61 -0.28 11.59
C LYS B 8 3.46 0.53 12.20
N LEU B 9 2.26 0.02 12.07
CA LEU B 9 1.10 0.66 12.67
C LEU B 9 1.11 0.44 14.17
N GLY B 10 0.76 -0.76 14.55
CA GLY B 10 0.76 -1.13 15.92
C GLY B 10 1.95 -1.97 16.17
N ARG B 11 2.68 -1.66 17.21
CA ARG B 11 3.89 -2.38 17.51
C ARG B 11 3.57 -3.68 18.22
N LYS B 12 3.31 -4.67 17.42
CA LYS B 12 3.01 -6.01 17.85
C LYS B 12 3.54 -7.01 16.85
N ALA A 1 -12.96 -18.51 -18.11
CA ALA A 1 -12.51 -18.40 -16.73
C ALA A 1 -11.62 -17.19 -16.58
N SER A 2 -11.43 -16.51 -17.68
CA SER A 2 -10.57 -15.35 -17.76
C SER A 2 -11.16 -14.17 -16.96
N ALA A 3 -12.44 -13.87 -17.17
CA ALA A 3 -13.10 -12.77 -16.44
C ALA A 3 -13.31 -13.15 -14.99
N SER A 4 -13.41 -14.45 -14.77
CA SER A 4 -13.61 -15.00 -13.47
C SER A 4 -12.31 -14.96 -12.66
N TYR A 5 -11.19 -14.80 -13.34
CA TYR A 5 -9.93 -14.70 -12.68
C TYR A 5 -9.70 -13.25 -12.26
N ASP A 6 -9.99 -12.99 -11.04
CA ASP A 6 -9.85 -11.68 -10.48
C ASP A 6 -8.99 -11.75 -9.26
N SER A 7 -7.84 -11.18 -9.35
CA SER A 7 -6.93 -11.16 -8.27
C SER A 7 -6.32 -9.78 -8.15
N GLU A 8 -5.44 -9.48 -9.07
CA GLU A 8 -4.76 -8.23 -9.13
C GLU A 8 -4.41 -7.93 -10.58
N GLU A 9 -5.19 -7.07 -11.17
CA GLU A 9 -4.94 -6.66 -12.51
C GLU A 9 -3.99 -5.48 -12.48
N GLU A 10 -3.24 -5.31 -13.52
CA GLU A 10 -2.32 -4.22 -13.60
C GLU A 10 -3.07 -2.97 -13.97
N GLU A 11 -2.77 -1.88 -13.34
CA GLU A 11 -3.40 -0.62 -13.63
C GLU A 11 -2.45 0.50 -13.31
N GLU A 12 -2.86 1.71 -13.69
CA GLU A 12 -2.08 2.91 -13.60
C GLU A 12 -0.86 2.86 -14.48
N GLY A 13 -0.87 3.67 -15.50
CA GLY A 13 0.20 3.70 -16.48
C GLY A 13 1.41 4.42 -15.95
N LEU A 14 1.23 5.04 -14.80
CA LEU A 14 2.28 5.76 -14.12
C LEU A 14 3.32 4.76 -13.65
N PRO A 15 4.60 5.06 -13.80
CA PRO A 15 5.66 4.19 -13.31
C PRO A 15 5.73 4.23 -11.79
N MET A 16 6.02 3.10 -11.23
CA MET A 16 6.11 2.95 -9.79
C MET A 16 7.29 3.75 -9.25
N SER A 17 6.99 4.76 -8.50
CA SER A 17 8.01 5.61 -7.96
C SER A 17 8.04 5.47 -6.44
N TYR A 18 9.17 5.88 -5.83
CA TYR A 18 9.36 5.81 -4.39
C TYR A 18 8.32 6.66 -3.65
N ASP A 19 7.92 7.76 -4.28
CA ASP A 19 6.92 8.65 -3.69
C ASP A 19 5.58 7.97 -3.63
N GLU A 20 5.31 7.09 -4.58
CA GLU A 20 4.05 6.35 -4.58
C GLU A 20 4.09 5.30 -3.52
N LYS A 21 5.21 4.57 -3.46
CA LYS A 21 5.39 3.50 -2.47
C LYS A 21 5.18 4.06 -1.10
N ARG A 22 5.81 5.18 -0.86
CA ARG A 22 5.79 5.77 0.41
C ARG A 22 4.50 6.46 0.73
N GLN A 23 3.79 6.93 -0.30
CA GLN A 23 2.48 7.57 -0.11
C GLN A 23 1.55 6.60 0.65
N LEU A 24 1.70 5.31 0.34
CA LEU A 24 0.92 4.29 1.02
C LEU A 24 1.33 4.11 2.48
N SER A 25 2.62 4.40 2.81
CA SER A 25 3.10 4.33 4.20
C SER A 25 2.27 5.32 5.02
N LEU A 26 2.07 6.48 4.40
CA LEU A 26 1.34 7.57 4.99
C LEU A 26 -0.16 7.28 5.07
N ASP A 27 -0.70 6.59 4.08
CA ASP A 27 -2.13 6.29 4.09
C ASP A 27 -2.51 5.28 5.13
N ILE A 28 -1.71 4.24 5.30
CA ILE A 28 -1.96 3.28 6.37
C ILE A 28 -1.77 3.99 7.74
N ASN A 29 -0.82 4.92 7.77
CA ASN A 29 -0.53 5.75 8.94
C ASN A 29 -1.77 6.64 9.27
N ARG A 30 -2.63 6.87 8.29
CA ARG A 30 -3.86 7.64 8.44
C ARG A 30 -5.02 6.74 8.88
N LEU A 31 -4.91 5.48 8.56
CA LEU A 31 -5.96 4.51 8.80
C LEU A 31 -5.89 3.93 10.22
N PRO A 32 -7.05 3.72 10.87
CA PRO A 32 -7.13 3.22 12.24
C PRO A 32 -6.85 1.72 12.37
N GLY A 33 -6.77 1.26 13.62
CA GLY A 33 -6.50 -0.13 13.96
C GLY A 33 -7.43 -1.12 13.30
N GLU A 34 -8.66 -0.71 13.14
CA GLU A 34 -9.67 -1.53 12.50
C GLU A 34 -9.30 -1.80 11.06
N LYS A 35 -8.69 -0.83 10.44
CA LYS A 35 -8.41 -0.90 9.04
C LYS A 35 -7.06 -1.49 8.74
N LEU A 36 -6.08 -1.24 9.63
CA LEU A 36 -4.72 -1.77 9.47
C LEU A 36 -4.76 -3.30 9.32
N GLY A 37 -5.60 -3.94 10.13
CA GLY A 37 -5.70 -5.39 10.10
C GLY A 37 -6.36 -5.90 8.82
N ARG A 38 -7.28 -5.11 8.33
CA ARG A 38 -8.01 -5.45 7.12
C ARG A 38 -7.11 -5.35 5.91
N VAL A 39 -6.52 -4.18 5.74
CA VAL A 39 -5.71 -3.87 4.56
C VAL A 39 -4.54 -4.80 4.44
N VAL A 40 -3.89 -5.08 5.54
CA VAL A 40 -2.72 -5.91 5.53
C VAL A 40 -3.06 -7.30 5.02
N HIS A 41 -4.29 -7.70 5.25
CA HIS A 41 -4.79 -9.00 4.87
C HIS A 41 -5.05 -9.04 3.35
N ILE A 42 -5.64 -7.99 2.82
CA ILE A 42 -5.92 -7.90 1.39
C ILE A 42 -4.61 -7.82 0.63
N ILE A 43 -3.72 -6.94 1.06
CA ILE A 43 -2.43 -6.78 0.39
C ILE A 43 -1.56 -8.06 0.59
N GLN A 44 -1.80 -8.77 1.69
CA GLN A 44 -1.10 -10.03 2.03
C GLN A 44 -1.46 -11.10 1.00
N SER A 45 -2.64 -10.96 0.45
CA SER A 45 -3.16 -11.90 -0.50
C SER A 45 -2.56 -11.65 -1.89
N ARG A 46 -1.85 -10.55 -2.03
CA ARG A 46 -1.17 -10.24 -3.26
C ARG A 46 0.15 -11.00 -3.29
N GLU A 47 0.97 -10.75 -2.29
CA GLU A 47 2.28 -11.35 -2.22
C GLU A 47 2.27 -12.64 -1.41
N PRO A 48 2.67 -13.75 -2.01
CA PRO A 48 2.72 -15.02 -1.30
C PRO A 48 4.03 -15.21 -0.51
N SER A 49 4.97 -14.33 -0.74
CA SER A 49 6.30 -14.49 -0.19
C SER A 49 6.53 -13.80 1.18
N LEU A 50 5.53 -13.15 1.77
CA LEU A 50 5.79 -12.43 3.02
C LEU A 50 4.91 -12.90 4.21
N ARG A 51 4.21 -14.01 4.06
CA ARG A 51 3.23 -14.40 5.08
C ARG A 51 3.80 -15.26 6.21
N ASP A 52 4.96 -15.83 5.99
CA ASP A 52 5.51 -16.87 6.90
C ASP A 52 5.83 -16.40 8.32
N SER A 53 6.30 -15.18 8.44
CA SER A 53 6.68 -14.60 9.74
C SER A 53 6.80 -13.10 9.60
N ASN A 54 7.09 -12.72 8.38
CA ASN A 54 7.11 -11.34 7.92
C ASN A 54 5.67 -10.69 8.05
N PRO A 55 5.48 -9.38 7.59
CA PRO A 55 4.22 -8.50 7.56
C PRO A 55 2.79 -9.07 7.64
N ASP A 56 2.64 -10.35 7.68
CA ASP A 56 1.31 -11.00 7.84
C ASP A 56 0.47 -10.35 8.96
N GLU A 57 1.12 -9.92 10.04
CA GLU A 57 0.46 -9.08 11.02
C GLU A 57 0.38 -7.68 10.47
N ILE A 58 1.41 -6.87 10.63
CA ILE A 58 1.44 -5.62 9.87
C ILE A 58 2.83 -5.05 9.60
N GLU A 59 3.29 -5.22 8.41
CA GLU A 59 4.47 -4.56 7.97
C GLU A 59 4.39 -4.15 6.55
N ILE A 60 5.01 -3.04 6.22
CA ILE A 60 4.85 -2.46 4.90
C ILE A 60 6.13 -2.34 4.05
N ASP A 61 6.51 -3.45 3.55
CA ASP A 61 7.65 -3.75 2.66
C ASP A 61 7.81 -2.90 1.39
N PHE A 62 6.86 -2.01 1.16
CA PHE A 62 6.68 -1.23 -0.09
C PHE A 62 7.91 -0.53 -0.64
N GLU A 63 8.96 -0.47 0.10
CA GLU A 63 10.22 0.01 -0.40
C GLU A 63 10.65 -0.85 -1.62
N THR A 64 10.46 -2.16 -1.50
CA THR A 64 10.88 -3.11 -2.52
C THR A 64 9.67 -3.86 -3.13
N LEU A 65 8.52 -3.74 -2.48
CA LEU A 65 7.29 -4.48 -2.84
C LEU A 65 6.79 -4.14 -4.29
N LYS A 66 6.05 -5.08 -4.88
CA LYS A 66 5.61 -5.04 -6.29
C LYS A 66 4.59 -3.90 -6.61
N PRO A 67 4.55 -3.45 -7.89
CA PRO A 67 3.67 -2.36 -8.36
C PRO A 67 2.16 -2.68 -8.27
N THR A 68 1.74 -3.90 -8.56
CA THR A 68 0.31 -4.23 -8.47
C THR A 68 -0.13 -4.17 -7.03
N THR A 69 0.72 -4.65 -6.17
CA THR A 69 0.55 -4.65 -4.75
C THR A 69 0.49 -3.18 -4.24
N LEU A 70 1.28 -2.32 -4.88
CA LEU A 70 1.33 -0.89 -4.59
C LEU A 70 -0.02 -0.27 -4.92
N ARG A 71 -0.52 -0.54 -6.12
CA ARG A 71 -1.78 0.01 -6.52
C ARG A 71 -2.95 -0.60 -5.78
N GLU A 72 -2.78 -1.84 -5.28
CA GLU A 72 -3.82 -2.50 -4.48
C GLU A 72 -4.19 -1.64 -3.27
N LEU A 73 -3.19 -1.18 -2.54
CA LEU A 73 -3.43 -0.40 -1.35
C LEU A 73 -3.99 0.99 -1.75
N GLU A 74 -3.58 1.48 -2.93
CA GLU A 74 -4.06 2.76 -3.47
C GLU A 74 -5.60 2.65 -3.65
N ARG A 75 -6.04 1.52 -4.21
CA ARG A 75 -7.46 1.23 -4.45
C ARG A 75 -8.19 1.16 -3.12
N TYR A 76 -7.55 0.49 -2.17
CA TYR A 76 -8.05 0.33 -0.83
C TYR A 76 -8.32 1.68 -0.18
N VAL A 77 -7.32 2.54 -0.22
CA VAL A 77 -7.41 3.85 0.43
C VAL A 77 -8.47 4.69 -0.24
N LYS A 78 -8.57 4.56 -1.54
CA LYS A 78 -9.56 5.28 -2.32
C LYS A 78 -10.96 4.87 -1.85
N SER A 79 -11.13 3.58 -1.55
CA SER A 79 -12.38 3.07 -1.01
C SER A 79 -12.60 3.56 0.43
N CYS A 80 -11.53 3.78 1.16
CA CYS A 80 -11.63 4.27 2.52
C CYS A 80 -12.09 5.73 2.52
N LEU A 81 -11.87 6.40 1.42
CA LEU A 81 -12.24 7.79 1.26
C LEU A 81 -13.62 7.95 0.63
N GLN A 82 -14.35 6.85 0.48
CA GLN A 82 -15.69 6.92 -0.06
C GLN A 82 -16.68 6.71 1.09
N LYS A 83 -17.93 6.50 0.75
CA LYS A 83 -18.95 6.23 1.73
C LYS A 83 -18.79 4.78 2.20
N LYS A 84 -18.00 4.59 3.23
CA LYS A 84 -17.75 3.29 3.82
C LYS A 84 -19.03 2.78 4.43
N GLN A 85 -19.71 3.67 5.08
CA GLN A 85 -20.98 3.37 5.63
C GLN A 85 -21.98 3.95 4.66
N ARG A 86 -22.56 3.13 3.83
CA ARG A 86 -23.46 3.64 2.84
C ARG A 86 -24.77 2.92 2.88
N LYS A 87 -25.82 3.68 2.80
CA LYS A 87 -27.13 3.14 2.83
C LYS A 87 -27.63 3.00 1.41
N ARG B 1 15.58 1.35 1.83
CA ARG B 1 16.66 1.83 2.71
C ARG B 1 16.50 3.31 3.03
N SER B 2 16.81 4.17 2.03
CA SER B 2 16.77 5.61 2.17
C SER B 2 15.35 6.02 2.55
N VAL B 3 14.43 5.54 1.78
CA VAL B 3 13.06 5.70 2.08
C VAL B 3 12.61 4.39 2.68
N LYS B 4 11.87 4.45 3.73
CA LYS B 4 11.29 3.27 4.33
C LYS B 4 9.82 3.42 4.35
N VAL B 5 9.15 2.41 3.92
CA VAL B 5 7.73 2.45 3.87
C VAL B 5 7.17 1.46 4.90
N LYS B 6 8.09 0.64 5.48
CA LYS B 6 7.77 -0.41 6.48
C LYS B 6 6.89 0.17 7.57
N ILE B 7 5.61 -0.20 7.56
CA ILE B 7 4.69 0.43 8.44
C ILE B 7 4.88 0.04 9.93
N LYS B 8 4.70 -1.27 10.23
CA LYS B 8 4.71 -1.80 11.57
C LYS B 8 3.76 -0.96 12.46
N LEU B 9 2.43 -1.17 12.30
CA LEU B 9 1.40 -0.42 13.06
C LEU B 9 1.47 -0.73 14.57
N GLY B 10 2.27 -1.72 14.92
CA GLY B 10 2.43 -2.12 16.29
C GLY B 10 1.96 -3.53 16.49
N ARG B 11 1.02 -3.92 15.67
CA ARG B 11 0.47 -5.25 15.71
C ARG B 11 1.40 -6.20 14.97
N LYS B 12 2.34 -6.74 15.69
CA LYS B 12 3.28 -7.69 15.14
C LYS B 12 3.76 -8.60 16.25
N ALA A 1 -17.10 -8.89 -12.02
CA ALA A 1 -17.54 -8.07 -13.14
C ALA A 1 -16.58 -6.91 -13.34
N SER A 2 -15.65 -6.79 -12.41
CA SER A 2 -14.65 -5.74 -12.36
C SER A 2 -13.80 -5.64 -13.64
N ALA A 3 -13.49 -6.77 -14.24
CA ALA A 3 -12.67 -6.79 -15.45
C ALA A 3 -13.49 -6.31 -16.64
N SER A 4 -14.80 -6.50 -16.55
CA SER A 4 -15.69 -6.08 -17.61
C SER A 4 -16.13 -4.63 -17.39
N TYR A 5 -15.77 -4.09 -16.25
CA TYR A 5 -16.09 -2.72 -15.93
C TYR A 5 -14.87 -1.87 -15.91
N ASP A 6 -14.63 -1.19 -16.99
CA ASP A 6 -13.54 -0.27 -17.05
C ASP A 6 -14.03 1.04 -16.50
N SER A 7 -13.94 1.18 -15.21
CA SER A 7 -14.47 2.33 -14.55
C SER A 7 -13.43 3.44 -14.42
N GLU A 8 -12.17 3.07 -14.42
CA GLU A 8 -11.10 4.03 -14.22
C GLU A 8 -9.83 3.55 -14.89
N GLU A 9 -9.11 4.46 -15.48
CA GLU A 9 -7.89 4.13 -16.15
C GLU A 9 -6.76 3.96 -15.13
N GLU A 10 -6.35 2.72 -14.94
CA GLU A 10 -5.23 2.42 -14.07
C GLU A 10 -3.98 2.65 -14.87
N GLU A 11 -3.32 3.72 -14.63
CA GLU A 11 -2.21 4.11 -15.46
C GLU A 11 -0.87 3.91 -14.79
N GLU A 12 0.04 3.32 -15.56
CA GLU A 12 1.43 3.12 -15.17
C GLU A 12 2.31 3.68 -16.29
N GLY A 13 1.94 4.86 -16.74
CA GLY A 13 2.63 5.54 -17.81
C GLY A 13 3.99 5.96 -17.37
N LEU A 14 4.10 6.22 -16.10
CA LEU A 14 5.36 6.47 -15.51
C LEU A 14 5.55 5.40 -14.45
N PRO A 15 6.76 4.90 -14.25
CA PRO A 15 7.01 3.92 -13.23
C PRO A 15 6.87 4.52 -11.85
N MET A 16 6.62 3.69 -10.90
CA MET A 16 6.39 4.15 -9.56
C MET A 16 7.64 3.99 -8.74
N SER A 17 8.16 5.09 -8.28
CA SER A 17 9.35 5.06 -7.48
C SER A 17 8.95 5.00 -6.01
N TYR A 18 9.94 5.01 -5.12
CA TYR A 18 9.71 4.91 -3.68
C TYR A 18 8.80 6.03 -3.20
N ASP A 19 8.83 7.16 -3.88
CA ASP A 19 8.00 8.32 -3.52
C ASP A 19 6.53 8.09 -3.79
N GLU A 20 6.20 7.51 -4.95
CA GLU A 20 4.81 7.17 -5.26
C GLU A 20 4.31 6.09 -4.32
N LYS A 21 5.20 5.15 -4.02
CA LYS A 21 4.90 4.05 -3.09
C LYS A 21 4.66 4.61 -1.71
N ARG A 22 5.34 5.66 -1.43
CA ARG A 22 5.37 6.24 -0.15
C ARG A 22 4.11 6.94 0.20
N GLN A 23 3.39 7.44 -0.77
CA GLN A 23 2.10 8.04 -0.47
C GLN A 23 1.20 7.01 0.24
N LEU A 24 1.36 5.76 -0.13
CA LEU A 24 0.63 4.69 0.50
C LEU A 24 1.07 4.51 1.97
N SER A 25 2.37 4.77 2.25
CA SER A 25 2.92 4.77 3.64
C SER A 25 2.11 5.76 4.50
N LEU A 26 1.84 6.92 3.92
CA LEU A 26 1.10 7.96 4.60
C LEU A 26 -0.37 7.57 4.75
N ASP A 27 -0.96 6.99 3.70
CA ASP A 27 -2.37 6.58 3.74
C ASP A 27 -2.64 5.55 4.82
N ILE A 28 -1.87 4.47 4.85
CA ILE A 28 -2.04 3.41 5.85
C ILE A 28 -1.87 3.96 7.28
N ASN A 29 -0.95 4.89 7.46
CA ASN A 29 -0.72 5.48 8.78
C ASN A 29 -1.93 6.32 9.26
N ARG A 30 -2.82 6.68 8.32
CA ARG A 30 -4.02 7.42 8.67
C ARG A 30 -5.07 6.45 9.24
N LEU A 31 -5.02 5.21 8.78
CA LEU A 31 -6.06 4.25 9.12
C LEU A 31 -5.99 3.64 10.54
N PRO A 32 -7.17 3.41 11.16
CA PRO A 32 -7.31 2.86 12.53
C PRO A 32 -6.96 1.37 12.64
N GLY A 33 -6.92 0.88 13.90
CA GLY A 33 -6.49 -0.50 14.22
C GLY A 33 -7.19 -1.58 13.41
N GLU A 34 -8.50 -1.51 13.39
CA GLU A 34 -9.37 -2.46 12.69
C GLU A 34 -9.01 -2.52 11.20
N LYS A 35 -8.56 -1.42 10.67
CA LYS A 35 -8.23 -1.35 9.28
C LYS A 35 -6.79 -1.79 9.01
N LEU A 36 -5.85 -1.26 9.78
CA LEU A 36 -4.43 -1.53 9.59
C LEU A 36 -4.08 -3.04 9.68
N GLY A 37 -4.71 -3.75 10.59
CA GLY A 37 -4.42 -5.18 10.72
C GLY A 37 -4.95 -5.99 9.56
N ARG A 38 -6.02 -5.51 8.99
CA ARG A 38 -6.72 -6.17 7.90
C ARG A 38 -5.94 -6.08 6.60
N VAL A 39 -5.56 -4.86 6.26
CA VAL A 39 -4.93 -4.53 4.98
C VAL A 39 -3.73 -5.36 4.68
N VAL A 40 -2.95 -5.65 5.69
CA VAL A 40 -1.74 -6.39 5.51
C VAL A 40 -2.05 -7.76 4.91
N HIS A 41 -3.16 -8.32 5.30
CA HIS A 41 -3.57 -9.63 4.81
C HIS A 41 -4.11 -9.51 3.38
N ILE A 42 -4.78 -8.39 3.10
CA ILE A 42 -5.38 -8.13 1.80
C ILE A 42 -4.29 -7.91 0.76
N ILE A 43 -3.26 -7.19 1.15
CA ILE A 43 -2.11 -6.98 0.26
C ILE A 43 -1.43 -8.31 -0.05
N GLN A 44 -1.30 -9.11 0.99
CA GLN A 44 -0.78 -10.49 0.91
C GLN A 44 -1.61 -11.37 -0.03
N SER A 45 -2.81 -10.95 -0.34
CA SER A 45 -3.66 -11.75 -1.17
C SER A 45 -3.27 -11.60 -2.65
N ARG A 46 -2.42 -10.62 -2.95
CA ARG A 46 -1.90 -10.48 -4.29
C ARG A 46 -0.60 -11.22 -4.40
N GLU A 47 0.16 -11.18 -3.34
CA GLU A 47 1.44 -11.83 -3.27
C GLU A 47 1.54 -12.61 -1.99
N PRO A 48 1.42 -13.92 -2.04
CA PRO A 48 1.58 -14.77 -0.84
C PRO A 48 3.06 -14.79 -0.43
N SER A 49 3.88 -14.25 -1.30
CA SER A 49 5.29 -14.25 -1.15
C SER A 49 5.82 -13.00 -0.42
N LEU A 50 4.99 -11.96 -0.09
CA LEU A 50 5.67 -10.80 0.47
C LEU A 50 6.01 -10.91 1.95
N ARG A 51 5.08 -10.75 2.91
CA ARG A 51 5.61 -10.73 4.26
C ARG A 51 5.64 -12.09 4.96
N ASP A 52 4.48 -12.69 5.15
CA ASP A 52 4.36 -14.12 5.54
C ASP A 52 2.99 -14.57 5.14
N SER A 53 2.14 -13.70 5.60
CA SER A 53 0.73 -13.64 5.57
C SER A 53 0.47 -12.57 6.66
N ASN A 54 0.33 -12.99 7.91
CA ASN A 54 0.42 -12.07 9.04
C ASN A 54 1.87 -12.12 9.51
N PRO A 55 2.63 -11.05 9.37
CA PRO A 55 4.06 -11.09 9.76
C PRO A 55 4.39 -10.62 11.20
N ASP A 56 3.96 -9.44 11.54
CA ASP A 56 4.22 -8.84 12.85
C ASP A 56 2.91 -8.61 13.54
N GLU A 57 2.07 -7.99 12.77
CA GLU A 57 0.74 -7.56 13.08
C GLU A 57 0.34 -6.83 11.83
N ILE A 58 1.20 -5.89 11.48
CA ILE A 58 1.12 -5.11 10.29
C ILE A 58 2.51 -4.69 9.85
N GLU A 59 2.97 -5.21 8.74
CA GLU A 59 4.22 -4.78 8.23
C GLU A 59 4.23 -4.70 6.77
N ILE A 60 4.61 -3.56 6.33
CA ILE A 60 4.53 -3.16 4.94
C ILE A 60 5.90 -2.96 4.30
N ASP A 61 6.26 -3.85 3.40
CA ASP A 61 7.53 -3.80 2.65
C ASP A 61 7.71 -2.77 1.55
N PHE A 62 6.66 -1.95 1.26
CA PHE A 62 6.45 -1.10 0.01
C PHE A 62 7.59 -0.19 -0.49
N GLU A 63 8.77 -0.39 -0.09
CA GLU A 63 9.86 0.26 -0.72
C GLU A 63 10.27 -0.60 -1.90
N THR A 64 10.48 -1.87 -1.62
CA THR A 64 10.98 -2.78 -2.60
C THR A 64 9.83 -3.53 -3.32
N LEU A 65 8.66 -3.57 -2.68
CA LEU A 65 7.49 -4.28 -3.23
C LEU A 65 7.11 -3.75 -4.62
N LYS A 66 6.74 -4.67 -5.49
CA LYS A 66 6.39 -4.38 -6.88
C LYS A 66 5.09 -3.57 -7.00
N PRO A 67 5.10 -2.52 -7.88
CA PRO A 67 3.94 -1.66 -8.19
C PRO A 67 2.63 -2.43 -8.46
N THR A 68 2.73 -3.63 -9.01
CA THR A 68 1.59 -4.50 -9.23
C THR A 68 0.83 -4.76 -7.90
N THR A 69 1.58 -4.97 -6.84
CA THR A 69 1.01 -5.24 -5.55
C THR A 69 0.64 -3.93 -4.84
N LEU A 70 1.39 -2.87 -5.18
CA LEU A 70 1.21 -1.49 -4.66
C LEU A 70 -0.23 -1.05 -4.87
N ARG A 71 -0.79 -1.46 -6.01
CA ARG A 71 -2.13 -1.08 -6.41
C ARG A 71 -3.16 -1.46 -5.36
N GLU A 72 -2.95 -2.57 -4.67
CA GLU A 72 -3.95 -3.07 -3.75
C GLU A 72 -4.16 -2.12 -2.58
N LEU A 73 -3.09 -1.50 -2.11
CA LEU A 73 -3.21 -0.59 -0.99
C LEU A 73 -3.97 0.67 -1.42
N GLU A 74 -3.75 1.07 -2.67
CA GLU A 74 -4.45 2.19 -3.29
C GLU A 74 -5.96 1.86 -3.34
N ARG A 75 -6.28 0.62 -3.72
CA ARG A 75 -7.68 0.17 -3.85
C ARG A 75 -8.29 -0.01 -2.49
N TYR A 76 -7.49 -0.45 -1.57
CA TYR A 76 -7.91 -0.65 -0.23
C TYR A 76 -8.28 0.68 0.42
N VAL A 77 -7.41 1.67 0.29
CA VAL A 77 -7.65 2.95 0.94
C VAL A 77 -8.78 3.70 0.25
N LYS A 78 -9.01 3.35 -1.01
CA LYS A 78 -10.10 3.88 -1.84
C LYS A 78 -11.44 3.74 -1.08
N SER A 79 -11.62 2.59 -0.43
CA SER A 79 -12.83 2.28 0.31
C SER A 79 -12.97 3.14 1.58
N CYS A 80 -11.86 3.50 2.18
CA CYS A 80 -11.88 4.38 3.33
C CYS A 80 -12.14 5.82 2.87
N LEU A 81 -11.44 6.18 1.81
CA LEU A 81 -11.44 7.54 1.28
C LEU A 81 -12.60 7.78 0.30
N GLN A 82 -13.57 6.88 0.30
CA GLN A 82 -14.75 7.05 -0.56
C GLN A 82 -15.70 8.02 0.10
N LYS A 83 -15.51 8.21 1.39
CA LYS A 83 -16.33 9.09 2.17
C LYS A 83 -15.63 10.42 2.24
N LYS A 84 -16.39 11.47 2.33
CA LYS A 84 -15.82 12.79 2.49
C LYS A 84 -15.47 12.98 3.93
N GLN A 85 -14.26 12.60 4.26
CA GLN A 85 -13.77 12.71 5.60
C GLN A 85 -13.56 14.16 5.97
N ARG A 86 -14.08 14.50 7.12
CA ARG A 86 -14.10 15.85 7.60
C ARG A 86 -14.08 15.83 9.12
N LYS A 87 -13.97 16.97 9.71
CA LYS A 87 -13.99 17.10 11.14
C LYS A 87 -15.43 17.23 11.60
N ARG B 1 13.29 12.58 6.76
CA ARG B 1 14.16 12.31 5.61
C ARG B 1 14.41 10.82 5.51
N SER B 2 13.67 10.16 4.63
CA SER B 2 13.79 8.76 4.38
C SER B 2 12.86 8.42 3.23
N VAL B 3 13.16 7.36 2.53
CA VAL B 3 12.32 6.89 1.43
C VAL B 3 11.55 5.64 1.84
N LYS B 4 11.55 5.35 3.13
CA LYS B 4 10.92 4.15 3.65
C LYS B 4 9.40 4.23 3.62
N VAL B 5 8.80 3.14 3.24
CA VAL B 5 7.36 2.99 3.22
C VAL B 5 7.05 1.80 4.12
N LYS B 6 8.06 1.35 4.83
CA LYS B 6 7.96 0.22 5.70
C LYS B 6 7.03 0.51 6.86
N ILE B 7 5.80 0.03 6.74
CA ILE B 7 4.82 0.24 7.78
C ILE B 7 4.87 -0.80 8.86
N LYS B 8 4.65 -0.33 10.03
CA LYS B 8 4.44 -1.05 11.24
C LYS B 8 3.60 -0.08 12.03
N LEU B 9 2.27 -0.19 11.88
CA LEU B 9 1.35 0.74 12.51
C LEU B 9 1.55 0.81 14.02
N GLY B 10 2.18 1.86 14.44
CA GLY B 10 2.45 2.09 15.80
C GLY B 10 2.59 3.56 16.06
N ARG B 11 1.47 4.22 16.19
CA ARG B 11 1.44 5.65 16.48
C ARG B 11 1.64 5.86 17.97
N LYS B 12 1.48 4.79 18.70
CA LYS B 12 1.71 4.77 20.11
C LYS B 12 2.49 3.52 20.46
N ALA A 1 14.98 -18.79 -9.48
CA ALA A 1 14.27 -17.76 -8.73
C ALA A 1 13.66 -16.72 -9.67
N SER A 2 14.18 -16.68 -10.88
CA SER A 2 13.77 -15.70 -11.88
C SER A 2 12.35 -15.92 -12.38
N ALA A 3 11.84 -17.13 -12.26
CA ALA A 3 10.45 -17.38 -12.65
C ALA A 3 9.51 -16.78 -11.62
N SER A 4 9.94 -16.81 -10.37
CA SER A 4 9.15 -16.26 -9.30
C SER A 4 9.34 -14.74 -9.26
N TYR A 5 10.58 -14.28 -9.24
CA TYR A 5 10.88 -12.87 -9.18
C TYR A 5 10.79 -12.22 -10.54
N ASP A 6 9.88 -11.30 -10.66
CA ASP A 6 9.65 -10.60 -11.91
C ASP A 6 9.86 -9.13 -11.71
N SER A 7 9.88 -8.39 -12.79
CA SER A 7 10.03 -6.95 -12.72
C SER A 7 9.12 -6.30 -13.77
N GLU A 8 8.10 -7.04 -14.15
CA GLU A 8 7.18 -6.64 -15.19
C GLU A 8 5.76 -6.96 -14.77
N GLU A 9 4.87 -6.00 -14.94
CA GLU A 9 3.47 -6.19 -14.59
C GLU A 9 2.62 -6.24 -15.82
N GLU A 10 2.90 -5.34 -16.75
CA GLU A 10 2.18 -5.15 -18.00
C GLU A 10 0.80 -4.56 -17.75
N GLU A 11 0.59 -3.38 -18.33
CA GLU A 11 -0.63 -2.56 -18.16
C GLU A 11 -0.71 -1.97 -16.75
N GLU A 12 -1.16 -0.71 -16.65
CA GLU A 12 -1.18 0.04 -15.40
C GLU A 12 0.24 0.15 -14.86
N GLY A 13 1.16 0.28 -15.79
CA GLY A 13 2.53 0.32 -15.50
C GLY A 13 2.97 1.73 -15.35
N LEU A 14 2.65 2.25 -14.24
CA LEU A 14 3.01 3.57 -13.86
C LEU A 14 4.51 3.63 -13.57
N PRO A 15 5.16 4.78 -13.82
CA PRO A 15 6.57 4.95 -13.50
C PRO A 15 6.75 5.01 -12.01
N MET A 16 7.82 4.50 -11.54
CA MET A 16 7.97 4.36 -10.13
C MET A 16 9.16 5.05 -9.55
N SER A 17 8.87 5.83 -8.56
CA SER A 17 9.86 6.43 -7.73
C SER A 17 9.54 5.97 -6.31
N TYR A 18 10.47 6.15 -5.39
CA TYR A 18 10.26 5.72 -4.02
C TYR A 18 9.24 6.59 -3.32
N ASP A 19 9.12 7.84 -3.78
CA ASP A 19 8.13 8.77 -3.23
C ASP A 19 6.74 8.26 -3.53
N GLU A 20 6.58 7.75 -4.75
CA GLU A 20 5.31 7.21 -5.23
C GLU A 20 4.87 6.03 -4.40
N LYS A 21 5.81 5.12 -4.14
CA LYS A 21 5.55 3.94 -3.33
C LYS A 21 5.19 4.37 -1.93
N ARG A 22 5.85 5.41 -1.49
CA ARG A 22 5.77 5.85 -0.16
C ARG A 22 4.54 6.65 0.18
N GLN A 23 3.95 7.30 -0.77
CA GLN A 23 2.73 8.07 -0.52
C GLN A 23 1.65 7.22 0.12
N LEU A 24 1.65 5.94 -0.23
CA LEU A 24 0.73 4.99 0.34
C LEU A 24 1.09 4.58 1.78
N SER A 25 2.39 4.73 2.15
CA SER A 25 2.87 4.44 3.53
C SER A 25 2.08 5.33 4.49
N LEU A 26 1.96 6.60 4.08
CA LEU A 26 1.31 7.62 4.88
C LEU A 26 -0.17 7.35 5.02
N ASP A 27 -0.76 6.72 4.02
CA ASP A 27 -2.18 6.40 4.08
C ASP A 27 -2.47 5.39 5.13
N ILE A 28 -1.73 4.29 5.09
CA ILE A 28 -1.93 3.24 6.05
C ILE A 28 -1.52 3.68 7.46
N ASN A 29 -0.47 4.48 7.54
CA ASN A 29 -0.01 5.01 8.83
C ASN A 29 -1.10 5.90 9.47
N ARG A 30 -1.97 6.46 8.64
CA ARG A 30 -3.09 7.26 9.10
C ARG A 30 -4.39 6.45 9.20
N LEU A 31 -4.38 5.22 8.78
CA LEU A 31 -5.55 4.39 8.89
C LEU A 31 -5.67 3.76 10.27
N PRO A 32 -6.88 3.76 10.84
CA PRO A 32 -7.12 3.27 12.21
C PRO A 32 -6.97 1.74 12.37
N GLY A 33 -7.02 1.28 13.62
CA GLY A 33 -6.84 -0.13 13.99
C GLY A 33 -7.74 -1.09 13.23
N GLU A 34 -9.00 -0.71 13.11
CA GLU A 34 -9.96 -1.54 12.40
C GLU A 34 -9.66 -1.63 10.90
N LYS A 35 -8.91 -0.69 10.40
CA LYS A 35 -8.55 -0.69 9.01
C LYS A 35 -7.23 -1.41 8.80
N LEU A 36 -6.26 -1.16 9.69
CA LEU A 36 -4.93 -1.74 9.57
C LEU A 36 -5.01 -3.29 9.63
N GLY A 37 -5.89 -3.80 10.47
CA GLY A 37 -6.07 -5.24 10.56
C GLY A 37 -6.71 -5.82 9.31
N ARG A 38 -7.63 -5.09 8.71
CA ARG A 38 -8.27 -5.54 7.49
C ARG A 38 -7.32 -5.51 6.31
N VAL A 39 -6.56 -4.43 6.20
CA VAL A 39 -5.67 -4.23 5.05
C VAL A 39 -4.63 -5.36 4.96
N VAL A 40 -4.22 -5.86 6.12
CA VAL A 40 -3.28 -6.97 6.22
C VAL A 40 -3.81 -8.20 5.50
N HIS A 41 -5.10 -8.39 5.55
CA HIS A 41 -5.72 -9.56 4.97
C HIS A 41 -5.79 -9.42 3.45
N ILE A 42 -6.18 -8.23 3.01
CA ILE A 42 -6.36 -7.95 1.61
C ILE A 42 -5.00 -7.92 0.88
N ILE A 43 -4.07 -7.11 1.37
CA ILE A 43 -2.81 -6.92 0.65
C ILE A 43 -1.91 -8.17 0.70
N GLN A 44 -1.84 -8.83 1.86
CA GLN A 44 -0.97 -10.03 2.04
C GLN A 44 -1.31 -11.15 1.05
N SER A 45 -2.56 -11.19 0.64
CA SER A 45 -2.98 -12.18 -0.33
C SER A 45 -2.29 -11.98 -1.70
N ARG A 46 -1.75 -10.78 -1.93
CA ARG A 46 -1.10 -10.43 -3.19
C ARG A 46 0.35 -10.03 -2.94
N GLU A 47 0.83 -10.28 -1.75
CA GLU A 47 2.18 -9.91 -1.36
C GLU A 47 2.85 -11.16 -0.76
N PRO A 48 3.78 -11.78 -1.46
CA PRO A 48 4.42 -12.99 -0.99
C PRO A 48 5.56 -12.79 0.05
N SER A 49 6.05 -11.58 0.24
CA SER A 49 7.23 -11.39 1.10
C SER A 49 6.89 -11.51 2.60
N LEU A 50 5.79 -10.91 3.03
CA LEU A 50 5.43 -10.98 4.46
C LEU A 50 4.79 -12.31 4.81
N ARG A 51 4.37 -13.03 3.78
CA ARG A 51 3.73 -14.33 3.96
C ARG A 51 4.69 -15.35 4.56
N ASP A 52 5.98 -15.19 4.28
CA ASP A 52 7.01 -16.10 4.81
C ASP A 52 7.47 -15.69 6.20
N SER A 53 6.76 -14.78 6.79
CA SER A 53 7.04 -14.29 8.10
C SER A 53 5.79 -14.46 8.96
N ASN A 54 5.75 -13.80 10.11
CA ASN A 54 4.55 -13.79 10.95
C ASN A 54 3.43 -13.07 10.20
N PRO A 55 2.38 -13.80 9.79
CA PRO A 55 1.32 -13.28 8.89
C PRO A 55 0.44 -12.19 9.50
N ASP A 56 0.60 -11.97 10.79
CA ASP A 56 -0.18 -10.96 11.49
C ASP A 56 0.54 -9.64 11.55
N GLU A 57 1.70 -9.59 10.96
CA GLU A 57 2.44 -8.37 10.92
C GLU A 57 1.99 -7.54 9.76
N ILE A 58 1.65 -6.32 10.05
CA ILE A 58 1.27 -5.40 9.03
C ILE A 58 2.50 -4.68 8.60
N GLU A 59 3.00 -5.05 7.48
CA GLU A 59 4.20 -4.49 7.05
C GLU A 59 4.21 -4.27 5.59
N ILE A 60 4.78 -3.17 5.27
CA ILE A 60 4.68 -2.61 3.95
C ILE A 60 6.02 -2.40 3.22
N ASP A 61 6.46 -3.46 2.65
CA ASP A 61 7.72 -3.58 1.87
C ASP A 61 7.85 -2.71 0.61
N PHE A 62 6.80 -1.91 0.37
CA PHE A 62 6.46 -1.19 -0.87
C PHE A 62 7.58 -0.42 -1.54
N GLU A 63 8.67 -0.20 -0.85
CA GLU A 63 9.88 0.32 -1.46
C GLU A 63 10.24 -0.59 -2.67
N THR A 64 10.26 -1.88 -2.41
CA THR A 64 10.70 -2.88 -3.36
C THR A 64 9.51 -3.62 -4.01
N LEU A 65 8.34 -3.45 -3.45
CA LEU A 65 7.16 -4.21 -3.87
C LEU A 65 6.62 -3.80 -5.27
N LYS A 66 5.97 -4.78 -5.88
CA LYS A 66 5.36 -4.74 -7.20
C LYS A 66 4.19 -3.73 -7.32
N PRO A 67 4.07 -3.03 -8.48
CA PRO A 67 3.00 -2.04 -8.75
C PRO A 67 1.59 -2.62 -8.64
N THR A 68 1.44 -3.87 -9.03
CA THR A 68 0.16 -4.53 -8.97
C THR A 68 -0.34 -4.68 -7.51
N THR A 69 0.59 -4.91 -6.59
CA THR A 69 0.23 -5.01 -5.19
C THR A 69 0.05 -3.59 -4.61
N LEU A 70 0.82 -2.65 -5.16
CA LEU A 70 0.72 -1.22 -4.84
C LEU A 70 -0.70 -0.73 -5.10
N ARG A 71 -1.24 -1.17 -6.24
CA ARG A 71 -2.58 -0.83 -6.69
C ARG A 71 -3.65 -1.27 -5.68
N GLU A 72 -3.43 -2.41 -5.05
CA GLU A 72 -4.39 -2.94 -4.10
C GLU A 72 -4.57 -1.98 -2.92
N LEU A 73 -3.46 -1.46 -2.40
CA LEU A 73 -3.52 -0.51 -1.30
C LEU A 73 -4.11 0.83 -1.75
N GLU A 74 -3.85 1.21 -3.00
CA GLU A 74 -4.42 2.45 -3.56
C GLU A 74 -5.93 2.35 -3.56
N ARG A 75 -6.40 1.22 -4.04
CA ARG A 75 -7.80 0.94 -4.11
C ARG A 75 -8.40 0.89 -2.71
N TYR A 76 -7.66 0.27 -1.80
CA TYR A 76 -8.06 0.13 -0.43
C TYR A 76 -8.33 1.48 0.20
N VAL A 77 -7.38 2.37 0.06
CA VAL A 77 -7.47 3.68 0.67
C VAL A 77 -8.58 4.49 0.02
N LYS A 78 -8.77 4.29 -1.27
CA LYS A 78 -9.84 4.95 -1.99
C LYS A 78 -11.20 4.49 -1.43
N SER A 79 -11.28 3.22 -1.07
CA SER A 79 -12.49 2.68 -0.45
C SER A 79 -12.67 3.25 0.95
N CYS A 80 -11.57 3.55 1.62
CA CYS A 80 -11.59 4.12 2.96
C CYS A 80 -12.10 5.56 2.96
N LEU A 81 -12.19 6.15 1.79
CA LEU A 81 -12.65 7.51 1.62
C LEU A 81 -14.19 7.58 1.56
N GLN A 82 -14.86 6.44 1.72
CA GLN A 82 -16.32 6.44 1.69
C GLN A 82 -16.91 7.03 2.98
N LYS A 83 -17.30 8.27 2.90
CA LYS A 83 -17.93 9.00 3.97
C LYS A 83 -18.16 10.41 3.48
N LYS A 84 -19.26 11.01 3.91
CA LYS A 84 -19.67 12.35 3.50
C LYS A 84 -20.10 12.35 2.04
N GLN A 85 -19.16 12.64 1.15
CA GLN A 85 -19.41 12.67 -0.27
C GLN A 85 -18.16 12.27 -1.03
N ARG A 86 -18.33 11.40 -1.97
CA ARG A 86 -17.31 11.06 -2.92
C ARG A 86 -18.01 10.70 -4.23
N LYS A 87 -17.81 11.53 -5.21
CA LYS A 87 -18.49 11.35 -6.47
C LYS A 87 -17.56 11.60 -7.64
N ARG B 1 15.75 1.72 1.80
CA ARG B 1 16.54 1.59 3.03
C ARG B 1 16.69 2.94 3.74
N SER B 2 17.12 3.97 3.02
CA SER B 2 17.17 5.29 3.61
C SER B 2 15.76 5.83 3.64
N VAL B 3 15.06 5.57 2.57
CA VAL B 3 13.66 5.80 2.47
C VAL B 3 12.99 4.44 2.61
N LYS B 4 11.99 4.35 3.46
CA LYS B 4 11.28 3.09 3.69
C LYS B 4 9.81 3.33 3.71
N VAL B 5 9.07 2.42 3.13
CA VAL B 5 7.63 2.51 3.13
C VAL B 5 7.09 1.49 4.14
N LYS B 6 8.05 0.68 4.69
CA LYS B 6 7.79 -0.43 5.65
C LYS B 6 6.89 0.09 6.77
N ILE B 7 5.61 -0.31 6.74
CA ILE B 7 4.64 0.26 7.63
C ILE B 7 4.83 -0.08 9.14
N LYS B 8 4.50 -1.32 9.51
CA LYS B 8 4.41 -1.77 10.90
C LYS B 8 3.56 -0.79 11.73
N LEU B 9 2.22 -0.91 11.58
CA LEU B 9 1.28 -0.06 12.33
C LEU B 9 1.50 -0.26 13.82
N GLY B 10 1.72 -1.49 14.18
CA GLY B 10 1.95 -1.86 15.53
C GLY B 10 1.94 -3.34 15.64
N ARG B 11 1.77 -3.84 16.81
CA ARG B 11 1.68 -5.26 17.05
C ARG B 11 0.30 -5.54 17.62
N LYS B 12 -0.14 -6.77 17.53
CA LYS B 12 -1.48 -7.14 18.00
C LYS B 12 -1.59 -7.08 19.52
N ALA A 1 19.91 -9.96 -20.88
CA ALA A 1 19.28 -10.05 -22.19
C ALA A 1 18.07 -9.12 -22.24
N SER A 2 17.84 -8.46 -21.13
CA SER A 2 16.72 -7.59 -20.95
C SER A 2 16.82 -6.34 -21.86
N ALA A 3 18.03 -5.82 -22.02
CA ALA A 3 18.27 -4.63 -22.83
C ALA A 3 18.21 -4.94 -24.33
N SER A 4 18.48 -6.17 -24.67
CA SER A 4 18.59 -6.60 -26.05
C SER A 4 17.25 -6.51 -26.80
N TYR A 5 16.16 -6.71 -26.10
CA TYR A 5 14.84 -6.65 -26.69
C TYR A 5 13.93 -5.84 -25.82
N ASP A 6 13.17 -4.96 -26.43
CA ASP A 6 12.27 -4.08 -25.69
C ASP A 6 11.06 -4.85 -25.26
N SER A 7 11.01 -5.17 -24.00
CA SER A 7 9.90 -5.90 -23.46
C SER A 7 9.36 -5.20 -22.24
N GLU A 8 10.30 -4.65 -21.45
CA GLU A 8 10.01 -3.97 -20.19
C GLU A 8 9.49 -4.96 -19.17
N GLU A 9 9.34 -4.53 -17.96
CA GLU A 9 8.73 -5.37 -16.98
C GLU A 9 7.28 -4.99 -16.92
N GLU A 10 6.45 -5.90 -17.42
CA GLU A 10 5.01 -5.72 -17.60
C GLU A 10 4.75 -4.75 -18.77
N GLU A 11 4.63 -3.47 -18.46
CA GLU A 11 4.36 -2.40 -19.41
C GLU A 11 4.69 -1.11 -18.72
N GLU A 12 4.70 -0.03 -19.46
CA GLU A 12 4.89 1.24 -18.87
C GLU A 12 3.56 1.85 -18.50
N GLY A 13 3.61 2.70 -17.53
CA GLY A 13 2.46 3.34 -17.01
C GLY A 13 2.72 3.63 -15.58
N LEU A 14 2.87 2.60 -14.82
CA LEU A 14 3.30 2.71 -13.45
C LEU A 14 4.75 2.31 -13.34
N PRO A 15 5.65 3.28 -13.22
CA PRO A 15 7.03 3.00 -12.95
C PRO A 15 7.22 2.92 -11.45
N MET A 16 8.31 2.41 -11.01
CA MET A 16 8.54 2.38 -9.63
C MET A 16 9.04 3.74 -9.19
N SER A 17 8.21 4.49 -8.55
CA SER A 17 8.60 5.76 -8.06
C SER A 17 8.57 5.69 -6.58
N TYR A 18 9.50 6.32 -5.95
CA TYR A 18 9.61 6.26 -4.52
C TYR A 18 8.50 7.03 -3.85
N ASP A 19 8.02 8.05 -4.52
CA ASP A 19 6.87 8.82 -4.06
C ASP A 19 5.61 7.97 -4.21
N GLU A 20 5.53 7.24 -5.33
CA GLU A 20 4.42 6.33 -5.61
C GLU A 20 4.33 5.23 -4.57
N LYS A 21 5.48 4.63 -4.26
CA LYS A 21 5.55 3.57 -3.27
C LYS A 21 5.16 4.09 -1.91
N ARG A 22 5.75 5.20 -1.55
CA ARG A 22 5.65 5.70 -0.22
C ARG A 22 4.32 6.34 0.14
N GLN A 23 3.60 6.84 -0.85
CA GLN A 23 2.31 7.48 -0.60
C GLN A 23 1.37 6.54 0.18
N LEU A 24 1.42 5.28 -0.15
CA LEU A 24 0.58 4.30 0.49
C LEU A 24 0.91 4.13 1.98
N SER A 25 2.20 4.26 2.36
CA SER A 25 2.55 4.13 3.76
C SER A 25 1.97 5.29 4.55
N LEU A 26 1.93 6.44 3.90
CA LEU A 26 1.42 7.66 4.49
C LEU A 26 -0.06 7.54 4.74
N ASP A 27 -0.75 6.83 3.83
CA ASP A 27 -2.17 6.58 3.98
C ASP A 27 -2.44 5.60 5.10
N ILE A 28 -1.82 4.41 5.05
CA ILE A 28 -2.03 3.36 6.05
C ILE A 28 -1.68 3.83 7.47
N ASN A 29 -0.64 4.63 7.62
CA ASN A 29 -0.23 5.18 8.92
C ASN A 29 -1.38 5.96 9.58
N ARG A 30 -2.29 6.44 8.77
CA ARG A 30 -3.40 7.25 9.19
C ARG A 30 -4.63 6.39 9.56
N LEU A 31 -4.67 5.12 9.13
CA LEU A 31 -5.80 4.24 9.43
C LEU A 31 -5.72 3.54 10.81
N PRO A 32 -6.90 3.26 11.43
CA PRO A 32 -7.03 2.66 12.78
C PRO A 32 -6.64 1.16 12.88
N GLY A 33 -6.61 0.69 14.13
CA GLY A 33 -6.18 -0.66 14.51
C GLY A 33 -6.77 -1.82 13.72
N GLU A 34 -8.06 -1.95 13.69
CA GLU A 34 -8.65 -3.08 12.99
C GLU A 34 -8.53 -2.98 11.48
N LYS A 35 -8.38 -1.78 10.98
CA LYS A 35 -8.22 -1.58 9.57
C LYS A 35 -6.82 -1.89 9.11
N LEU A 36 -5.83 -1.61 9.96
CA LEU A 36 -4.44 -1.90 9.62
C LEU A 36 -4.24 -3.42 9.46
N GLY A 37 -4.90 -4.19 10.31
CA GLY A 37 -4.83 -5.64 10.20
C GLY A 37 -5.63 -6.16 9.01
N ARG A 38 -6.65 -5.40 8.67
CA ARG A 38 -7.54 -5.74 7.57
C ARG A 38 -6.81 -5.57 6.24
N VAL A 39 -6.19 -4.42 6.07
CA VAL A 39 -5.49 -4.09 4.83
C VAL A 39 -4.32 -5.03 4.58
N VAL A 40 -3.58 -5.36 5.64
CA VAL A 40 -2.41 -6.21 5.50
C VAL A 40 -2.83 -7.58 4.99
N HIS A 41 -4.05 -7.95 5.31
CA HIS A 41 -4.63 -9.22 4.91
C HIS A 41 -4.97 -9.22 3.42
N ILE A 42 -5.53 -8.14 2.93
CA ILE A 42 -5.85 -8.02 1.51
C ILE A 42 -4.56 -7.86 0.68
N ILE A 43 -3.73 -6.91 1.08
CA ILE A 43 -2.53 -6.57 0.31
C ILE A 43 -1.53 -7.74 0.24
N GLN A 44 -1.49 -8.59 1.29
CA GLN A 44 -0.54 -9.72 1.34
C GLN A 44 -0.82 -10.76 0.27
N SER A 45 -1.94 -10.62 -0.40
CA SER A 45 -2.27 -11.51 -1.47
C SER A 45 -1.46 -11.15 -2.73
N ARG A 46 -0.96 -9.93 -2.79
CA ARG A 46 -0.13 -9.52 -3.92
C ARG A 46 1.28 -9.20 -3.43
N GLU A 47 1.49 -9.29 -2.13
CA GLU A 47 2.79 -9.08 -1.52
C GLU A 47 3.18 -10.41 -0.89
N PRO A 48 4.07 -11.15 -1.52
CA PRO A 48 4.44 -12.46 -1.04
C PRO A 48 5.49 -12.47 0.09
N SER A 49 6.18 -11.38 0.32
CA SER A 49 7.29 -11.40 1.28
C SER A 49 6.83 -11.63 2.73
N LEU A 50 5.75 -10.98 3.16
CA LEU A 50 5.28 -11.18 4.54
C LEU A 50 4.43 -12.44 4.67
N ARG A 51 4.25 -13.15 3.57
CA ARG A 51 3.44 -14.35 3.55
C ARG A 51 4.12 -15.54 4.19
N ASP A 52 5.41 -15.44 4.38
CA ASP A 52 6.14 -16.48 5.09
C ASP A 52 6.33 -16.08 6.54
N SER A 53 5.59 -15.07 6.94
CA SER A 53 5.65 -14.53 8.27
C SER A 53 4.22 -14.46 8.85
N ASN A 54 4.12 -14.02 10.10
CA ASN A 54 2.84 -13.85 10.78
C ASN A 54 2.00 -12.76 10.08
N PRO A 55 0.76 -13.10 9.67
CA PRO A 55 -0.11 -12.20 8.90
C PRO A 55 -0.74 -11.08 9.73
N ASP A 56 -0.50 -11.08 11.02
CA ASP A 56 -1.08 -10.06 11.89
C ASP A 56 -0.11 -8.93 12.11
N GLU A 57 1.12 -9.13 11.68
CA GLU A 57 2.12 -8.10 11.72
C GLU A 57 1.99 -7.25 10.48
N ILE A 58 2.36 -6.02 10.57
CA ILE A 58 2.09 -5.11 9.50
C ILE A 58 3.28 -4.29 9.06
N GLU A 59 3.88 -4.66 7.96
CA GLU A 59 4.79 -3.82 7.31
C GLU A 59 4.69 -3.77 5.81
N ILE A 60 4.58 -2.55 5.36
CA ILE A 60 4.38 -2.24 3.98
C ILE A 60 5.72 -2.34 3.19
N ASP A 61 5.82 -3.38 2.47
CA ASP A 61 6.99 -3.78 1.68
C ASP A 61 7.37 -2.87 0.50
N PHE A 62 6.58 -1.83 0.27
CA PHE A 62 6.62 -0.98 -0.93
C PHE A 62 7.99 -0.45 -1.37
N GLU A 63 8.97 -0.52 -0.52
CA GLU A 63 10.33 -0.20 -0.94
C GLU A 63 10.77 -1.16 -2.07
N THR A 64 10.63 -2.45 -1.83
CA THR A 64 11.02 -3.48 -2.77
C THR A 64 9.87 -3.89 -3.70
N LEU A 65 8.66 -3.81 -3.18
CA LEU A 65 7.42 -4.22 -3.85
C LEU A 65 7.16 -3.45 -5.17
N LYS A 66 6.49 -4.12 -6.09
CA LYS A 66 6.18 -3.59 -7.41
C LYS A 66 4.82 -2.86 -7.43
N PRO A 67 4.60 -1.95 -8.43
CA PRO A 67 3.36 -1.15 -8.55
C PRO A 67 2.07 -1.98 -8.78
N THR A 68 2.21 -3.26 -9.07
CA THR A 68 1.06 -4.13 -9.28
C THR A 68 0.23 -4.26 -7.97
N THR A 69 0.93 -4.37 -6.86
CA THR A 69 0.34 -4.47 -5.55
C THR A 69 -0.10 -3.08 -5.08
N LEU A 70 0.54 -2.06 -5.62
CA LEU A 70 0.32 -0.66 -5.26
C LEU A 70 -1.14 -0.28 -5.49
N ARG A 71 -1.72 -0.76 -6.58
CA ARG A 71 -3.12 -0.48 -6.90
C ARG A 71 -4.06 -1.07 -5.86
N GLU A 72 -3.65 -2.14 -5.22
CA GLU A 72 -4.48 -2.84 -4.26
C GLU A 72 -4.73 -1.94 -3.06
N LEU A 73 -3.66 -1.43 -2.50
CA LEU A 73 -3.75 -0.57 -1.33
C LEU A 73 -4.36 0.78 -1.74
N GLU A 74 -4.06 1.23 -2.94
CA GLU A 74 -4.59 2.50 -3.46
C GLU A 74 -6.14 2.45 -3.51
N ARG A 75 -6.68 1.37 -4.04
CA ARG A 75 -8.14 1.15 -4.10
C ARG A 75 -8.74 1.05 -2.70
N TYR A 76 -7.97 0.45 -1.81
CA TYR A 76 -8.37 0.31 -0.43
C TYR A 76 -8.54 1.68 0.21
N VAL A 77 -7.61 2.56 -0.07
CA VAL A 77 -7.63 3.87 0.54
C VAL A 77 -8.81 4.68 0.01
N LYS A 78 -9.12 4.47 -1.26
CA LYS A 78 -10.28 5.13 -1.88
C LYS A 78 -11.57 4.66 -1.22
N SER A 79 -11.58 3.40 -0.83
CA SER A 79 -12.71 2.82 -0.13
C SER A 79 -12.83 3.42 1.30
N CYS A 80 -11.68 3.78 1.86
CA CYS A 80 -11.61 4.41 3.17
C CYS A 80 -12.08 5.86 3.11
N LEU A 81 -12.07 6.44 1.92
CA LEU A 81 -12.53 7.81 1.74
C LEU A 81 -14.05 7.82 1.60
N GLN A 82 -14.59 6.64 1.38
CA GLN A 82 -16.01 6.47 1.26
C GLN A 82 -16.60 6.18 2.63
N LYS A 83 -17.92 6.16 2.71
CA LYS A 83 -18.66 5.91 3.94
C LYS A 83 -18.27 6.96 4.97
N LYS A 84 -18.82 8.14 4.73
CA LYS A 84 -18.49 9.35 5.45
C LYS A 84 -19.02 9.34 6.89
N GLN A 85 -20.24 8.87 7.06
CA GLN A 85 -20.84 8.81 8.39
C GLN A 85 -20.23 7.64 9.13
N ARG A 86 -19.38 7.94 10.07
CA ARG A 86 -18.58 6.94 10.70
C ARG A 86 -18.44 7.21 12.19
N LYS A 87 -18.39 6.13 12.96
CA LYS A 87 -18.13 6.17 14.39
C LYS A 87 -17.78 4.78 14.83
N ARG B 1 17.52 4.83 -0.96
CA ARG B 1 18.25 5.20 0.26
C ARG B 1 17.32 5.91 1.22
N SER B 2 17.00 7.16 0.88
CA SER B 2 16.22 8.07 1.71
C SER B 2 14.71 7.77 1.65
N VAL B 3 14.37 6.52 1.48
CA VAL B 3 13.00 6.13 1.32
C VAL B 3 12.74 4.73 1.86
N LYS B 4 11.99 4.67 2.93
CA LYS B 4 11.51 3.43 3.49
C LYS B 4 10.04 3.52 3.66
N VAL B 5 9.37 2.48 3.23
CA VAL B 5 7.95 2.47 3.17
C VAL B 5 7.37 1.40 4.10
N LYS B 6 8.25 0.53 4.66
CA LYS B 6 7.81 -0.52 5.63
C LYS B 6 7.07 0.13 6.80
N ILE B 7 5.73 0.08 6.70
CA ILE B 7 4.83 0.77 7.61
C ILE B 7 5.08 0.56 9.13
N LYS B 8 4.94 -0.70 9.61
CA LYS B 8 4.86 -1.03 11.03
C LYS B 8 3.95 -0.06 11.77
N LEU B 9 2.63 -0.29 11.63
CA LEU B 9 1.60 0.57 12.24
C LEU B 9 1.88 0.68 13.74
N GLY B 10 2.12 -0.45 14.33
CA GLY B 10 2.50 -0.51 15.70
C GLY B 10 3.90 -1.04 15.79
N ARG B 11 4.84 -0.16 16.03
CA ARG B 11 6.26 -0.51 16.12
C ARG B 11 6.51 -1.44 17.27
N LYS B 12 5.87 -1.14 18.40
CA LYS B 12 5.92 -1.99 19.62
C LYS B 12 7.36 -2.17 20.13
#